data_6PWW
#
_entry.id   6PWW
#
_cell.length_a   1.00
_cell.length_b   1.00
_cell.length_c   1.00
_cell.angle_alpha   90.00
_cell.angle_beta   90.00
_cell.angle_gamma   90.00
#
_symmetry.space_group_name_H-M   'P 1'
#
loop_
_entity.id
_entity.type
_entity.pdbx_description
1 polymer 'Retinoblastoma-binding protein 5'
2 polymer 'WD repeat-containing protein 5'
3 polymer 'Histone-lysine N-methyltransferase 2A'
4 polymer 'Histone H3.2'
5 polymer 'Histone H4'
6 polymer 'Histone H2A type 1'
7 polymer 'Histone H2B 1.1'
8 polymer 'DNA (146-MER)'
9 polymer 'DNA (146-MER)'
10 non-polymer S-ADENOSYL-L-HOMOCYSTEINE
11 non-polymer 'ZINC ION'
#
loop_
_entity_poly.entity_id
_entity_poly.type
_entity_poly.pdbx_seq_one_letter_code
_entity_poly.pdbx_strand_id
1 'polypeptide(L)'
;SNLELLESFGQNYPEEADGTLDCISMALTCTFNRWGTLLAVGCNDGRIVIWDFLTRGIAKIISAHIHPVCSLCWSRDGHK
LVSASTDNIVSQWDVLSGDCDQRFRFPSPILKVQYHPRDQNKVLVCPMKSAPVMLTLSDSKHVVLPVDDDSDLNVVASFD
RRGEYIYTGNAKGKILVLKTDSQDLVASFRVTTGTSNTTAIKSIEFARKGSCFLINTADRIIRVYDGREILTCGRDGEPE
PMQKLQDLVNRTPWKKCCFSGDGEYIVAGSARQHALYIWEKSIGNLVKILHGTRGELLLDVAWHPVRPIIASISSGVVSI
WAQNQVENWSAFAPDFKELDENVEYEERESEFDIEDEDKSEPEQTGADAAEDEEVDVTSVDPIAAFCSSDEELEDSKALL
YLPIAPEVEDPEENPYGPPPDAVQTSLMDEGASSEKKRQSSADGSQPPKKKPKTTNIELQGVPNDEVHPLLGVKGDGKSK
KKQAGRPKGSKGKEKDSPFKPKLYKGDRGLPLEGSAKGKVQAELSQPLTAGGAISELL
;
A
2 'polypeptide(L)'
;SATQSKPTPVKPNYALKFTLAGHTKAVSSVKFSPNGEWLASSSADKLIKIWGAYDGKFEKTISGHKLGISDVAWSSDSNL
LVSASDDKTLKIWDVSSGKCLKTLKGHSNYVFCCNFNPQSNLIVSGSFDESVRIWDVKTGKCLKTLPAHSDPVSAVHFNR
DGSLIVSSSYDGLCRIWDTASGQCLKTLIDDDNPPVSFVKFSPNGKYILAATLDNTLKLWDYSKGKCLKTYTGHKNEKYC
IFANFSVTGGKWIVSGSEDNLVYIWNLQTKEIVQKLQGHTDVVISTACHPTENIIASAALENDKTIKLWKSDC
;
B
3 'polypeptide(L)'
;SGSARAEVHLRKSAFDMFNFLASKHRQPPEYNPNDEEEEEVQLKSARRATSMDLPMPMRFRHLKKTSKEAVGVYRSPIHG
RGLFCKRNIDAGEMVIEYAGIVIRSILTDKREKYYDSKGIGCYMFRIDDSEVVDATMHGNAARFINHSCEPNCYSRVINI
DGQKHIVIFAMRKIYRGEELTYDYKFPIEDASNKLPCNCGAKKCRKFLN
;
C
4 'polypeptide(L)'
;MARTKQTARKSTGGKAPRKQLATKAARKSAPATGGVKKPHRYRPGTVALREIRRYQKSTELLIRKLPFQRLVREIAQDFK
TDLRFQSSAVMALQEASEAYLVALFEDTNLCAIHAKRVTIMPKDIQLARRIRGERA
;
G,K
5 'polypeptide(L)'
;MSGRGKGGKGLGKGGAKRHRKVLRDNIQGITKPAIRRLARRGGVKRISGLIYEETRGVLKVFLENVIRDAVTYTEHAKRK
TVTAMDVVYALKRQGRTLYGFGG
;
H,L
6 'polypeptide(L)'
;SGRGKQGGKTRAKAKTRSSRAGLQFPVGRVHRLLRKGNYAERVGAGAPVYLAAVLEYLTAEILELAGNAARDNKKTRIIP
RHLQLAVRNDEELNKLLGRVTIAQGGVLPNIQSVLLPKKTESSKSAKSK
;
I,M
7 'polypeptide(L)'
;MAKSAPAPKKGSKKAVTKTQKKDGKKRRKTRKESYAIYVYKVLKQVHPDTGISSKAMSIMNSFVNDVFERIAGEASRLAH
YNKRSTITSREIQTAVRLLLPGELAKHAVSEGTKAVTKYTSAK
;
J,N
8 'polydeoxyribonucleotide'
;(DA)(DT)(DC)(DG)(DA)(DG)(DA)(DA)(DT)(DC)(DC)(DC)(DG)(DG)(DT)(DG)(DC)(DC)(DG)(DA)
(DG)(DG)(DC)(DC)(DG)(DC)(DT)(DC)(DA)(DA)(DT)(DT)(DG)(DG)(DT)(DC)(DG)(DT)(DA)(DG)
(DA)(DC)(DA)(DG)(DC)(DT)(DC)(DT)(DA)(DG)(DC)(DA)(DC)(DC)(DG)(DC)(DT)(DT)(DA)(DA)
(DA)(DC)(DG)(DC)(DA)(DC)(DG)(DT)(DA)(DC)(DG)(DC)(DG)(DC)(DT)(DG)(DT)(DC)(DC)(DC)
(DC)(DC)(DG)(DC)(DG)(DT)(DT)(DT)(DT)(DA)(DA)(DC)(DC)(DG)(DC)(DC)(DA)(DA)(DG)(DG)
(DG)(DG)(DA)(DT)(DT)(DA)(DC)(DT)(DC)(DC)(DC)(DT)(DA)(DG)(DT)(DC)(DT)(DC)(DC)(DA)
(DG)(DG)(DC)(DA)(DC)(DG)(DT)(DG)(DT)(DC)(DA)(DG)(DA)(DT)(DA)(DT)(DA)(DT)(DA)(DC)
(DA)(DT)(DC)(DC)(DG)(DA)(DT)
;
O
9 'polydeoxyribonucleotide'
;(DA)(DT)(DC)(DG)(DG)(DA)(DT)(DG)(DT)(DA)(DT)(DA)(DT)(DA)(DT)(DC)(DT)(DG)(DA)(DC)
(DA)(DC)(DG)(DT)(DG)(DC)(DC)(DT)(DG)(DG)(DA)(DG)(DA)(DC)(DT)(DA)(DG)(DG)(DG)(DA)
(DG)(DT)(DA)(DA)(DT)(DC)(DC)(DC)(DC)(DT)(DT)(DG)(DG)(DC)(DG)(DG)(DT)(DT)(DA)(DA)
(DA)(DA)(DC)(DG)(DC)(DG)(DG)(DG)(DG)(DG)(DA)(DC)(DA)(DG)(DC)(DG)(DC)(DG)(DT)(DA)
(DC)(DG)(DT)(DG)(DC)(DG)(DT)(DT)(DT)(DA)(DA)(DG)(DC)(DG)(DG)(DT)(DG)(DC)(DT)(DA)
(DG)(DA)(DG)(DC)(DT)(DG)(DT)(DC)(DT)(DA)(DC)(DG)(DA)(DC)(DC)(DA)(DA)(DT)(DT)(DG)
(DA)(DG)(DC)(DG)(DG)(DC)(DC)(DT)(DC)(DG)(DG)(DC)(DA)(DC)(DC)(DG)(DG)(DG)(DA)(DT)
(DT)(DC)(DT)(DC)(DG)(DA)(DT)
;
P
#
# COMPACT_ATOMS: atom_id res chain seq x y z
N ASP A 18 -6.99 1.06 27.39
CA ASP A 18 -6.09 2.20 27.32
C ASP A 18 -6.64 3.35 28.17
N GLY A 19 -7.65 3.07 28.97
CA GLY A 19 -8.27 4.04 29.83
C GLY A 19 -9.69 4.34 29.41
N THR A 20 -10.54 4.60 30.40
CA THR A 20 -11.94 4.95 30.14
C THR A 20 -12.47 5.72 31.35
N LEU A 21 -13.63 6.34 31.16
CA LEU A 21 -14.27 7.16 32.18
C LEU A 21 -15.67 6.63 32.44
N ASP A 22 -15.84 5.93 33.57
CA ASP A 22 -17.15 5.44 33.94
C ASP A 22 -17.97 6.50 34.67
N CYS A 23 -17.30 7.45 35.32
CA CYS A 23 -17.98 8.46 36.13
C CYS A 23 -18.81 9.40 35.27
N ILE A 24 -18.65 9.32 33.96
CA ILE A 24 -19.37 10.17 33.02
C ILE A 24 -20.46 9.33 32.37
N SER A 25 -21.69 9.84 32.41
CA SER A 25 -22.85 9.19 31.80
C SER A 25 -23.44 10.09 30.73
N MET A 26 -23.98 9.47 29.68
CA MET A 26 -24.62 10.20 28.59
C MET A 26 -23.65 11.16 27.89
N ALA A 27 -22.39 10.76 27.80
CA ALA A 27 -21.38 11.57 27.12
C ALA A 27 -21.68 11.65 25.63
N LEU A 28 -21.79 12.88 25.11
CA LEU A 28 -22.03 13.09 23.69
C LEU A 28 -20.90 13.83 23.00
N THR A 29 -20.52 15.00 23.53
CA THR A 29 -19.49 15.82 22.92
C THR A 29 -18.38 16.08 23.93
N CYS A 30 -17.19 16.38 23.41
CA CYS A 30 -16.02 16.61 24.24
C CYS A 30 -15.15 17.70 23.63
N THR A 31 -14.37 18.36 24.48
CA THR A 31 -13.49 19.43 24.03
C THR A 31 -12.45 19.71 25.10
N PHE A 32 -11.18 19.77 24.69
CA PHE A 32 -10.11 20.13 25.61
C PHE A 32 -10.09 21.63 25.84
N ASN A 33 -9.60 22.05 27.00
CA ASN A 33 -9.40 23.46 27.26
C ASN A 33 -8.19 23.96 26.46
N ARG A 34 -7.84 25.22 26.69
CA ARG A 34 -6.74 25.84 25.94
C ARG A 34 -5.41 25.15 26.18
N TRP A 35 -5.29 24.34 27.25
CA TRP A 35 -4.03 23.70 27.58
C TRP A 35 -4.11 22.19 27.64
N GLY A 36 -5.30 21.60 27.52
CA GLY A 36 -5.42 20.16 27.68
C GLY A 36 -5.42 19.76 29.13
N THR A 37 -6.27 20.42 29.93
CA THR A 37 -6.37 20.14 31.35
C THR A 37 -7.76 19.69 31.79
N LEU A 38 -8.82 20.14 31.12
CA LEU A 38 -10.17 19.75 31.45
C LEU A 38 -10.89 19.32 30.18
N LEU A 39 -11.91 18.48 30.34
CA LEU A 39 -12.72 17.98 29.23
C LEU A 39 -14.18 18.28 29.53
N ALA A 40 -14.79 19.12 28.71
CA ALA A 40 -16.21 19.42 28.84
C ALA A 40 -17.02 18.37 28.09
N VAL A 41 -17.97 17.76 28.79
CA VAL A 41 -18.77 16.66 28.25
C VAL A 41 -20.24 17.07 28.28
N GLY A 42 -20.91 16.92 27.14
CA GLY A 42 -22.34 17.13 27.07
C GLY A 42 -23.07 15.88 27.54
N CYS A 43 -23.96 16.06 28.53
CA CYS A 43 -24.73 14.97 29.08
C CYS A 43 -26.13 15.02 28.47
N ASN A 44 -26.56 13.86 27.93
CA ASN A 44 -27.78 13.80 27.13
C ASN A 44 -29.00 14.33 27.87
N ASP A 45 -29.00 14.28 29.20
CA ASP A 45 -30.07 14.95 29.93
C ASP A 45 -29.99 16.46 29.79
N GLY A 46 -28.94 16.99 29.18
CA GLY A 46 -28.80 18.41 28.97
C GLY A 46 -27.89 19.06 29.99
N ARG A 47 -26.78 18.41 30.33
CA ARG A 47 -25.89 18.91 31.36
C ARG A 47 -24.48 19.07 30.80
N ILE A 48 -23.62 19.68 31.61
CA ILE A 48 -22.21 19.89 31.27
C ILE A 48 -21.38 19.32 32.40
N VAL A 49 -20.50 18.38 32.08
CA VAL A 49 -19.61 17.77 33.07
C VAL A 49 -18.19 18.14 32.67
N ILE A 50 -17.57 19.04 33.44
CA ILE A 50 -16.15 19.35 33.26
C ILE A 50 -15.38 18.31 34.06
N TRP A 51 -14.76 17.37 33.37
CA TRP A 51 -13.97 16.32 33.99
C TRP A 51 -12.51 16.73 33.97
N ASP A 52 -11.85 16.64 35.12
CA ASP A 52 -10.47 17.05 35.26
C ASP A 52 -9.55 15.86 35.05
N PHE A 53 -8.32 16.16 34.60
CA PHE A 53 -7.42 15.12 34.12
C PHE A 53 -6.59 14.53 35.26
N LEU A 54 -5.82 15.37 35.94
CA LEU A 54 -4.86 14.88 36.93
C LEU A 54 -5.56 14.23 38.10
N THR A 55 -6.62 14.85 38.62
CA THR A 55 -7.41 14.20 39.67
C THR A 55 -8.20 13.03 39.13
N ARG A 56 -8.27 12.87 37.81
CA ARG A 56 -9.00 11.77 37.17
C ARG A 56 -10.46 11.76 37.61
N GLY A 57 -11.02 12.95 37.81
CA GLY A 57 -12.39 13.07 38.28
C GLY A 57 -13.03 14.31 37.71
N ILE A 58 -14.33 14.45 38.01
CA ILE A 58 -15.10 15.58 37.52
C ILE A 58 -14.67 16.85 38.23
N ALA A 59 -14.44 17.91 37.46
CA ALA A 59 -14.09 19.20 38.03
C ALA A 59 -15.30 20.09 38.27
N LYS A 60 -16.39 19.87 37.54
CA LYS A 60 -17.56 20.73 37.66
C LYS A 60 -18.76 20.04 37.03
N ILE A 61 -19.94 20.34 37.55
CA ILE A 61 -21.21 19.85 37.01
C ILE A 61 -22.18 21.02 36.93
N ILE A 62 -22.74 21.26 35.75
CA ILE A 62 -23.66 22.37 35.53
C ILE A 62 -24.84 21.85 34.72
N SER A 63 -26.02 21.79 35.36
CA SER A 63 -27.25 21.44 34.64
C SER A 63 -27.66 22.65 33.82
N ALA A 64 -27.13 22.73 32.61
CA ALA A 64 -27.33 23.90 31.76
C ALA A 64 -28.80 24.06 31.38
N HIS A 65 -29.34 23.09 30.66
CA HIS A 65 -30.73 23.14 30.20
C HIS A 65 -31.36 21.77 30.40
N ILE A 66 -32.55 21.59 29.83
CA ILE A 66 -33.21 20.30 29.86
C ILE A 66 -32.98 19.51 28.57
N HIS A 67 -32.59 20.17 27.48
CA HIS A 67 -32.32 19.55 26.20
C HIS A 67 -30.84 19.22 26.07
N PRO A 68 -30.51 18.13 25.37
CA PRO A 68 -29.11 17.69 25.31
C PRO A 68 -28.19 18.75 24.73
N VAL A 69 -26.92 18.66 25.12
CA VAL A 69 -25.88 19.57 24.64
C VAL A 69 -25.17 18.89 23.48
N CYS A 70 -25.13 19.55 22.34
CA CYS A 70 -24.55 19.00 21.12
C CYS A 70 -23.28 19.72 20.68
N SER A 71 -22.86 20.77 21.38
CA SER A 71 -21.66 21.50 20.99
C SER A 71 -21.11 22.26 22.18
N LEU A 72 -19.78 22.35 22.24
CA LEU A 72 -19.09 23.03 23.33
C LEU A 72 -17.84 23.68 22.76
N CYS A 73 -17.28 24.61 23.53
CA CYS A 73 -16.02 25.24 23.16
C CYS A 73 -15.46 25.99 24.35
N TRP A 74 -14.13 26.10 24.39
CA TRP A 74 -13.42 26.69 25.52
C TRP A 74 -12.96 28.09 25.20
N SER A 75 -12.83 28.91 26.24
CA SER A 75 -12.29 30.24 26.08
C SER A 75 -10.76 30.19 26.06
N ARG A 76 -10.16 31.31 25.66
CA ARG A 76 -8.70 31.39 25.61
C ARG A 76 -8.10 31.25 27.00
N ASP A 77 -8.61 32.01 27.96
CA ASP A 77 -8.19 31.84 29.35
C ASP A 77 -8.77 30.57 29.98
N GLY A 78 -9.65 29.87 29.29
CA GLY A 78 -10.23 28.66 29.84
C GLY A 78 -11.25 28.89 30.92
N HIS A 79 -11.99 30.01 30.87
CA HIS A 79 -12.98 30.33 31.87
C HIS A 79 -14.39 30.43 31.32
N LYS A 80 -14.57 30.74 30.04
CA LYS A 80 -15.88 30.85 29.42
C LYS A 80 -16.14 29.63 28.56
N LEU A 81 -17.37 29.12 28.61
CA LEU A 81 -17.76 27.94 27.86
C LEU A 81 -19.10 28.22 27.19
N VAL A 82 -19.10 28.28 25.88
CA VAL A 82 -20.32 28.40 25.11
C VAL A 82 -20.83 27.00 24.81
N SER A 83 -22.16 26.84 24.86
CA SER A 83 -22.77 25.54 24.65
C SER A 83 -24.04 25.69 23.82
N ALA A 84 -24.24 24.75 22.92
CA ALA A 84 -25.44 24.69 22.09
C ALA A 84 -26.26 23.48 22.52
N SER A 85 -27.56 23.70 22.72
CA SER A 85 -28.49 22.64 23.07
C SER A 85 -29.36 22.30 21.88
N THR A 86 -30.07 21.16 21.98
CA THR A 86 -30.92 20.72 20.89
C THR A 86 -32.19 21.53 20.75
N ASP A 87 -32.44 22.48 21.66
CA ASP A 87 -33.68 23.26 21.67
C ASP A 87 -33.45 24.69 21.16
N ASN A 88 -32.56 24.84 20.18
CA ASN A 88 -32.17 26.12 19.59
C ASN A 88 -31.52 27.05 20.60
N ILE A 89 -31.16 26.55 21.78
CA ILE A 89 -30.58 27.36 22.84
C ILE A 89 -29.08 27.42 22.67
N VAL A 90 -28.50 28.59 22.91
CA VAL A 90 -27.06 28.76 22.99
C VAL A 90 -26.76 29.61 24.23
N SER A 91 -25.97 29.06 25.15
CA SER A 91 -25.75 29.71 26.43
C SER A 91 -24.30 29.64 26.83
N GLN A 92 -23.83 30.70 27.49
CA GLN A 92 -22.47 30.76 27.99
C GLN A 92 -22.47 30.58 29.50
N TRP A 93 -21.45 29.88 29.99
CA TRP A 93 -21.31 29.58 31.41
C TRP A 93 -19.83 29.71 31.79
N ASP A 94 -19.58 30.23 32.99
CA ASP A 94 -18.22 30.31 33.47
C ASP A 94 -17.83 29.03 34.19
N VAL A 95 -16.54 28.68 34.11
CA VAL A 95 -16.07 27.44 34.70
C VAL A 95 -16.09 27.51 36.22
N LEU A 96 -16.08 28.73 36.78
CA LEU A 96 -16.14 28.89 38.23
C LEU A 96 -17.56 29.14 38.72
N SER A 97 -18.27 30.08 38.10
CA SER A 97 -19.61 30.40 38.56
C SER A 97 -20.62 29.34 38.13
N GLY A 98 -20.48 28.81 36.91
CA GLY A 98 -21.44 27.85 36.41
C GLY A 98 -22.80 28.44 36.11
N ASP A 99 -22.89 29.75 36.02
CA ASP A 99 -24.16 30.44 35.81
C ASP A 99 -24.29 30.84 34.34
N CYS A 100 -25.54 31.07 33.93
CA CYS A 100 -25.85 31.40 32.54
C CYS A 100 -25.34 32.81 32.25
N ASP A 101 -24.18 32.90 31.61
CA ASP A 101 -23.63 34.20 31.24
C ASP A 101 -24.54 34.89 30.23
N GLN A 102 -25.09 34.14 29.29
CA GLN A 102 -26.06 34.64 28.33
C GLN A 102 -26.76 33.46 27.69
N ARG A 103 -27.95 33.70 27.17
CA ARG A 103 -28.77 32.65 26.57
C ARG A 103 -29.58 33.22 25.42
N PHE A 104 -29.44 32.61 24.25
CA PHE A 104 -30.09 33.07 23.03
C PHE A 104 -30.78 31.91 22.34
N ARG A 105 -31.71 32.24 21.46
CA ARG A 105 -32.46 31.26 20.68
C ARG A 105 -32.66 31.78 19.27
N PHE A 106 -32.53 30.89 18.30
CA PHE A 106 -32.66 31.24 16.89
C PHE A 106 -33.30 30.08 16.15
N PRO A 107 -33.98 30.32 15.04
CA PRO A 107 -34.48 29.22 14.21
C PRO A 107 -33.33 28.48 13.56
N SER A 108 -33.68 27.39 12.86
CA SER A 108 -32.70 26.54 12.19
C SER A 108 -31.68 26.04 13.21
N PRO A 109 -32.05 25.06 14.06
CA PRO A 109 -31.21 24.66 15.20
C PRO A 109 -29.72 24.59 14.91
N ILE A 110 -28.92 25.04 15.88
CA ILE A 110 -27.50 25.24 15.65
C ILE A 110 -26.79 23.90 15.56
N LEU A 111 -25.85 23.80 14.63
CA LEU A 111 -25.00 22.61 14.51
C LEU A 111 -23.68 22.76 15.24
N LYS A 112 -23.14 23.97 15.32
CA LYS A 112 -21.82 24.17 15.92
C LYS A 112 -21.69 25.58 16.46
N VAL A 113 -20.98 25.73 17.58
CA VAL A 113 -20.55 27.02 18.08
C VAL A 113 -19.05 26.95 18.33
N GLN A 114 -18.37 28.08 18.14
CA GLN A 114 -16.92 28.11 18.23
C GLN A 114 -16.48 29.48 18.69
N TYR A 115 -15.84 29.57 19.86
CA TYR A 115 -15.26 30.82 20.32
C TYR A 115 -14.26 31.34 19.30
N HIS A 116 -14.26 32.66 19.10
CA HIS A 116 -13.20 33.24 18.29
C HIS A 116 -11.88 33.00 19.01
N PRO A 117 -10.96 32.25 18.42
CA PRO A 117 -9.78 31.79 19.18
C PRO A 117 -8.90 32.91 19.70
N ARG A 118 -9.07 34.14 19.22
CA ARG A 118 -8.31 35.27 19.73
C ARG A 118 -9.23 36.37 20.27
N ASP A 119 -10.51 36.05 20.47
CA ASP A 119 -11.45 37.00 21.04
C ASP A 119 -12.58 36.21 21.68
N GLN A 120 -12.59 36.13 23.01
CA GLN A 120 -13.63 35.36 23.67
C GLN A 120 -14.97 36.06 23.69
N ASN A 121 -15.11 37.19 22.99
CA ASN A 121 -16.41 37.81 22.81
C ASN A 121 -17.08 37.30 21.53
N LYS A 122 -16.34 37.27 20.43
CA LYS A 122 -16.88 36.80 19.17
C LYS A 122 -16.99 35.27 19.17
N VAL A 123 -18.03 34.77 18.52
CA VAL A 123 -18.29 33.34 18.45
C VAL A 123 -19.01 33.03 17.14
N LEU A 124 -18.47 32.06 16.39
CA LEU A 124 -19.12 31.61 15.18
C LEU A 124 -20.18 30.56 15.51
N VAL A 125 -21.25 30.57 14.72
CA VAL A 125 -22.40 29.71 14.93
C VAL A 125 -22.81 29.16 13.57
N CYS A 126 -22.66 27.84 13.39
CA CYS A 126 -23.15 27.16 12.21
C CYS A 126 -24.50 26.55 12.53
N PRO A 127 -25.61 27.09 12.00
CA PRO A 127 -26.93 26.48 12.25
C PRO A 127 -27.22 25.34 11.29
N MET A 128 -28.42 24.76 11.40
CA MET A 128 -28.79 23.65 10.52
C MET A 128 -29.04 24.13 9.10
N LYS A 129 -30.02 25.03 8.92
CA LYS A 129 -30.42 25.47 7.60
C LYS A 129 -29.95 26.86 7.24
N SER A 130 -29.95 27.80 8.18
CA SER A 130 -29.57 29.17 7.89
C SER A 130 -28.05 29.29 7.78
N ALA A 131 -27.61 30.41 7.22
CA ALA A 131 -26.19 30.66 7.05
C ALA A 131 -25.53 30.86 8.41
N PRO A 132 -24.26 30.50 8.54
CA PRO A 132 -23.54 30.74 9.80
C PRO A 132 -23.51 32.22 10.13
N VAL A 133 -23.46 32.51 11.44
CA VAL A 133 -23.51 33.87 11.95
C VAL A 133 -22.46 34.03 13.04
N MET A 134 -21.77 35.16 13.04
CA MET A 134 -20.84 35.49 14.11
C MET A 134 -21.52 36.44 15.08
N LEU A 135 -21.61 36.03 16.34
CA LEU A 135 -22.19 36.85 17.40
C LEU A 135 -21.10 37.32 18.35
N THR A 136 -21.49 38.23 19.25
CA THR A 136 -20.63 38.63 20.34
C THR A 136 -21.37 38.44 21.66
N LEU A 137 -20.64 38.05 22.70
CA LEU A 137 -21.24 37.83 24.00
C LEU A 137 -21.32 39.11 24.82
N SER A 138 -20.63 40.17 24.40
CA SER A 138 -20.79 41.46 25.06
C SER A 138 -22.11 42.11 24.67
N ASP A 139 -22.32 42.32 23.38
CA ASP A 139 -23.53 42.92 22.86
C ASP A 139 -24.29 41.89 22.03
N SER A 140 -25.61 41.91 22.15
CA SER A 140 -26.47 40.94 21.47
C SER A 140 -26.63 41.31 19.99
N LYS A 141 -25.51 41.24 19.27
CA LYS A 141 -25.50 41.44 17.83
C LYS A 141 -25.19 40.14 17.13
N HIS A 142 -25.35 40.15 15.80
CA HIS A 142 -25.13 38.95 15.00
C HIS A 142 -24.93 39.37 13.54
N VAL A 143 -23.78 39.01 12.97
CA VAL A 143 -23.46 39.30 11.58
C VAL A 143 -23.51 37.97 10.83
N VAL A 144 -24.45 37.85 9.89
CA VAL A 144 -24.59 36.62 9.13
C VAL A 144 -23.51 36.57 8.06
N LEU A 145 -22.86 35.42 7.94
CA LEU A 145 -21.81 35.27 6.93
C LEU A 145 -22.43 35.04 5.56
N PRO A 146 -21.80 35.53 4.51
CA PRO A 146 -22.32 35.31 3.16
C PRO A 146 -22.06 33.88 2.69
N VAL A 147 -22.93 33.41 1.80
CA VAL A 147 -22.83 32.08 1.24
C VAL A 147 -22.92 32.20 -0.27
N ASP A 148 -22.23 31.28 -0.97
CA ASP A 148 -22.07 31.41 -2.41
C ASP A 148 -23.41 31.24 -3.15
N ASP A 149 -24.02 30.06 -3.02
CA ASP A 149 -25.20 29.74 -3.81
C ASP A 149 -26.51 30.18 -3.15
N ASP A 150 -26.49 30.52 -1.86
CA ASP A 150 -27.68 30.94 -1.14
C ASP A 150 -28.75 29.87 -1.11
N SER A 151 -28.37 28.63 -1.47
CA SER A 151 -29.31 27.52 -1.53
C SER A 151 -28.71 26.23 -0.98
N ASP A 152 -27.53 26.28 -0.38
CA ASP A 152 -26.91 25.07 0.15
C ASP A 152 -27.68 24.56 1.36
N LEU A 153 -28.11 25.46 2.23
CA LEU A 153 -28.92 25.13 3.40
C LEU A 153 -28.17 24.24 4.39
N ASN A 154 -26.91 23.93 4.11
CA ASN A 154 -26.07 23.15 5.01
C ASN A 154 -24.63 23.54 4.72
N VAL A 155 -24.09 24.45 5.55
CA VAL A 155 -22.75 24.99 5.35
C VAL A 155 -22.03 24.97 6.68
N VAL A 156 -20.86 24.37 6.71
CA VAL A 156 -19.98 24.42 7.87
C VAL A 156 -19.10 25.65 7.75
N ALA A 157 -18.68 26.19 8.89
CA ALA A 157 -17.83 27.36 8.89
C ALA A 157 -17.03 27.40 10.18
N SER A 158 -15.79 27.86 10.10
CA SER A 158 -14.93 27.90 11.28
C SER A 158 -13.86 28.96 11.14
N PHE A 159 -13.52 29.58 12.26
CA PHE A 159 -12.37 30.48 12.32
C PHE A 159 -11.08 29.70 12.07
N ASP A 160 -10.05 30.42 11.64
CA ASP A 160 -8.73 29.83 11.54
C ASP A 160 -8.09 29.74 12.92
N ARG A 161 -6.83 29.32 12.97
CA ARG A 161 -6.15 29.13 14.25
C ARG A 161 -6.04 30.43 15.04
N ARG A 162 -5.93 31.57 14.36
CA ARG A 162 -5.81 32.86 15.02
C ARG A 162 -7.06 33.71 14.89
N GLY A 163 -8.17 33.13 14.47
CA GLY A 163 -9.40 33.89 14.32
C GLY A 163 -9.30 35.01 13.30
N GLU A 164 -8.38 34.91 12.34
CA GLU A 164 -8.20 35.97 11.37
C GLU A 164 -9.17 35.84 10.21
N TYR A 165 -9.55 34.61 9.84
CA TYR A 165 -10.42 34.36 8.71
C TYR A 165 -11.51 33.37 9.13
N ILE A 166 -12.42 33.12 8.20
CA ILE A 166 -13.48 32.14 8.36
C ILE A 166 -13.52 31.30 7.09
N TYR A 167 -13.37 29.99 7.24
CA TYR A 167 -13.53 29.08 6.12
C TYR A 167 -14.95 28.54 6.15
N THR A 168 -15.62 28.60 4.99
CA THR A 168 -17.00 28.14 4.85
C THR A 168 -17.06 27.10 3.74
N GLY A 169 -17.55 25.92 4.07
CA GLY A 169 -17.75 24.86 3.10
C GLY A 169 -19.21 24.47 2.98
N ASN A 170 -19.69 24.40 1.74
CA ASN A 170 -21.10 24.16 1.45
C ASN A 170 -21.36 22.67 1.23
N ALA A 171 -22.57 22.37 0.77
CA ALA A 171 -22.91 21.00 0.39
C ALA A 171 -22.49 20.66 -1.03
N LYS A 172 -22.03 21.65 -1.80
CA LYS A 172 -21.64 21.44 -3.19
C LYS A 172 -20.16 21.65 -3.42
N GLY A 173 -19.34 21.39 -2.40
CA GLY A 173 -17.90 21.41 -2.57
C GLY A 173 -17.30 22.77 -2.80
N LYS A 174 -18.00 23.85 -2.45
CA LYS A 174 -17.45 25.18 -2.56
C LYS A 174 -16.81 25.59 -1.24
N ILE A 175 -15.78 26.43 -1.33
CA ILE A 175 -15.00 26.87 -0.19
C ILE A 175 -14.81 28.37 -0.32
N LEU A 176 -15.35 29.11 0.65
CA LEU A 176 -15.25 30.56 0.70
C LEU A 176 -14.47 30.94 1.94
N VAL A 177 -13.34 31.61 1.76
CA VAL A 177 -12.49 32.08 2.84
C VAL A 177 -12.74 33.58 2.96
N LEU A 178 -13.45 33.96 4.01
CA LEU A 178 -13.84 35.33 4.25
C LEU A 178 -13.01 35.94 5.37
N LYS A 179 -12.94 37.27 5.39
CA LYS A 179 -12.31 37.99 6.49
C LYS A 179 -13.33 38.12 7.61
N THR A 180 -13.01 37.56 8.78
CA THR A 180 -14.00 37.42 9.85
C THR A 180 -14.61 38.77 10.24
N ASP A 181 -13.83 39.84 10.17
CA ASP A 181 -14.36 41.14 10.55
C ASP A 181 -15.23 41.73 9.44
N SER A 182 -14.81 41.56 8.19
CA SER A 182 -15.54 42.15 7.07
C SER A 182 -16.49 41.18 6.39
N GLN A 183 -16.37 39.88 6.67
CA GLN A 183 -17.17 38.83 6.04
C GLN A 183 -17.03 38.86 4.51
N ASP A 184 -15.91 39.38 4.02
CA ASP A 184 -15.70 39.57 2.59
C ASP A 184 -14.73 38.54 2.06
N LEU A 185 -14.94 38.14 0.80
CA LEU A 185 -14.16 37.08 0.18
C LEU A 185 -12.69 37.46 0.05
N VAL A 186 -11.82 36.78 0.80
CA VAL A 186 -10.40 36.93 0.61
C VAL A 186 -9.78 35.74 -0.12
N ALA A 187 -10.50 34.62 -0.21
CA ALA A 187 -10.05 33.49 -1.01
C ALA A 187 -11.26 32.61 -1.33
N SER A 188 -11.13 31.78 -2.36
CA SER A 188 -12.22 30.91 -2.72
C SER A 188 -11.71 29.83 -3.66
N PHE A 189 -12.40 28.68 -3.64
CA PHE A 189 -12.16 27.60 -4.60
C PHE A 189 -13.21 26.53 -4.42
N ARG A 190 -13.48 25.81 -5.50
CA ARG A 190 -14.39 24.67 -5.46
C ARG A 190 -13.58 23.38 -5.43
N VAL A 191 -13.93 22.48 -4.53
CA VAL A 191 -13.23 21.22 -4.38
C VAL A 191 -13.95 20.16 -5.19
N THR A 192 -13.18 19.19 -5.69
CA THR A 192 -13.74 18.09 -6.46
C THR A 192 -14.17 16.97 -5.51
N THR A 193 -14.64 15.87 -6.10
CA THR A 193 -15.03 14.68 -5.37
C THR A 193 -14.42 13.46 -6.06
N GLY A 194 -13.13 13.56 -6.33
CA GLY A 194 -12.40 12.52 -7.02
C GLY A 194 -12.47 12.68 -8.52
N THR A 195 -13.58 12.28 -9.15
CA THR A 195 -13.67 12.47 -10.58
C THR A 195 -13.70 13.95 -10.91
N SER A 196 -14.87 14.58 -10.76
CA SER A 196 -14.96 16.03 -10.82
C SER A 196 -16.07 16.54 -9.92
N ASN A 197 -16.71 15.63 -9.20
CA ASN A 197 -18.04 15.88 -8.65
C ASN A 197 -17.97 16.85 -7.47
N THR A 198 -19.14 17.24 -6.99
CA THR A 198 -19.27 18.05 -5.79
C THR A 198 -19.64 17.17 -4.60
N THR A 199 -19.46 17.69 -3.40
CA THR A 199 -19.69 16.91 -2.19
C THR A 199 -20.00 17.84 -1.04
N ALA A 200 -20.67 17.30 -0.03
CA ALA A 200 -20.95 18.06 1.17
C ALA A 200 -19.70 18.16 2.03
N ILE A 201 -19.27 19.39 2.30
CA ILE A 201 -18.12 19.61 3.18
C ILE A 201 -18.55 19.26 4.60
N LYS A 202 -18.11 18.10 5.09
CA LYS A 202 -18.57 17.64 6.40
C LYS A 202 -18.06 18.53 7.52
N SER A 203 -16.79 18.93 7.46
CA SER A 203 -16.22 19.73 8.53
C SER A 203 -14.96 20.41 8.07
N ILE A 204 -14.64 21.54 8.71
CA ILE A 204 -13.45 22.33 8.44
C ILE A 204 -12.67 22.41 9.74
N GLU A 205 -11.65 21.58 9.89
CA GLU A 205 -10.89 21.49 11.12
C GLU A 205 -9.54 22.18 10.97
N PHE A 206 -9.00 22.63 12.09
CA PHE A 206 -7.73 23.35 12.11
C PHE A 206 -6.81 22.72 13.15
N ALA A 207 -5.55 23.14 13.12
CA ALA A 207 -4.53 22.66 14.03
C ALA A 207 -4.10 23.77 14.97
N ARG A 208 -3.66 23.38 16.17
CA ARG A 208 -3.17 24.33 17.15
C ARG A 208 -1.84 24.96 16.73
N LYS A 209 -1.21 24.46 15.68
CA LYS A 209 0.07 24.98 15.19
C LYS A 209 -0.04 25.33 13.72
N GLY A 210 0.43 26.51 13.36
CA GLY A 210 0.49 26.93 11.98
C GLY A 210 -0.87 27.00 11.31
N SER A 211 -0.83 27.00 9.98
CA SER A 211 -2.04 27.10 9.15
C SER A 211 -2.44 25.77 8.52
N CYS A 212 -1.77 24.68 8.89
CA CYS A 212 -2.07 23.36 8.33
C CYS A 212 -3.43 22.90 8.85
N PHE A 213 -4.45 23.00 8.02
CA PHE A 213 -5.81 22.62 8.41
C PHE A 213 -6.27 21.45 7.55
N LEU A 214 -7.46 20.94 7.85
CA LEU A 214 -7.99 19.79 7.14
C LEU A 214 -9.46 20.01 6.82
N ILE A 215 -9.92 19.29 5.80
CA ILE A 215 -11.30 19.36 5.33
C ILE A 215 -11.83 17.93 5.24
N ASN A 216 -12.91 17.65 5.97
CA ASN A 216 -13.63 16.40 5.83
C ASN A 216 -14.84 16.62 4.95
N THR A 217 -14.99 15.77 3.94
CA THR A 217 -16.09 15.85 3.00
C THR A 217 -16.89 14.56 3.05
N ALA A 218 -18.06 14.59 2.40
CA ALA A 218 -18.96 13.45 2.40
C ALA A 218 -18.42 12.27 1.60
N ASP A 219 -17.34 12.45 0.85
CA ASP A 219 -16.79 11.38 0.02
C ASP A 219 -15.91 10.41 0.78
N ARG A 220 -15.99 10.41 2.11
CA ARG A 220 -15.17 9.58 2.99
C ARG A 220 -13.68 9.85 2.84
N ILE A 221 -13.31 10.99 2.25
CA ILE A 221 -11.90 11.34 2.01
C ILE A 221 -11.61 12.65 2.72
N ILE A 222 -10.45 12.72 3.36
CA ILE A 222 -10.01 13.88 4.10
C ILE A 222 -8.89 14.55 3.31
N ARG A 223 -8.91 15.88 3.27
CA ARG A 223 -7.92 16.63 2.51
C ARG A 223 -7.27 17.66 3.41
N VAL A 224 -5.97 17.48 3.65
CA VAL A 224 -5.20 18.44 4.42
C VAL A 224 -4.70 19.53 3.48
N TYR A 225 -4.95 20.78 3.86
CA TYR A 225 -4.57 21.95 3.09
C TYR A 225 -3.78 22.90 3.97
N ASP A 226 -3.20 23.91 3.32
CA ASP A 226 -2.50 25.00 3.97
C ASP A 226 -3.26 26.29 3.69
N GLY A 227 -3.82 26.89 4.74
CA GLY A 227 -4.60 28.11 4.56
C GLY A 227 -3.81 29.24 3.93
N ARG A 228 -2.50 29.29 4.18
CA ARG A 228 -1.66 30.27 3.51
C ARG A 228 -1.74 30.10 2.00
N GLU A 229 -1.63 28.86 1.52
CA GLU A 229 -1.77 28.62 0.09
C GLU A 229 -3.19 28.91 -0.39
N ILE A 230 -4.18 28.74 0.49
CA ILE A 230 -5.56 29.07 0.11
C ILE A 230 -5.68 30.57 -0.15
N LEU A 231 -5.15 31.38 0.76
CA LEU A 231 -5.10 32.83 0.51
C LEU A 231 -4.25 33.15 -0.70
N THR A 232 -3.21 32.35 -0.96
CA THR A 232 -2.34 32.57 -2.11
C THR A 232 -3.13 32.44 -3.40
N CYS A 233 -3.86 31.33 -3.57
CA CYS A 233 -4.72 31.19 -4.73
C CYS A 233 -5.81 32.25 -4.76
N GLY A 234 -6.21 32.74 -3.58
CA GLY A 234 -7.19 33.81 -3.54
C GLY A 234 -8.54 33.37 -4.08
N ARG A 235 -9.18 34.27 -4.80
CA ARG A 235 -10.51 34.02 -5.32
C ARG A 235 -10.45 33.03 -6.48
N ASP A 236 -11.16 31.91 -6.33
CA ASP A 236 -11.30 30.89 -7.37
C ASP A 236 -9.93 30.41 -7.87
N GLY A 237 -9.19 29.80 -6.94
CA GLY A 237 -7.93 29.15 -7.28
C GLY A 237 -8.09 27.66 -7.50
N GLU A 238 -6.96 27.02 -7.78
CA GLU A 238 -6.91 25.57 -8.00
C GLU A 238 -5.92 24.95 -7.02
N PRO A 239 -6.28 24.89 -5.73
CA PRO A 239 -5.34 24.38 -4.73
C PRO A 239 -5.42 22.87 -4.56
N GLU A 240 -4.26 22.23 -4.54
CA GLU A 240 -4.25 20.80 -4.25
C GLU A 240 -4.09 20.56 -2.76
N PRO A 241 -4.66 19.48 -2.24
CA PRO A 241 -4.53 19.22 -0.80
C PRO A 241 -3.10 18.89 -0.42
N MET A 242 -2.67 19.45 0.71
CA MET A 242 -1.35 19.11 1.23
C MET A 242 -1.23 17.62 1.49
N GLN A 243 -2.32 16.97 1.87
CA GLN A 243 -2.30 15.54 2.09
C GLN A 243 -3.69 14.98 1.78
N LYS A 244 -3.72 13.69 1.43
CA LYS A 244 -4.96 12.99 1.16
C LYS A 244 -5.03 11.76 2.06
N LEU A 245 -6.14 11.62 2.78
CA LEU A 245 -6.37 10.49 3.67
C LEU A 245 -7.72 9.87 3.35
N GLN A 246 -7.84 8.58 3.61
CA GLN A 246 -9.08 7.86 3.36
C GLN A 246 -8.90 6.43 3.88
N ASP A 247 -10.03 5.74 4.01
CA ASP A 247 -10.03 4.31 4.32
C ASP A 247 -9.98 3.53 3.02
N LEU A 248 -8.80 3.56 2.38
CA LEU A 248 -8.62 2.95 1.08
C LEU A 248 -8.95 1.46 1.07
N VAL A 249 -8.96 0.82 2.23
CA VAL A 249 -9.23 -0.60 2.33
C VAL A 249 -10.69 -0.88 2.65
N ASN A 250 -11.30 -0.07 3.52
CA ASN A 250 -12.67 -0.29 3.95
C ASN A 250 -13.67 0.72 3.42
N ARG A 251 -13.21 1.85 2.89
CA ARG A 251 -14.08 2.91 2.36
C ARG A 251 -15.08 3.35 3.42
N THR A 252 -14.55 3.90 4.50
CA THR A 252 -15.35 4.23 5.66
C THR A 252 -15.55 5.72 5.76
N PRO A 253 -16.79 6.20 5.86
CA PRO A 253 -17.00 7.62 6.14
C PRO A 253 -16.58 7.95 7.56
N TRP A 254 -16.20 9.20 7.76
CA TRP A 254 -15.62 9.65 9.03
C TRP A 254 -16.64 10.49 9.77
N LYS A 255 -17.23 9.92 10.81
CA LYS A 255 -18.15 10.67 11.66
C LYS A 255 -17.45 11.87 12.30
N LYS A 256 -16.15 11.76 12.52
CA LYS A 256 -15.38 12.87 13.06
C LYS A 256 -13.91 12.66 12.76
N CYS A 257 -13.18 13.77 12.71
CA CYS A 257 -11.74 13.76 12.49
C CYS A 257 -11.14 14.95 13.21
N CYS A 258 -9.83 14.89 13.44
CA CYS A 258 -9.13 15.97 14.11
C CYS A 258 -7.64 15.80 13.88
N PHE A 259 -6.89 16.87 14.20
CA PHE A 259 -5.45 16.82 14.19
C PHE A 259 -4.93 16.23 15.48
N SER A 260 -3.62 16.33 15.69
CA SER A 260 -3.02 16.09 16.99
C SER A 260 -2.72 17.42 17.66
N GLY A 261 -2.10 17.35 18.84
CA GLY A 261 -1.71 18.56 19.53
C GLY A 261 -0.62 19.32 18.81
N ASP A 262 0.25 18.60 18.10
CA ASP A 262 1.33 19.25 17.36
C ASP A 262 0.90 19.59 15.94
N GLY A 263 0.12 18.72 15.30
CA GLY A 263 -0.26 18.90 13.92
C GLY A 263 0.39 17.94 12.95
N GLU A 264 1.16 16.97 13.44
CA GLU A 264 1.79 15.97 12.58
C GLU A 264 1.06 14.64 12.61
N TYR A 265 -0.07 14.57 13.31
CA TYR A 265 -0.84 13.34 13.42
C TYR A 265 -2.32 13.67 13.30
N ILE A 266 -3.03 12.87 12.51
CA ILE A 266 -4.42 13.12 12.19
C ILE A 266 -5.24 11.89 12.57
N VAL A 267 -6.16 12.06 13.50
CA VAL A 267 -7.00 10.99 14.01
C VAL A 267 -8.34 11.08 13.30
N ALA A 268 -8.87 9.93 12.90
CA ALA A 268 -10.19 9.84 12.26
C ALA A 268 -10.96 8.71 12.93
N GLY A 269 -12.19 9.01 13.34
CA GLY A 269 -13.02 8.06 14.05
C GLY A 269 -13.97 7.35 13.11
N SER A 270 -13.84 6.03 13.04
CA SER A 270 -14.72 5.19 12.24
C SER A 270 -15.88 4.74 13.11
N ALA A 271 -17.02 5.39 12.94
CA ALA A 271 -18.27 4.93 13.54
C ALA A 271 -18.84 3.74 12.79
N ARG A 272 -18.47 3.58 11.53
CA ARG A 272 -18.90 2.42 10.76
C ARG A 272 -18.38 1.12 11.37
N GLN A 273 -17.16 1.13 11.89
CA GLN A 273 -16.60 -0.03 12.57
C GLN A 273 -16.08 0.27 13.97
N HIS A 274 -16.22 1.51 14.44
CA HIS A 274 -15.77 1.92 15.77
C HIS A 274 -14.27 1.65 15.95
N ALA A 275 -13.48 2.37 15.17
CA ALA A 275 -12.03 2.31 15.28
C ALA A 275 -11.47 3.72 15.20
N LEU A 276 -10.17 3.86 15.41
CA LEU A 276 -9.50 5.15 15.33
C LEU A 276 -8.27 5.00 14.46
N TYR A 277 -8.27 5.65 13.30
CA TYR A 277 -7.14 5.58 12.38
C TYR A 277 -6.32 6.84 12.52
N ILE A 278 -5.04 6.69 12.86
CA ILE A 278 -4.14 7.82 13.03
C ILE A 278 -3.11 7.78 11.91
N TRP A 279 -3.12 8.82 11.07
CA TRP A 279 -2.18 9.05 10.00
C TRP A 279 -1.20 10.16 10.40
N GLU A 280 -0.26 10.44 9.51
CA GLU A 280 0.64 11.57 9.67
C GLU A 280 0.17 12.75 8.81
N LYS A 281 0.89 13.87 8.92
CA LYS A 281 0.63 15.03 8.08
C LYS A 281 1.73 15.28 7.07
N SER A 282 2.99 15.15 7.46
CA SER A 282 4.10 15.37 6.55
C SER A 282 4.06 14.39 5.39
N ILE A 283 4.13 13.09 5.69
CA ILE A 283 4.01 12.06 4.68
C ILE A 283 2.55 11.66 4.48
N GLY A 284 1.81 11.52 5.58
CA GLY A 284 0.43 11.11 5.51
C GLY A 284 0.20 9.62 5.73
N ASN A 285 1.27 8.84 5.87
CA ASN A 285 1.11 7.42 6.12
C ASN A 285 0.42 7.20 7.46
N LEU A 286 -0.34 6.12 7.55
CA LEU A 286 -1.05 5.79 8.77
C LEU A 286 -0.08 5.48 9.88
N VAL A 287 -0.12 6.27 10.95
CA VAL A 287 0.66 5.94 12.15
C VAL A 287 0.25 4.57 12.66
N LYS A 288 -1.02 4.42 13.02
CA LYS A 288 -1.52 3.13 13.48
C LYS A 288 -3.05 3.18 13.53
N ILE A 289 -3.64 2.16 14.14
CA ILE A 289 -5.07 2.07 14.36
C ILE A 289 -5.32 1.55 15.76
N LEU A 290 -6.21 2.21 16.49
CA LEU A 290 -6.66 1.76 17.80
C LEU A 290 -8.09 1.26 17.67
N HIS A 291 -8.29 -0.03 17.92
CA HIS A 291 -9.57 -0.68 17.67
C HIS A 291 -10.40 -0.69 18.94
N GLY A 292 -11.59 -0.08 18.88
CA GLY A 292 -12.56 -0.20 19.93
C GLY A 292 -13.50 -1.36 19.69
N THR A 293 -14.39 -1.59 20.64
CA THR A 293 -15.35 -2.68 20.52
C THR A 293 -16.31 -2.40 19.36
N ARG A 294 -16.68 -3.48 18.66
CA ARG A 294 -17.53 -3.34 17.49
C ARG A 294 -18.93 -2.87 17.87
N GLY A 295 -19.42 -3.27 19.04
CA GLY A 295 -20.78 -2.93 19.43
C GLY A 295 -20.98 -1.44 19.65
N GLU A 296 -19.99 -0.78 20.24
CA GLU A 296 -20.14 0.64 20.55
C GLU A 296 -20.18 1.47 19.27
N LEU A 297 -21.08 2.45 19.24
CA LEU A 297 -21.17 3.37 18.11
C LEU A 297 -20.30 4.59 18.39
N LEU A 298 -19.21 4.72 17.64
CA LEU A 298 -18.29 5.84 17.85
C LEU A 298 -18.98 7.16 17.53
N LEU A 299 -18.84 8.13 18.43
CA LEU A 299 -19.51 9.41 18.29
C LEU A 299 -18.55 10.58 18.15
N ASP A 300 -17.60 10.73 19.08
CA ASP A 300 -16.76 11.92 19.14
C ASP A 300 -15.31 11.52 19.39
N VAL A 301 -14.40 12.36 18.90
CA VAL A 301 -12.96 12.13 19.05
C VAL A 301 -12.29 13.45 19.39
N ALA A 302 -11.20 13.37 20.15
CA ALA A 302 -10.38 14.54 20.44
C ALA A 302 -8.99 14.09 20.84
N TRP A 303 -8.02 14.97 20.62
CA TRP A 303 -6.62 14.69 20.94
C TRP A 303 -6.16 15.60 22.07
N HIS A 304 -5.37 15.05 22.98
CA HIS A 304 -4.81 15.81 24.09
C HIS A 304 -3.79 16.81 23.56
N PRO A 305 -4.08 18.10 23.54
CA PRO A 305 -3.23 19.04 22.78
C PRO A 305 -1.77 19.07 23.19
N VAL A 306 -1.44 18.52 24.37
CA VAL A 306 -0.07 18.48 24.83
C VAL A 306 0.38 17.07 25.19
N ARG A 307 -0.38 16.05 24.79
CA ARG A 307 -0.06 14.67 25.11
C ARG A 307 -0.43 13.78 23.94
N PRO A 308 0.29 12.66 23.75
CA PRO A 308 -0.10 11.71 22.71
C PRO A 308 -1.26 10.83 23.15
N ILE A 309 -2.29 11.43 23.73
CA ILE A 309 -3.43 10.72 24.27
C ILE A 309 -4.68 11.19 23.53
N ILE A 310 -5.65 10.29 23.41
CA ILE A 310 -6.85 10.52 22.61
C ILE A 310 -8.06 10.18 23.45
N ALA A 311 -9.02 11.10 23.50
CA ALA A 311 -10.29 10.87 24.17
C ALA A 311 -11.37 10.56 23.14
N SER A 312 -12.18 9.55 23.42
CA SER A 312 -13.25 9.14 22.52
C SER A 312 -14.56 9.08 23.30
N ILE A 313 -15.65 9.41 22.62
CA ILE A 313 -16.99 9.35 23.18
C ILE A 313 -17.83 8.44 22.30
N SER A 314 -18.49 7.47 22.92
CA SER A 314 -19.31 6.52 22.19
C SER A 314 -20.38 5.97 23.12
N SER A 315 -21.63 6.11 22.72
CA SER A 315 -22.78 5.58 23.47
C SER A 315 -22.77 6.06 24.91
N GLY A 316 -22.41 7.33 25.11
CA GLY A 316 -22.38 7.90 26.44
C GLY A 316 -21.20 7.48 27.29
N VAL A 317 -20.16 6.93 26.68
CA VAL A 317 -19.00 6.43 27.41
C VAL A 317 -17.75 7.11 26.88
N VAL A 318 -16.89 7.56 27.78
CA VAL A 318 -15.62 8.19 27.42
C VAL A 318 -14.51 7.16 27.59
N SER A 319 -13.65 7.07 26.60
CA SER A 319 -12.55 6.12 26.57
C SER A 319 -11.24 6.85 26.32
N ILE A 320 -10.21 6.47 27.03
CA ILE A 320 -8.89 7.08 26.91
C ILE A 320 -8.00 6.17 26.08
N TRP A 321 -7.06 6.78 25.37
CA TRP A 321 -6.14 6.05 24.50
C TRP A 321 -4.77 6.73 24.60
N ALA A 322 -3.94 6.22 25.50
CA ALA A 322 -2.62 6.78 25.68
C ALA A 322 -1.64 6.21 24.66
N GLN A 323 -0.48 6.86 24.56
CA GLN A 323 0.62 6.38 23.72
C GLN A 323 1.88 6.47 24.59
N ASN A 324 2.13 5.40 25.33
CA ASN A 324 3.19 5.39 26.34
C ASN A 324 4.54 5.06 25.73
N GLN A 325 5.59 5.26 26.52
CA GLN A 325 6.96 5.05 26.09
C GLN A 325 7.51 3.74 26.65
N VAL A 326 8.80 3.50 26.42
CA VAL A 326 9.47 2.31 26.93
C VAL A 326 9.65 2.36 28.43
N GLU A 327 9.38 3.52 29.03
CA GLU A 327 9.61 3.74 30.46
C GLU A 327 8.50 3.14 31.31
N ASN A 328 8.44 3.59 32.57
CA ASN A 328 7.68 3.09 33.71
C ASN A 328 8.34 1.87 34.34
N TRP A 329 9.33 1.24 33.71
CA TRP A 329 10.25 0.40 34.45
C TRP A 329 11.67 0.49 33.93
N SER A 330 11.83 0.92 32.68
CA SER A 330 13.08 0.76 31.94
C SER A 330 14.25 1.53 32.56
N ALA A 331 13.96 2.52 33.38
CA ALA A 331 15.01 3.31 34.02
C ALA A 331 14.78 3.40 35.53
N PHE A 336 20.85 -0.18 36.16
CA PHE A 336 21.64 -0.49 34.99
C PHE A 336 21.15 0.27 33.76
N LYS A 337 21.83 0.09 32.64
CA LYS A 337 21.47 0.73 31.38
C LYS A 337 20.86 -0.29 30.43
N GLU A 338 19.92 0.18 29.61
CA GLU A 338 19.18 -0.70 28.70
C GLU A 338 19.65 -0.49 27.27
N LEU A 339 19.93 -1.60 26.58
CA LEU A 339 20.23 -1.59 25.16
C LEU A 339 19.26 -2.51 24.43
N ASP A 340 19.27 -2.41 23.10
CA ASP A 340 18.35 -3.17 22.26
C ASP A 340 19.00 -4.41 21.65
N GLU A 341 20.09 -4.23 20.91
CA GLU A 341 20.75 -5.32 20.21
C GLU A 341 22.10 -5.62 20.84
N ASN A 342 22.64 -6.78 20.47
CA ASN A 342 23.95 -7.19 20.94
C ASN A 342 25.02 -6.22 20.45
N VAL A 343 25.71 -5.58 21.39
CA VAL A 343 26.70 -4.55 21.09
C VAL A 343 28.08 -5.21 21.14
N GLU A 344 28.72 -5.34 19.98
CA GLU A 344 30.08 -5.86 19.91
C GLU A 344 31.03 -4.82 20.48
N TYR A 345 31.57 -5.10 21.66
CA TYR A 345 32.48 -4.17 22.32
C TYR A 345 33.79 -4.07 21.53
N GLU A 346 34.16 -2.85 21.15
CA GLU A 346 35.43 -2.61 20.49
C GLU A 346 36.55 -2.84 21.49
N GLU A 347 37.22 -3.99 21.37
CA GLU A 347 38.30 -4.32 22.29
C GLU A 347 39.45 -3.34 22.10
N ARG A 348 39.70 -2.52 23.11
CA ARG A 348 40.80 -1.56 23.04
C ARG A 348 42.13 -2.30 22.99
N GLU A 349 43.14 -1.59 22.49
CA GLU A 349 44.46 -2.22 22.34
C GLU A 349 45.11 -2.49 23.69
N SER A 350 44.69 -1.76 24.74
CA SER A 350 45.17 -1.96 26.09
C SER A 350 44.16 -2.74 26.94
N GLU A 351 43.43 -3.66 26.32
CA GLU A 351 42.40 -4.42 27.06
C GLU A 351 43.04 -5.35 28.07
N PHE A 352 43.86 -6.30 27.60
CA PHE A 352 44.51 -7.24 28.49
C PHE A 352 45.73 -6.65 29.19
N ASP A 353 46.18 -5.46 28.77
CA ASP A 353 47.35 -4.84 29.39
C ASP A 353 46.99 -4.34 30.80
N ILE A 354 48.04 -4.01 31.55
CA ILE A 354 47.88 -3.51 32.91
C ILE A 354 47.92 -1.99 32.93
N LYS B 11 27.10 36.03 54.16
CA LYS B 11 27.16 35.69 55.57
C LYS B 11 26.00 36.31 56.34
N PRO B 12 24.88 35.59 56.44
CA PRO B 12 23.72 36.11 57.16
C PRO B 12 23.98 36.18 58.64
N ASN B 13 23.08 36.84 59.35
CA ASN B 13 23.15 37.05 60.79
C ASN B 13 21.85 36.64 61.46
N TYR B 14 21.36 35.45 61.12
CA TYR B 14 20.16 34.90 61.74
C TYR B 14 20.36 34.79 63.25
N ALA B 15 19.62 35.60 64.00
CA ALA B 15 19.64 35.57 65.45
C ALA B 15 18.34 34.95 65.97
N LEU B 16 18.43 34.32 67.13
CA LEU B 16 17.27 33.63 67.70
C LEU B 16 16.27 34.64 68.25
N LYS B 17 15.05 34.59 67.73
CA LYS B 17 13.96 35.45 68.19
C LYS B 17 12.97 34.73 69.09
N PHE B 18 12.62 33.50 68.75
CA PHE B 18 11.65 32.73 69.52
C PHE B 18 12.00 31.25 69.45
N THR B 19 11.89 30.57 70.59
CA THR B 19 12.10 29.14 70.68
C THR B 19 10.75 28.47 70.87
N LEU B 20 10.37 27.62 69.93
CA LEU B 20 9.07 26.97 69.91
C LEU B 20 9.19 25.57 70.48
N ALA B 21 8.49 25.31 71.57
CA ALA B 21 8.57 24.01 72.23
C ALA B 21 7.19 23.60 72.70
N GLY B 22 7.03 22.30 72.94
CA GLY B 22 5.75 21.77 73.35
C GLY B 22 5.46 20.39 72.81
N HIS B 23 6.17 20.00 71.75
CA HIS B 23 6.06 18.64 71.24
C HIS B 23 6.76 17.68 72.20
N THR B 24 5.99 16.77 72.79
CA THR B 24 6.49 15.89 73.84
C THR B 24 7.26 14.68 73.32
N LYS B 25 7.57 14.63 72.03
CA LYS B 25 8.32 13.52 71.48
C LYS B 25 9.32 14.05 70.45
N ALA B 26 9.92 13.14 69.69
CA ALA B 26 10.96 13.50 68.73
C ALA B 26 10.35 14.27 67.57
N VAL B 27 10.78 15.53 67.40
CA VAL B 27 10.33 16.32 66.27
C VAL B 27 10.85 15.70 64.98
N SER B 28 10.05 15.78 63.93
CA SER B 28 10.38 15.18 62.65
C SER B 28 10.26 16.12 61.47
N SER B 29 9.37 17.11 61.51
CA SER B 29 9.16 17.99 60.38
C SER B 29 8.55 19.31 60.84
N VAL B 30 9.13 20.41 60.37
CA VAL B 30 8.55 21.74 60.51
C VAL B 30 8.50 22.37 59.14
N LYS B 31 7.36 22.97 58.79
CA LYS B 31 7.14 23.54 57.46
C LYS B 31 6.41 24.87 57.63
N PHE B 32 7.03 25.95 57.17
CA PHE B 32 6.36 27.24 57.16
C PHE B 32 5.17 27.20 56.22
N SER B 33 4.05 27.78 56.65
CA SER B 33 2.89 27.86 55.79
C SER B 33 3.23 28.71 54.56
N PRO B 34 2.69 28.39 53.39
CA PRO B 34 2.98 29.19 52.19
C PRO B 34 2.74 30.67 52.35
N ASN B 35 1.82 31.08 53.22
CA ASN B 35 1.66 32.49 53.54
C ASN B 35 2.61 32.96 54.63
N GLY B 36 3.43 32.07 55.18
CA GLY B 36 4.32 32.42 56.26
C GLY B 36 3.63 32.81 57.55
N GLU B 37 2.33 32.54 57.68
CA GLU B 37 1.61 32.93 58.89
C GLU B 37 1.68 31.86 59.96
N TRP B 38 1.88 30.60 59.57
CA TRP B 38 1.87 29.50 60.53
C TRP B 38 3.02 28.55 60.22
N LEU B 39 3.40 27.80 61.25
CA LEU B 39 4.42 26.76 61.15
C LEU B 39 3.82 25.47 61.72
N ALA B 40 3.94 24.39 60.96
CA ALA B 40 3.41 23.09 61.36
C ALA B 40 4.54 22.22 61.86
N SER B 41 4.68 22.14 63.18
CA SER B 41 5.69 21.31 63.82
C SER B 41 5.10 19.92 64.06
N SER B 42 5.69 18.90 63.44
CA SER B 42 5.25 17.53 63.61
C SER B 42 6.29 16.75 64.39
N SER B 43 5.81 15.72 65.10
CA SER B 43 6.69 14.91 65.94
C SER B 43 6.23 13.47 65.86
N ALA B 44 6.91 12.60 66.63
CA ALA B 44 6.50 11.22 66.78
C ALA B 44 5.37 11.04 67.79
N ASP B 45 4.77 12.14 68.24
CA ASP B 45 3.71 12.11 69.25
C ASP B 45 2.32 12.04 68.64
N LYS B 46 2.21 11.70 67.36
CA LYS B 46 0.93 11.57 66.64
C LYS B 46 0.19 12.90 66.52
N LEU B 47 0.86 14.02 66.77
CA LEU B 47 0.20 15.33 66.75
C LEU B 47 0.97 16.31 65.87
N ILE B 48 0.24 17.27 65.32
CA ILE B 48 0.82 18.44 64.67
C ILE B 48 0.58 19.62 65.60
N LYS B 49 1.47 20.60 65.53
CA LYS B 49 1.31 21.83 66.30
C LYS B 49 1.42 23.01 65.34
N ILE B 50 0.33 23.75 65.21
CA ILE B 50 0.33 24.98 64.43
C ILE B 50 0.80 26.10 65.35
N TRP B 51 1.75 26.89 64.85
CA TRP B 51 2.36 27.97 65.61
C TRP B 51 2.37 29.25 64.79
N GLY B 52 2.33 30.39 65.48
CA GLY B 52 2.51 31.68 64.83
C GLY B 52 3.90 31.79 64.25
N ALA B 53 3.99 31.81 62.92
CA ALA B 53 5.29 31.74 62.23
C ALA B 53 6.11 33.01 62.34
N TYR B 54 5.53 34.11 62.83
CA TYR B 54 6.26 35.36 62.96
C TYR B 54 6.65 35.70 64.40
N ASP B 55 6.03 35.07 65.39
CA ASP B 55 6.33 35.39 66.78
C ASP B 55 6.46 34.16 67.66
N GLY B 56 6.44 32.96 67.09
CA GLY B 56 6.47 31.75 67.91
C GLY B 56 5.25 31.59 68.79
N LYS B 57 4.12 32.15 68.38
CA LYS B 57 2.88 32.04 69.15
C LYS B 57 2.22 30.71 68.85
N PHE B 58 2.06 29.87 69.87
CA PHE B 58 1.47 28.56 69.69
C PHE B 58 0.01 28.70 69.29
N GLU B 59 -0.29 28.41 68.02
CA GLU B 59 -1.66 28.55 67.53
C GLU B 59 -2.56 27.48 68.11
N LYS B 60 -2.24 26.21 67.87
CA LYS B 60 -3.08 25.11 68.33
C LYS B 60 -2.34 23.80 68.12
N THR B 61 -2.99 22.70 68.51
CA THR B 61 -2.49 21.36 68.27
C THR B 61 -3.57 20.54 67.58
N ILE B 62 -3.21 19.91 66.47
CA ILE B 62 -4.10 19.06 65.70
C ILE B 62 -3.77 17.61 66.03
N SER B 63 -4.74 16.89 66.58
CA SER B 63 -4.58 15.51 67.00
C SER B 63 -5.52 14.60 66.20
N GLY B 64 -5.28 13.29 66.30
CA GLY B 64 -6.12 12.33 65.62
C GLY B 64 -5.35 11.16 65.05
N HIS B 65 -4.05 11.33 64.81
CA HIS B 65 -3.26 10.26 64.24
C HIS B 65 -3.05 9.14 65.27
N LYS B 66 -2.62 7.98 64.77
CA LYS B 66 -2.46 6.80 65.59
C LYS B 66 -1.02 6.50 65.97
N LEU B 67 -0.05 6.94 65.16
CA LEU B 67 1.36 6.72 65.45
C LEU B 67 2.14 7.98 65.11
N GLY B 68 3.46 7.89 65.21
CA GLY B 68 4.29 9.08 65.06
C GLY B 68 4.22 9.62 63.64
N ILE B 69 4.04 10.94 63.54
CA ILE B 69 3.97 11.61 62.25
C ILE B 69 5.39 11.90 61.80
N SER B 70 5.81 11.23 60.72
CA SER B 70 7.19 11.38 60.26
C SER B 70 7.36 12.62 59.38
N ASP B 71 6.36 12.93 58.57
CA ASP B 71 6.44 14.09 57.67
C ASP B 71 5.10 14.80 57.64
N VAL B 72 5.15 16.13 57.57
CA VAL B 72 3.98 16.97 57.40
C VAL B 72 4.28 17.96 56.29
N ALA B 73 3.24 18.37 55.56
CA ALA B 73 3.40 19.30 54.45
C ALA B 73 2.14 20.13 54.30
N TRP B 74 2.33 21.41 53.98
CA TRP B 74 1.23 22.33 53.81
C TRP B 74 0.65 22.22 52.41
N SER B 75 -0.65 22.51 52.31
CA SER B 75 -1.24 22.75 51.00
C SER B 75 -0.73 24.08 50.45
N SER B 76 -0.84 24.24 49.13
CA SER B 76 -0.26 25.41 48.47
C SER B 76 -1.02 26.70 48.78
N ASP B 77 -2.04 26.61 49.66
CA ASP B 77 -2.82 27.78 50.03
C ASP B 77 -2.83 28.02 51.53
N SER B 78 -1.95 27.37 52.29
CA SER B 78 -1.80 27.52 53.74
C SER B 78 -3.02 27.04 54.53
N ASN B 79 -4.05 26.52 53.86
CA ASN B 79 -5.28 26.15 54.55
C ASN B 79 -5.32 24.68 54.96
N LEU B 80 -4.62 23.81 54.24
CA LEU B 80 -4.64 22.38 54.51
C LEU B 80 -3.24 21.88 54.83
N LEU B 81 -3.18 20.77 55.54
CA LEU B 81 -1.93 20.13 55.93
C LEU B 81 -2.06 18.63 55.79
N VAL B 82 -1.11 18.03 55.07
CA VAL B 82 -1.05 16.58 54.94
C VAL B 82 -0.01 16.06 55.93
N SER B 83 -0.39 15.06 56.72
CA SER B 83 0.48 14.47 57.72
C SER B 83 0.60 12.98 57.44
N ALA B 84 1.82 12.53 57.21
CA ALA B 84 2.12 11.11 56.96
C ALA B 84 2.67 10.52 58.25
N SER B 85 1.92 9.63 58.88
CA SER B 85 2.26 9.14 60.21
C SER B 85 2.70 7.68 60.17
N ASP B 86 3.44 7.29 61.22
CA ASP B 86 3.92 5.92 61.34
C ASP B 86 2.79 4.90 61.39
N ASP B 87 1.53 5.33 61.48
CA ASP B 87 0.38 4.44 61.42
C ASP B 87 0.11 3.92 60.02
N LYS B 88 1.04 4.18 59.10
CA LYS B 88 0.95 3.81 57.69
C LYS B 88 -0.15 4.57 56.95
N THR B 89 -0.60 5.69 57.50
CA THR B 89 -1.69 6.46 56.93
C THR B 89 -1.30 7.93 56.80
N LEU B 90 -1.96 8.61 55.87
CA LEU B 90 -1.88 10.05 55.75
C LEU B 90 -3.21 10.66 56.18
N LYS B 91 -3.16 11.93 56.56
CA LYS B 91 -4.37 12.63 56.95
C LYS B 91 -4.26 14.10 56.57
N ILE B 92 -5.28 14.59 55.88
CA ILE B 92 -5.35 15.98 55.44
C ILE B 92 -6.30 16.71 56.36
N TRP B 93 -5.76 17.69 57.10
CA TRP B 93 -6.51 18.48 58.06
C TRP B 93 -6.60 19.92 57.59
N ASP B 94 -7.76 20.54 57.81
CA ASP B 94 -7.94 21.95 57.48
C ASP B 94 -7.29 22.78 58.58
N VAL B 95 -6.23 23.50 58.24
CA VAL B 95 -5.48 24.27 59.23
C VAL B 95 -6.36 25.34 59.86
N SER B 96 -7.28 25.92 59.08
CA SER B 96 -8.12 26.98 59.60
C SER B 96 -9.14 26.45 60.61
N SER B 97 -9.37 25.14 60.64
CA SER B 97 -10.33 24.54 61.56
C SER B 97 -9.80 23.35 62.34
N GLY B 98 -8.82 22.63 61.82
CA GLY B 98 -8.27 21.46 62.49
C GLY B 98 -8.98 20.16 62.22
N LYS B 99 -10.11 20.19 61.49
CA LYS B 99 -10.85 18.97 61.22
C LYS B 99 -10.14 18.14 60.17
N CYS B 100 -10.16 16.82 60.35
CA CYS B 100 -9.58 15.90 59.38
C CYS B 100 -10.44 15.86 58.14
N LEU B 101 -10.09 16.68 57.14
CA LEU B 101 -10.90 16.73 55.93
C LEU B 101 -10.77 15.46 55.11
N LYS B 102 -9.61 14.81 55.13
CA LYS B 102 -9.41 13.57 54.38
C LYS B 102 -8.53 12.61 55.16
N THR B 103 -8.74 11.33 54.93
CA THR B 103 -7.93 10.27 55.53
C THR B 103 -7.49 9.31 54.43
N LEU B 104 -6.18 9.20 54.25
CA LEU B 104 -5.57 8.44 53.16
C LEU B 104 -5.05 7.13 53.73
N LYS B 105 -5.72 6.04 53.37
CA LYS B 105 -5.33 4.69 53.79
C LYS B 105 -4.93 3.88 52.56
N GLY B 106 -4.04 2.91 52.78
CA GLY B 106 -3.58 2.07 51.70
C GLY B 106 -2.10 1.77 51.75
N HIS B 107 -1.32 2.68 52.31
CA HIS B 107 0.11 2.43 52.48
C HIS B 107 0.32 1.31 53.49
N SER B 108 1.06 0.28 53.08
CA SER B 108 1.26 -0.90 53.92
C SER B 108 2.38 -0.73 54.93
N ASN B 109 3.02 0.43 55.00
CA ASN B 109 4.17 0.61 55.89
C ASN B 109 4.30 2.09 56.24
N TYR B 110 5.37 2.42 56.96
CA TYR B 110 5.58 3.76 57.49
C TYR B 110 5.77 4.79 56.38
N VAL B 111 4.77 5.64 56.18
CA VAL B 111 4.89 6.76 55.24
C VAL B 111 5.90 7.75 55.83
N PHE B 112 7.00 7.96 55.11
CA PHE B 112 8.08 8.82 55.57
C PHE B 112 8.06 10.20 54.95
N CYS B 113 7.28 10.42 53.90
CA CYS B 113 7.28 11.70 53.21
C CYS B 113 5.92 11.94 52.56
N CYS B 114 5.48 13.20 52.59
CA CYS B 114 4.26 13.63 51.96
C CYS B 114 4.45 15.05 51.44
N ASN B 115 3.91 15.33 50.25
CA ASN B 115 4.07 16.66 49.66
C ASN B 115 2.96 16.89 48.66
N PHE B 116 2.54 18.15 48.55
CA PHE B 116 1.55 18.58 47.58
C PHE B 116 2.20 18.89 46.24
N ASN B 117 1.36 18.99 45.21
CA ASN B 117 1.80 19.54 43.95
C ASN B 117 1.64 21.05 43.97
N PRO B 118 2.31 21.77 43.05
CA PRO B 118 2.18 23.24 43.03
C PRO B 118 0.75 23.73 43.01
N GLN B 119 -0.18 23.00 42.38
CA GLN B 119 -1.58 23.38 42.41
C GLN B 119 -2.32 22.86 43.63
N SER B 120 -1.64 22.17 44.54
CA SER B 120 -2.20 21.61 45.76
C SER B 120 -3.30 20.59 45.48
N ASN B 121 -3.47 20.16 44.24
CA ASN B 121 -4.52 19.21 43.90
C ASN B 121 -4.05 17.76 44.00
N LEU B 122 -2.75 17.52 44.08
CA LEU B 122 -2.20 16.18 44.18
C LEU B 122 -1.40 16.05 45.48
N ILE B 123 -1.20 14.81 45.91
CA ILE B 123 -0.36 14.53 47.06
C ILE B 123 0.51 13.32 46.75
N VAL B 124 1.82 13.49 46.83
CA VAL B 124 2.77 12.39 46.64
C VAL B 124 3.22 11.91 48.00
N SER B 125 3.26 10.59 48.18
CA SER B 125 3.56 9.99 49.48
C SER B 125 4.48 8.79 49.28
N GLY B 126 5.69 8.87 49.81
CA GLY B 126 6.60 7.74 49.85
C GLY B 126 6.58 7.11 51.23
N SER B 127 6.57 5.79 51.26
CA SER B 127 6.37 5.04 52.49
C SER B 127 7.55 4.11 52.74
N PHE B 128 7.49 3.42 53.88
CA PHE B 128 8.48 2.40 54.20
C PHE B 128 8.35 1.19 53.26
N ASP B 129 7.17 1.00 52.67
CA ASP B 129 6.90 -0.13 51.77
C ASP B 129 7.57 0.03 50.40
N GLU B 130 8.46 1.03 50.27
CA GLU B 130 9.21 1.28 49.05
C GLU B 130 8.29 1.68 47.89
N SER B 131 7.13 2.25 48.20
CA SER B 131 6.16 2.63 47.19
C SER B 131 5.82 4.11 47.30
N VAL B 132 5.68 4.76 46.15
CA VAL B 132 5.25 6.15 46.06
C VAL B 132 3.84 6.16 45.51
N ARG B 133 2.93 6.81 46.23
CA ARG B 133 1.52 6.84 45.87
C ARG B 133 1.08 8.27 45.64
N ILE B 134 0.32 8.47 44.57
CA ILE B 134 -0.27 9.76 44.22
C ILE B 134 -1.74 9.73 44.60
N TRP B 135 -2.18 10.75 45.34
CA TRP B 135 -3.52 10.81 45.91
C TRP B 135 -4.20 12.10 45.51
N ASP B 136 -5.54 12.02 45.41
CA ASP B 136 -6.38 13.20 45.24
C ASP B 136 -6.44 13.98 46.54
N VAL B 137 -6.97 15.21 46.45
CA VAL B 137 -7.18 16.07 47.60
C VAL B 137 -8.66 16.31 47.86
N LYS B 138 -9.47 16.43 46.81
CA LYS B 138 -10.91 16.62 46.97
C LYS B 138 -11.64 15.31 47.18
N THR B 139 -11.09 14.20 46.70
CA THR B 139 -11.62 12.87 46.98
C THR B 139 -10.68 12.03 47.83
N GLY B 140 -9.41 12.41 47.93
CA GLY B 140 -8.45 11.69 48.75
C GLY B 140 -8.11 10.29 48.28
N LYS B 141 -8.68 9.83 47.17
CA LYS B 141 -8.43 8.48 46.71
C LYS B 141 -7.04 8.38 46.10
N CYS B 142 -6.39 7.23 46.32
CA CYS B 142 -5.08 6.99 45.75
C CYS B 142 -5.19 6.90 44.23
N LEU B 143 -4.59 7.87 43.55
CA LEU B 143 -4.70 7.93 42.10
C LEU B 143 -3.66 7.08 41.39
N LYS B 144 -2.50 6.87 42.01
CA LYS B 144 -1.45 6.07 41.40
C LYS B 144 -0.58 5.46 42.49
N THR B 145 0.16 4.43 42.12
CA THR B 145 1.04 3.72 43.04
C THR B 145 2.18 3.10 42.26
N LEU B 146 3.40 3.22 42.79
CA LEU B 146 4.59 2.76 42.10
C LEU B 146 5.56 2.10 43.08
N PRO B 147 6.09 0.92 42.77
CA PRO B 147 7.22 0.39 43.55
C PRO B 147 8.48 1.19 43.26
N ALA B 148 8.58 2.37 43.86
CA ALA B 148 9.54 3.36 43.41
C ALA B 148 10.99 2.94 43.65
N HIS B 149 11.28 2.35 44.81
CA HIS B 149 12.67 2.08 45.18
C HIS B 149 12.76 0.70 45.81
N SER B 150 13.98 0.33 46.19
CA SER B 150 14.24 -0.91 46.91
C SER B 150 14.43 -0.69 48.40
N ASP B 151 14.01 0.46 48.91
CA ASP B 151 14.14 0.81 50.31
C ASP B 151 13.03 1.78 50.68
N PRO B 152 12.79 1.99 51.97
CA PRO B 152 11.78 2.97 52.38
C PRO B 152 11.99 4.33 51.74
N VAL B 153 10.96 4.81 51.05
CA VAL B 153 11.01 6.13 50.42
C VAL B 153 10.83 7.18 51.50
N SER B 154 11.82 8.07 51.65
CA SER B 154 11.84 9.04 52.72
C SER B 154 11.66 10.48 52.27
N ALA B 155 11.66 10.73 50.96
CA ALA B 155 11.51 12.10 50.46
C ALA B 155 10.89 12.07 49.08
N VAL B 156 9.77 12.75 48.92
CA VAL B 156 9.12 12.92 47.63
C VAL B 156 8.73 14.38 47.49
N HIS B 157 8.79 14.88 46.25
CA HIS B 157 8.52 16.29 46.01
C HIS B 157 8.20 16.50 44.54
N PHE B 158 7.11 17.22 44.28
CA PHE B 158 6.81 17.64 42.92
C PHE B 158 7.86 18.64 42.44
N ASN B 159 7.92 18.82 41.12
CA ASN B 159 8.79 19.82 40.54
C ASN B 159 8.10 21.19 40.62
N ARG B 160 8.63 22.18 39.91
CA ARG B 160 8.11 23.54 40.00
C ARG B 160 6.67 23.64 39.52
N ASP B 161 6.21 22.73 38.66
CA ASP B 161 4.88 22.83 38.09
C ASP B 161 4.03 21.58 38.29
N GLY B 162 4.53 20.56 39.00
CA GLY B 162 3.77 19.36 39.22
C GLY B 162 3.88 18.30 38.15
N SER B 163 4.61 18.58 37.06
CA SER B 163 4.74 17.62 35.97
C SER B 163 5.74 16.52 36.28
N LEU B 164 6.61 16.71 37.26
CA LEU B 164 7.63 15.73 37.60
C LEU B 164 7.77 15.65 39.12
N ILE B 165 8.14 14.47 39.60
CA ILE B 165 8.27 14.23 41.04
C ILE B 165 9.64 13.62 41.30
N VAL B 166 10.45 14.30 42.08
CA VAL B 166 11.71 13.72 42.54
C VAL B 166 11.44 12.90 43.79
N SER B 167 12.20 11.81 43.95
CA SER B 167 11.97 10.88 45.04
C SER B 167 13.31 10.36 45.55
N SER B 168 13.37 10.16 46.87
CA SER B 168 14.56 9.71 47.55
C SER B 168 14.22 8.55 48.48
N SER B 169 15.14 7.59 48.57
CA SER B 169 14.98 6.46 49.47
C SER B 169 16.35 6.08 50.02
N TYR B 170 16.35 5.11 50.93
CA TYR B 170 17.59 4.71 51.60
C TYR B 170 18.54 3.94 50.68
N ASP B 171 18.13 3.61 49.45
CA ASP B 171 18.94 2.83 48.54
C ASP B 171 19.81 3.69 47.63
N GLY B 172 20.05 4.95 48.01
CA GLY B 172 20.94 5.83 47.27
C GLY B 172 20.41 6.35 45.95
N LEU B 173 19.30 5.84 45.45
CA LEU B 173 18.75 6.29 44.19
C LEU B 173 18.07 7.65 44.35
N CYS B 174 18.30 8.53 43.39
CA CYS B 174 17.59 9.81 43.32
C CYS B 174 16.70 9.75 42.09
N ARG B 175 15.48 9.24 42.24
CA ARG B 175 14.66 8.86 41.09
C ARG B 175 13.65 9.96 40.78
N ILE B 176 13.75 10.52 39.58
CA ILE B 176 12.78 11.50 39.10
C ILE B 176 11.81 10.78 38.18
N TRP B 177 10.53 10.88 38.53
CA TRP B 177 9.44 10.19 37.85
C TRP B 177 8.54 11.19 37.14
N ASP B 178 7.99 10.76 36.01
CA ASP B 178 6.91 11.49 35.37
C ASP B 178 5.62 11.29 36.16
N THR B 179 4.73 12.27 36.07
CA THR B 179 3.47 12.23 36.81
C THR B 179 2.28 11.91 35.93
N ALA B 180 2.20 12.50 34.73
CA ALA B 180 1.08 12.23 33.84
C ALA B 180 0.98 10.77 33.44
N SER B 181 2.08 10.02 33.51
CA SER B 181 2.05 8.60 33.17
C SER B 181 2.82 7.70 34.13
N GLY B 182 3.59 8.25 35.07
CA GLY B 182 4.25 7.44 36.07
C GLY B 182 5.58 6.85 35.66
N GLN B 183 6.23 7.43 34.65
CA GLN B 183 7.47 6.85 34.15
C GLN B 183 8.66 7.22 35.03
N CYS B 184 9.49 6.21 35.32
CA CYS B 184 10.78 6.43 35.98
C CYS B 184 11.72 7.06 34.98
N LEU B 185 11.65 8.38 34.87
CA LEU B 185 12.39 9.10 33.85
C LEU B 185 13.89 9.02 34.09
N LYS B 186 14.35 9.50 35.24
CA LYS B 186 15.77 9.55 35.52
C LYS B 186 16.07 8.91 36.87
N THR B 187 17.30 8.40 37.01
CA THR B 187 17.76 7.80 38.25
C THR B 187 19.17 8.35 38.53
N LEU B 188 19.23 9.48 39.23
CA LEU B 188 20.51 10.10 39.57
C LEU B 188 21.24 9.26 40.60
N ILE B 189 22.50 8.96 40.30
CA ILE B 189 23.42 8.24 41.18
C ILE B 189 24.76 8.95 41.13
N ASP B 190 25.41 9.08 42.29
CA ASP B 190 26.67 9.80 42.42
C ASP B 190 27.87 8.86 42.37
N ASP B 191 27.78 7.81 41.54
CA ASP B 191 28.82 6.80 41.40
C ASP B 191 29.06 6.06 42.71
N ASP B 192 28.02 5.97 43.54
CA ASP B 192 28.07 5.25 44.80
C ASP B 192 26.63 4.98 45.22
N ASN B 193 26.46 4.43 46.42
CA ASN B 193 25.15 4.17 47.00
C ASN B 193 25.10 4.70 48.43
N PRO B 194 25.13 6.02 48.61
CA PRO B 194 24.91 6.59 49.93
C PRO B 194 23.43 6.84 50.15
N PRO B 195 22.87 6.39 51.27
CA PRO B 195 21.43 6.58 51.51
C PRO B 195 21.02 8.04 51.42
N VAL B 196 20.23 8.37 50.39
CA VAL B 196 19.77 9.74 50.19
C VAL B 196 18.46 9.89 50.96
N SER B 197 18.51 10.57 52.10
CA SER B 197 17.35 10.65 52.97
C SER B 197 16.35 11.70 52.50
N PHE B 198 16.83 12.85 52.04
CA PHE B 198 15.95 13.92 51.60
C PHE B 198 16.34 14.37 50.20
N VAL B 199 15.34 14.82 49.44
CA VAL B 199 15.55 15.36 48.10
C VAL B 199 14.47 16.39 47.83
N LYS B 200 14.78 17.36 46.98
CA LYS B 200 13.82 18.39 46.60
C LYS B 200 14.33 19.11 45.37
N PHE B 201 13.40 19.69 44.62
CA PHE B 201 13.74 20.46 43.43
C PHE B 201 14.32 21.82 43.82
N SER B 202 14.60 22.63 42.81
CA SER B 202 15.09 23.99 43.00
C SER B 202 13.92 24.97 42.93
N PRO B 203 14.14 26.21 43.38
CA PRO B 203 13.11 27.24 43.17
C PRO B 203 12.72 27.41 41.71
N ASN B 204 13.69 27.35 40.80
CA ASN B 204 13.39 27.43 39.38
C ASN B 204 13.05 26.08 38.77
N GLY B 205 13.14 25.00 39.54
CA GLY B 205 12.89 23.67 39.02
C GLY B 205 13.97 23.10 38.15
N LYS B 206 14.95 23.90 37.74
CA LYS B 206 16.02 23.39 36.88
C LYS B 206 16.98 22.50 37.65
N TYR B 207 17.08 22.68 38.96
CA TYR B 207 18.00 21.93 39.79
C TYR B 207 17.25 21.12 40.83
N ILE B 208 17.99 20.25 41.51
CA ILE B 208 17.43 19.35 42.51
C ILE B 208 18.45 19.20 43.63
N LEU B 209 18.02 19.45 44.87
CA LEU B 209 18.86 19.29 46.04
C LEU B 209 18.55 17.95 46.69
N ALA B 210 19.58 17.11 46.85
CA ALA B 210 19.45 15.80 47.48
C ALA B 210 20.34 15.75 48.71
N ALA B 211 19.73 15.49 49.87
CA ALA B 211 20.46 15.33 51.11
C ALA B 211 20.77 13.86 51.32
N THR B 212 22.05 13.50 51.31
CA THR B 212 22.45 12.12 51.50
C THR B 212 22.92 11.90 52.94
N LEU B 213 22.78 10.67 53.42
CA LEU B 213 23.14 10.35 54.79
C LEU B 213 24.63 10.08 54.93
N ASP B 214 25.46 10.97 54.38
CA ASP B 214 26.90 10.96 54.59
C ASP B 214 27.43 12.37 54.79
N ASN B 215 26.61 13.25 55.35
CA ASN B 215 26.96 14.66 55.58
C ASN B 215 27.23 15.38 54.25
N THR B 216 26.27 15.26 53.33
CA THR B 216 26.44 15.81 51.99
C THR B 216 25.10 16.29 51.44
N LEU B 217 25.12 17.48 50.85
CA LEU B 217 24.01 18.03 50.10
C LEU B 217 24.46 18.21 48.66
N LYS B 218 23.86 17.47 47.74
CA LYS B 218 24.25 17.48 46.34
C LYS B 218 23.21 18.26 45.54
N LEU B 219 23.63 19.36 44.93
CA LEU B 219 22.78 20.15 44.04
C LEU B 219 23.08 19.73 42.62
N TRP B 220 22.17 18.96 42.03
CA TRP B 220 22.27 18.50 40.65
C TRP B 220 21.52 19.44 39.74
N ASP B 221 22.00 19.57 38.50
CA ASP B 221 21.25 20.25 37.46
C ASP B 221 20.30 19.24 36.83
N TYR B 222 19.01 19.33 37.18
CA TYR B 222 18.06 18.35 36.64
C TYR B 222 17.93 18.47 35.14
N SER B 223 18.12 19.68 34.59
CA SER B 223 18.15 19.84 33.15
C SER B 223 19.32 19.09 32.52
N LYS B 224 20.37 18.82 33.29
CA LYS B 224 21.52 18.07 32.81
C LYS B 224 21.61 16.67 33.38
N GLY B 225 21.13 16.46 34.61
CA GLY B 225 21.20 15.16 35.23
C GLY B 225 22.52 14.84 35.91
N LYS B 226 23.33 15.86 36.20
CA LYS B 226 24.61 15.67 36.87
C LYS B 226 24.74 16.66 38.01
N CYS B 227 25.41 16.23 39.08
CA CYS B 227 25.58 17.09 40.25
C CYS B 227 26.49 18.27 39.91
N LEU B 228 26.05 19.46 40.32
CA LEU B 228 26.81 20.68 40.10
C LEU B 228 27.50 21.16 41.36
N LYS B 229 26.78 21.24 42.48
CA LYS B 229 27.30 21.81 43.70
C LYS B 229 27.32 20.78 44.82
N THR B 230 28.31 20.90 45.70
CA THR B 230 28.47 20.03 46.85
C THR B 230 28.48 20.87 48.11
N TYR B 231 27.80 20.39 49.15
CA TYR B 231 27.75 21.06 50.45
C TYR B 231 28.11 20.04 51.52
N THR B 232 29.25 20.24 52.16
CA THR B 232 29.77 19.31 53.16
C THR B 232 30.29 20.12 54.34
N GLY B 233 30.36 19.46 55.50
CA GLY B 233 30.75 20.09 56.74
C GLY B 233 29.69 20.01 57.82
N HIS B 234 28.46 19.67 57.46
CA HIS B 234 27.37 19.50 58.40
C HIS B 234 27.38 18.07 58.94
N LYS B 235 26.34 17.69 59.67
CA LYS B 235 26.24 16.34 60.21
C LYS B 235 24.85 15.80 59.92
N ASN B 236 24.76 14.91 58.94
CA ASN B 236 23.50 14.23 58.60
C ASN B 236 23.87 12.80 58.17
N GLU B 237 23.64 11.84 59.07
CA GLU B 237 24.08 10.48 58.82
C GLU B 237 22.94 9.47 59.01
N LYS B 238 22.01 9.77 59.91
CA LYS B 238 20.91 8.85 60.19
C LYS B 238 19.54 9.45 59.88
N TYR B 239 19.25 10.63 60.42
CA TYR B 239 17.89 11.16 60.34
C TYR B 239 17.67 11.88 59.01
N CYS B 240 16.39 11.99 58.64
CA CYS B 240 15.98 12.64 57.40
C CYS B 240 15.94 14.15 57.64
N ILE B 241 17.12 14.77 57.57
CA ILE B 241 17.24 16.20 57.81
C ILE B 241 16.71 16.96 56.61
N PHE B 242 15.86 17.96 56.87
CA PHE B 242 15.25 18.75 55.82
C PHE B 242 16.05 20.03 55.60
N ALA B 243 16.26 20.39 54.34
CA ALA B 243 17.05 21.55 53.96
C ALA B 243 16.17 22.61 53.30
N ASN B 244 16.72 23.81 53.19
CA ASN B 244 15.99 24.97 52.68
C ASN B 244 16.87 25.77 51.73
N PHE B 245 16.23 26.39 50.75
CA PHE B 245 16.82 27.42 49.92
C PHE B 245 16.43 28.78 50.49
N SER B 246 17.37 29.72 50.49
CA SER B 246 17.13 31.07 50.95
C SER B 246 17.31 32.01 49.77
N VAL B 247 16.20 32.55 49.25
CA VAL B 247 16.22 33.42 48.09
C VAL B 247 15.59 34.75 48.44
N THR B 248 14.71 34.75 49.46
CA THR B 248 14.06 35.98 49.88
C THR B 248 15.08 37.02 50.30
N GLY B 249 16.02 36.63 51.16
CA GLY B 249 17.14 37.50 51.51
C GLY B 249 18.37 37.11 50.74
N GLY B 250 19.43 36.73 51.46
CA GLY B 250 20.62 36.21 50.80
C GLY B 250 20.41 34.77 50.36
N LYS B 251 20.95 34.45 49.19
CA LYS B 251 20.80 33.11 48.62
C LYS B 251 21.66 32.14 49.42
N TRP B 252 21.04 31.39 50.32
CA TRP B 252 21.75 30.44 51.17
C TRP B 252 21.21 29.04 50.98
N ILE B 253 21.99 28.07 51.43
CA ILE B 253 21.57 26.69 51.56
C ILE B 253 21.60 26.36 53.04
N VAL B 254 20.43 26.21 53.65
CA VAL B 254 20.31 25.99 55.09
C VAL B 254 19.99 24.52 55.33
N SER B 255 20.56 23.95 56.40
CA SER B 255 20.30 22.55 56.70
C SER B 255 20.56 22.29 58.17
N GLY B 256 19.63 21.59 58.81
CA GLY B 256 19.85 21.08 60.15
C GLY B 256 20.99 20.08 60.16
N SER B 257 21.42 19.73 61.37
CA SER B 257 22.58 18.86 61.50
C SER B 257 22.49 18.05 62.78
N GLU B 258 23.24 16.95 62.81
CA GLU B 258 23.30 16.06 63.96
C GLU B 258 24.33 16.51 65.00
N ASP B 259 24.84 17.74 64.90
CA ASP B 259 25.76 18.28 65.88
C ASP B 259 25.15 19.52 66.54
N ASN B 260 23.84 19.50 66.73
CA ASN B 260 23.10 20.56 67.42
C ASN B 260 23.19 21.90 66.69
N LEU B 261 23.74 21.89 65.47
CA LEU B 261 24.00 23.09 64.71
C LEU B 261 23.10 23.13 63.48
N VAL B 262 22.78 24.34 63.03
CA VAL B 262 22.05 24.56 61.79
C VAL B 262 23.01 25.25 60.83
N TYR B 263 23.53 24.49 59.88
CA TYR B 263 24.51 25.04 58.95
C TYR B 263 23.84 25.88 57.88
N ILE B 264 24.54 26.90 57.41
CA ILE B 264 24.07 27.79 56.36
C ILE B 264 25.26 28.07 55.46
N TRP B 265 25.23 27.52 54.24
CA TRP B 265 26.26 27.75 53.25
C TRP B 265 25.82 28.81 52.26
N ASN B 266 26.80 29.44 51.60
CA ASN B 266 26.50 30.29 50.47
C ASN B 266 26.00 29.44 49.30
N LEU B 267 25.12 30.04 48.49
CA LEU B 267 24.51 29.29 47.39
C LEU B 267 25.55 28.98 46.31
N GLN B 268 26.26 30.01 45.83
CA GLN B 268 27.17 29.80 44.72
C GLN B 268 28.50 29.18 45.17
N THR B 269 29.08 29.72 46.24
CA THR B 269 30.42 29.29 46.67
C THR B 269 30.40 28.05 47.55
N LYS B 270 29.24 27.66 48.07
CA LYS B 270 29.11 26.46 48.91
C LYS B 270 29.99 26.54 50.16
N GLU B 271 30.25 27.75 50.63
CA GLU B 271 31.03 27.98 51.83
C GLU B 271 30.11 28.29 53.01
N ILE B 272 30.46 27.76 54.19
CA ILE B 272 29.66 27.97 55.38
C ILE B 272 29.61 29.47 55.69
N VAL B 273 28.44 30.08 55.53
CA VAL B 273 28.29 31.51 55.81
C VAL B 273 27.64 31.79 57.15
N GLN B 274 27.03 30.79 57.79
CA GLN B 274 26.57 30.97 59.16
C GLN B 274 26.35 29.61 59.80
N LYS B 275 26.40 29.60 61.14
CA LYS B 275 26.25 28.38 61.93
C LYS B 275 25.31 28.70 63.10
N LEU B 276 24.02 28.44 62.91
CA LEU B 276 23.01 28.70 63.93
C LEU B 276 23.12 27.63 65.01
N GLN B 277 23.84 27.97 66.07
CA GLN B 277 23.91 27.12 67.25
C GLN B 277 22.89 27.59 68.29
N GLY B 278 22.52 26.68 69.17
CA GLY B 278 21.51 26.96 70.17
C GLY B 278 20.62 25.77 70.43
N HIS B 279 20.50 24.89 69.44
CA HIS B 279 19.85 23.61 69.66
C HIS B 279 20.76 22.72 70.50
N THR B 280 20.14 21.86 71.31
CA THR B 280 20.91 20.92 72.12
C THR B 280 20.89 19.50 71.56
N ASP B 281 19.99 19.21 70.63
CA ASP B 281 19.88 17.91 70.00
C ASP B 281 20.06 18.06 68.50
N VAL B 282 20.06 16.92 67.81
CA VAL B 282 20.12 16.86 66.35
C VAL B 282 19.02 17.75 65.78
N VAL B 283 19.41 18.74 64.97
CA VAL B 283 18.42 19.61 64.34
C VAL B 283 17.74 18.79 63.25
N ILE B 284 16.55 18.26 63.57
CA ILE B 284 15.92 17.27 62.70
C ILE B 284 15.41 17.93 61.43
N SER B 285 14.85 19.12 61.53
CA SER B 285 14.19 19.72 60.38
C SER B 285 14.49 21.21 60.33
N THR B 286 14.37 21.78 59.13
CA THR B 286 14.51 23.20 58.92
C THR B 286 13.46 23.65 57.93
N ALA B 287 12.87 24.81 58.19
CA ALA B 287 11.86 25.40 57.31
C ALA B 287 12.25 26.85 57.02
N CYS B 288 12.24 27.21 55.73
CA CYS B 288 12.52 28.57 55.32
C CYS B 288 11.21 29.34 55.15
N HIS B 289 11.17 30.56 55.66
CA HIS B 289 9.99 31.39 55.50
C HIS B 289 9.77 31.67 54.02
N PRO B 290 8.54 31.53 53.51
CA PRO B 290 8.32 31.75 52.07
C PRO B 290 8.56 33.18 51.62
N THR B 291 8.47 34.15 52.52
CA THR B 291 8.65 35.54 52.14
C THR B 291 9.69 36.27 52.99
N GLU B 292 9.76 35.97 54.28
CA GLU B 292 10.62 36.68 55.21
C GLU B 292 11.91 35.89 55.43
N ASN B 293 12.86 36.51 56.12
CA ASN B 293 14.12 35.85 56.48
C ASN B 293 14.02 35.17 57.85
N ILE B 294 13.03 34.28 57.99
CA ILE B 294 12.80 33.55 59.24
C ILE B 294 13.02 32.07 58.97
N ILE B 295 13.94 31.47 59.72
CA ILE B 295 14.24 30.05 59.62
C ILE B 295 13.73 29.38 60.88
N ALA B 296 12.86 28.38 60.71
CA ALA B 296 12.37 27.57 61.82
C ALA B 296 13.19 26.28 61.85
N SER B 297 14.12 26.20 62.79
CA SER B 297 14.98 25.04 62.95
C SER B 297 14.46 24.21 64.13
N ALA B 298 14.05 22.98 63.86
CA ALA B 298 13.52 22.09 64.88
C ALA B 298 14.50 20.96 65.14
N ALA B 299 14.70 20.64 66.42
CA ALA B 299 15.60 19.59 66.83
C ALA B 299 14.83 18.41 67.40
N LEU B 300 15.55 17.31 67.63
CA LEU B 300 14.94 16.04 67.98
C LEU B 300 14.56 15.92 69.45
N GLU B 301 14.30 14.69 69.89
CA GLU B 301 13.65 14.47 71.18
C GLU B 301 14.47 15.00 72.34
N ASN B 302 15.81 14.92 72.26
CA ASN B 302 16.62 15.46 73.35
C ASN B 302 16.56 16.98 73.41
N ASP B 303 15.95 17.62 72.43
CA ASP B 303 15.65 19.05 72.47
C ASP B 303 14.16 19.32 72.45
N LYS B 304 13.43 18.75 71.49
CA LYS B 304 11.98 18.92 71.33
C LYS B 304 11.60 20.38 71.13
N THR B 305 12.50 21.19 70.59
CA THR B 305 12.24 22.61 70.40
C THR B 305 12.42 23.02 68.95
N ILE B 306 11.58 23.95 68.52
CA ILE B 306 11.77 24.67 67.27
C ILE B 306 12.26 26.07 67.65
N LYS B 307 13.04 26.67 66.77
CA LYS B 307 13.62 27.98 67.04
C LYS B 307 13.52 28.85 65.79
N LEU B 308 13.05 30.07 65.97
CA LEU B 308 12.98 31.04 64.88
C LEU B 308 14.24 31.88 64.85
N TRP B 309 14.84 32.00 63.66
CA TRP B 309 16.06 32.76 63.48
C TRP B 309 15.85 33.78 62.36
N LYS B 310 16.13 35.04 62.65
CA LYS B 310 15.92 36.13 61.71
C LYS B 310 17.24 36.84 61.44
N SER B 311 17.59 36.97 60.16
CA SER B 311 18.81 37.63 59.74
C SER B 311 18.49 39.01 59.17
N ASP B 312 19.54 39.81 59.00
CA ASP B 312 19.43 41.13 58.37
C ASP B 312 20.26 41.22 57.09
N CYS B 313 20.79 40.08 56.62
CA CYS B 313 21.60 40.06 55.41
C CYS B 313 21.61 38.67 54.80
N LEU C 54 10.61 -19.14 7.21
CA LEU C 54 11.10 -17.84 7.64
C LEU C 54 12.61 -17.86 7.86
N PRO C 55 13.31 -16.91 7.24
CA PRO C 55 14.77 -16.85 7.41
C PRO C 55 15.13 -16.52 8.85
N MET C 56 16.24 -17.10 9.31
CA MET C 56 16.76 -16.80 10.64
C MET C 56 17.00 -15.32 10.86
N PRO C 57 17.60 -14.56 9.93
CA PRO C 57 17.66 -13.11 10.13
C PRO C 57 16.29 -12.46 10.17
N MET C 58 15.36 -12.91 9.32
CA MET C 58 14.02 -12.32 9.32
C MET C 58 13.27 -12.63 10.60
N ARG C 59 13.36 -13.88 11.08
CA ARG C 59 12.71 -14.23 12.35
C ARG C 59 13.36 -13.50 13.51
N PHE C 60 14.68 -13.29 13.45
CA PHE C 60 15.36 -12.51 14.49
C PHE C 60 14.87 -11.06 14.49
N ARG C 61 14.70 -10.48 13.30
CA ARG C 61 14.19 -9.12 13.20
C ARG C 61 12.77 -9.04 13.75
N HIS C 62 11.93 -10.03 13.40
CA HIS C 62 10.57 -10.03 13.92
C HIS C 62 10.55 -10.22 15.43
N LEU C 63 11.50 -10.98 15.97
CA LEU C 63 11.63 -11.07 17.42
C LEU C 63 11.97 -9.72 18.02
N LYS C 64 13.02 -9.08 17.50
CA LYS C 64 13.40 -7.76 18.00
C LYS C 64 12.24 -6.76 17.91
N LYS C 65 11.38 -6.91 16.91
CA LYS C 65 10.24 -6.03 16.77
C LYS C 65 9.13 -6.36 17.77
N THR C 66 8.86 -7.65 17.98
CA THR C 66 7.71 -8.05 18.78
C THR C 66 8.06 -8.59 20.16
N SER C 67 9.34 -8.73 20.50
CA SER C 67 9.69 -9.21 21.83
C SER C 67 9.16 -8.28 22.91
N LYS C 68 9.30 -6.96 22.70
CA LYS C 68 8.85 -6.01 23.71
C LYS C 68 7.36 -6.15 23.99
N GLU C 69 6.57 -6.42 22.95
CA GLU C 69 5.16 -6.72 23.12
C GLU C 69 4.90 -8.20 23.34
N ALA C 70 5.95 -9.00 23.51
CA ALA C 70 5.80 -10.41 23.86
C ALA C 70 6.36 -10.76 25.24
N VAL C 71 7.26 -9.93 25.79
CA VAL C 71 7.82 -10.18 27.10
C VAL C 71 7.46 -9.00 28.01
N GLY C 72 7.46 -9.27 29.32
CA GLY C 72 7.31 -8.22 30.30
C GLY C 72 8.17 -8.52 31.50
N VAL C 73 8.28 -7.56 32.40
CA VAL C 73 9.04 -7.73 33.63
C VAL C 73 8.14 -7.33 34.80
N TYR C 74 7.87 -8.28 35.70
CA TYR C 74 7.02 -8.02 36.84
C TYR C 74 7.66 -8.64 38.07
N ARG C 75 6.90 -8.69 39.17
CA ARG C 75 7.37 -9.35 40.37
C ARG C 75 7.44 -10.86 40.14
N SER C 76 8.62 -11.42 40.36
CA SER C 76 8.81 -12.84 40.09
C SER C 76 8.53 -13.67 41.34
N PRO C 77 7.66 -14.68 41.26
CA PRO C 77 7.56 -15.62 42.37
C PRO C 77 8.79 -16.48 42.52
N ILE C 78 9.60 -16.61 41.46
CA ILE C 78 10.81 -17.41 41.53
C ILE C 78 11.93 -16.63 42.22
N HIS C 79 12.31 -15.49 41.68
CA HIS C 79 13.39 -14.69 42.26
C HIS C 79 13.25 -13.25 41.81
N GLY C 80 12.97 -12.35 42.76
CA GLY C 80 12.92 -10.92 42.52
C GLY C 80 12.06 -10.48 41.36
N ARG C 81 12.69 -9.93 40.32
CA ARG C 81 12.01 -9.43 39.14
C ARG C 81 12.14 -10.45 38.01
N GLY C 82 11.02 -10.84 37.43
CA GLY C 82 11.01 -11.93 36.47
C GLY C 82 10.33 -11.55 35.17
N LEU C 83 10.74 -12.24 34.12
CA LEU C 83 10.14 -12.08 32.80
C LEU C 83 8.83 -12.86 32.74
N PHE C 84 7.77 -12.20 32.29
CA PHE C 84 6.45 -12.78 32.20
C PHE C 84 5.98 -12.77 30.75
N CYS C 85 5.12 -13.74 30.43
CA CYS C 85 4.57 -13.89 29.09
C CYS C 85 3.28 -13.07 29.02
N LYS C 86 3.35 -11.92 28.34
CA LYS C 86 2.19 -11.02 28.26
C LYS C 86 1.18 -11.44 27.19
N ARG C 87 1.50 -12.45 26.39
CA ARG C 87 0.61 -12.94 25.35
C ARG C 87 1.12 -14.28 24.87
N ASN C 88 0.19 -15.19 24.56
CA ASN C 88 0.48 -16.59 24.25
C ASN C 88 1.68 -16.73 23.33
N ILE C 89 2.69 -17.46 23.79
CA ILE C 89 3.92 -17.69 23.04
C ILE C 89 3.95 -19.17 22.67
N ASP C 90 3.63 -19.47 21.41
CA ASP C 90 3.67 -20.85 20.95
C ASP C 90 5.10 -21.36 20.87
N ALA C 91 5.24 -22.68 20.89
CA ALA C 91 6.55 -23.29 20.78
C ALA C 91 7.17 -23.03 19.41
N GLY C 92 8.50 -22.97 19.39
CA GLY C 92 9.21 -22.70 18.15
C GLY C 92 9.40 -21.22 17.89
N GLU C 93 8.44 -20.41 18.31
CA GLU C 93 8.53 -18.98 18.12
C GLU C 93 9.58 -18.38 19.04
N MET C 94 10.23 -17.33 18.55
CA MET C 94 11.27 -16.65 19.33
C MET C 94 10.63 -15.96 20.54
N VAL C 95 11.12 -16.27 21.74
CA VAL C 95 10.62 -15.59 22.93
C VAL C 95 11.34 -14.26 23.12
N ILE C 96 12.66 -14.30 23.34
CA ILE C 96 13.39 -13.05 23.56
C ILE C 96 14.90 -13.27 23.39
N GLU C 97 15.58 -12.32 22.76
CA GLU C 97 17.03 -12.35 22.70
C GLU C 97 17.61 -11.86 24.01
N TYR C 98 18.64 -12.53 24.50
CA TYR C 98 19.40 -12.03 25.65
C TYR C 98 20.37 -11.00 25.13
N ALA C 99 19.88 -9.76 24.99
CA ALA C 99 20.71 -8.69 24.47
C ALA C 99 21.75 -8.27 25.50
N GLY C 100 22.88 -7.80 25.01
CA GLY C 100 23.97 -7.38 25.87
C GLY C 100 25.25 -7.23 25.09
N ILE C 101 26.25 -6.68 25.76
CA ILE C 101 27.55 -6.44 25.15
C ILE C 101 28.20 -7.78 24.81
N VAL C 102 28.40 -8.04 23.52
CA VAL C 102 29.07 -9.27 23.10
C VAL C 102 30.58 -9.08 23.30
N ILE C 103 31.11 -9.69 24.35
CA ILE C 103 32.53 -9.64 24.64
C ILE C 103 33.12 -11.01 24.30
N ARG C 104 34.45 -11.07 24.33
CA ARG C 104 35.13 -12.37 24.21
C ARG C 104 35.19 -13.03 25.57
N SER C 105 35.17 -14.37 25.57
CA SER C 105 35.25 -15.10 26.84
C SER C 105 36.54 -14.77 27.59
N ILE C 106 37.63 -14.53 26.86
CA ILE C 106 38.87 -14.10 27.48
C ILE C 106 38.71 -12.77 28.19
N LEU C 107 37.73 -11.96 27.80
CA LEU C 107 37.43 -10.71 28.46
C LEU C 107 36.51 -10.88 29.67
N THR C 108 35.90 -12.06 29.83
CA THR C 108 34.95 -12.26 30.92
C THR C 108 35.63 -12.11 32.27
N ASP C 109 36.67 -12.91 32.52
CA ASP C 109 37.31 -12.97 33.83
C ASP C 109 37.72 -11.58 34.31
N LYS C 110 38.54 -10.88 33.51
CA LYS C 110 38.95 -9.53 33.88
C LYS C 110 37.75 -8.62 34.11
N ARG C 111 36.71 -8.77 33.29
CA ARG C 111 35.48 -8.03 33.53
C ARG C 111 34.78 -8.55 34.78
N GLU C 112 34.71 -9.88 34.93
CA GLU C 112 34.08 -10.49 36.10
C GLU C 112 34.67 -9.93 37.38
N LYS C 113 35.99 -10.04 37.53
CA LYS C 113 36.69 -9.44 38.66
C LYS C 113 36.36 -7.96 38.76
N TYR C 114 36.37 -7.26 37.61
CA TYR C 114 35.99 -5.85 37.60
C TYR C 114 34.58 -5.65 38.13
N TYR C 115 33.65 -6.53 37.73
CA TYR C 115 32.30 -6.45 38.28
C TYR C 115 32.28 -6.80 39.75
N ASP C 116 33.19 -7.65 40.20
CA ASP C 116 33.35 -7.90 41.62
C ASP C 116 33.73 -6.63 42.38
N SER C 117 34.28 -5.64 41.68
CA SER C 117 34.58 -4.36 42.33
C SER C 117 33.32 -3.53 42.53
N LYS C 118 32.27 -3.78 41.75
CA LYS C 118 31.05 -3.00 41.83
C LYS C 118 29.88 -3.77 42.44
N GLY C 119 29.97 -5.10 42.53
CA GLY C 119 28.93 -5.89 43.16
C GLY C 119 27.63 -5.95 42.40
N ILE C 120 27.64 -5.50 41.15
CA ILE C 120 26.45 -5.55 40.30
C ILE C 120 26.27 -6.98 39.81
N GLY C 121 25.01 -7.39 39.66
CA GLY C 121 24.68 -8.74 39.23
C GLY C 121 25.39 -9.20 37.98
N CYS C 122 26.12 -10.30 38.07
CA CYS C 122 26.88 -10.84 36.94
C CYS C 122 25.91 -11.43 35.93
N TYR C 123 25.62 -10.67 34.87
CA TYR C 123 24.72 -11.11 33.82
C TYR C 123 25.57 -11.50 32.61
N MET C 124 26.03 -12.75 32.61
CA MET C 124 26.87 -13.28 31.56
C MET C 124 26.32 -14.62 31.09
N PHE C 125 26.13 -14.75 29.78
CA PHE C 125 25.74 -16.02 29.18
C PHE C 125 26.74 -16.41 28.10
N ARG C 126 27.21 -17.64 28.18
CA ARG C 126 28.25 -18.13 27.26
C ARG C 126 27.68 -18.25 25.86
N ILE C 127 28.13 -17.38 24.96
CA ILE C 127 27.76 -17.51 23.54
C ILE C 127 28.27 -18.84 22.99
N ASP C 128 29.57 -19.04 23.05
CA ASP C 128 30.22 -20.24 22.57
C ASP C 128 31.57 -20.35 23.28
N ASP C 129 32.45 -21.21 22.78
CA ASP C 129 33.79 -21.34 23.35
C ASP C 129 34.66 -20.12 23.13
N SER C 130 34.15 -19.05 22.51
CA SER C 130 34.95 -17.88 22.20
C SER C 130 34.38 -16.58 22.75
N GLU C 131 33.06 -16.41 22.75
CA GLU C 131 32.45 -15.15 23.16
C GLU C 131 31.39 -15.39 24.22
N VAL C 132 30.93 -14.29 24.83
CA VAL C 132 29.96 -14.29 25.91
C VAL C 132 29.16 -12.99 25.82
N VAL C 133 27.84 -13.10 25.97
CA VAL C 133 27.01 -11.90 26.09
C VAL C 133 27.02 -11.47 27.55
N ASP C 134 27.49 -10.24 27.80
CA ASP C 134 27.59 -9.67 29.14
C ASP C 134 26.60 -8.52 29.23
N ALA C 135 25.61 -8.65 30.11
CA ALA C 135 24.55 -7.65 30.26
C ALA C 135 24.46 -7.12 31.68
N THR C 136 25.59 -7.02 32.38
CA THR C 136 25.56 -6.54 33.76
C THR C 136 25.09 -5.08 33.83
N MET C 137 25.74 -4.19 33.08
CA MET C 137 25.37 -2.78 33.05
C MET C 137 24.56 -2.41 31.82
N HIS C 138 24.89 -2.95 30.66
CA HIS C 138 24.21 -2.65 29.41
C HIS C 138 23.65 -3.94 28.84
N GLY C 139 22.32 -4.11 28.93
CA GLY C 139 21.68 -5.31 28.43
C GLY C 139 20.23 -5.09 28.08
N ASN C 140 19.38 -6.07 28.39
CA ASN C 140 17.95 -5.98 28.12
C ASN C 140 17.19 -6.66 29.26
N ALA C 141 15.88 -6.79 29.09
CA ALA C 141 15.05 -7.42 30.11
C ALA C 141 15.31 -8.91 30.24
N ALA C 142 15.96 -9.53 29.25
CA ALA C 142 16.25 -10.97 29.33
C ALA C 142 17.18 -11.31 30.48
N ARG C 143 17.82 -10.32 31.10
CA ARG C 143 18.57 -10.57 32.33
C ARG C 143 17.66 -11.13 33.41
N PHE C 144 16.42 -10.63 33.49
CA PHE C 144 15.52 -10.95 34.58
C PHE C 144 14.70 -12.22 34.33
N ILE C 145 15.05 -13.00 33.30
CA ILE C 145 14.44 -14.31 33.15
C ILE C 145 14.97 -15.24 34.22
N ASN C 146 14.09 -15.99 34.87
CA ASN C 146 14.48 -16.86 35.95
C ASN C 146 14.86 -18.25 35.43
N HIS C 147 15.79 -18.89 36.13
CA HIS C 147 16.15 -20.27 35.81
C HIS C 147 14.97 -21.19 36.13
N SER C 148 14.78 -22.20 35.29
CA SER C 148 13.65 -23.10 35.44
C SER C 148 14.09 -24.50 35.05
N CYS C 149 13.93 -25.45 35.98
CA CYS C 149 14.34 -26.83 35.72
C CYS C 149 13.39 -27.53 34.77
N GLU C 150 12.13 -27.11 34.70
CA GLU C 150 11.18 -27.54 33.68
C GLU C 150 10.85 -26.34 32.81
N PRO C 151 11.78 -25.92 31.96
CA PRO C 151 11.60 -24.64 31.27
C PRO C 151 10.65 -24.75 30.09
N ASN C 152 9.75 -23.77 29.99
CA ASN C 152 8.96 -23.60 28.78
C ASN C 152 9.74 -22.86 27.70
N CYS C 153 11.03 -22.63 27.92
CA CYS C 153 11.90 -21.94 26.97
C CYS C 153 13.26 -22.62 26.97
N TYR C 154 13.99 -22.47 25.87
CA TYR C 154 15.32 -23.03 25.72
C TYR C 154 16.24 -22.03 25.05
N SER C 155 17.52 -22.08 25.43
CA SER C 155 18.52 -21.15 24.94
C SER C 155 19.16 -21.67 23.67
N ARG C 156 19.39 -20.77 22.71
CA ARG C 156 20.16 -21.08 21.52
C ARG C 156 21.02 -19.88 21.16
N VAL C 157 22.01 -20.10 20.31
CA VAL C 157 22.87 -19.04 19.80
C VAL C 157 22.79 -19.10 18.28
N ILE C 158 21.96 -18.25 17.69
CA ILE C 158 21.67 -18.31 16.26
C ILE C 158 22.50 -17.26 15.53
N ASN C 159 22.87 -17.58 14.28
CA ASN C 159 23.68 -16.69 13.49
C ASN C 159 22.82 -15.83 12.59
N ILE C 160 23.12 -14.52 12.59
CA ILE C 160 22.43 -13.53 11.77
C ILE C 160 23.50 -12.77 11.01
N ASP C 161 23.61 -13.04 9.70
CA ASP C 161 24.53 -12.32 8.82
C ASP C 161 25.97 -12.33 9.34
N GLY C 162 26.32 -13.37 10.08
CA GLY C 162 27.66 -13.50 10.62
C GLY C 162 27.86 -13.06 12.06
N GLN C 163 26.77 -12.78 12.79
CA GLN C 163 26.86 -12.39 14.19
C GLN C 163 25.96 -13.30 15.02
N LYS C 164 26.49 -13.81 16.13
CA LYS C 164 25.77 -14.79 16.94
C LYS C 164 24.98 -14.07 18.03
N HIS C 165 23.66 -14.24 17.99
CA HIS C 165 22.77 -13.69 19.00
C HIS C 165 22.25 -14.81 19.89
N ILE C 166 22.24 -14.57 21.20
CA ILE C 166 21.73 -15.52 22.18
C ILE C 166 20.22 -15.29 22.26
N VAL C 167 19.45 -16.21 21.70
CA VAL C 167 18.00 -16.09 21.64
C VAL C 167 17.39 -17.22 22.46
N ILE C 168 16.49 -16.87 23.36
CA ILE C 168 15.67 -17.85 24.07
C ILE C 168 14.40 -18.06 23.27
N PHE C 169 14.20 -19.29 22.79
CA PHE C 169 12.99 -19.69 22.09
C PHE C 169 12.06 -20.41 23.07
N ALA C 170 10.86 -20.72 22.60
CA ALA C 170 9.84 -21.36 23.43
C ALA C 170 10.00 -22.87 23.35
N MET C 171 10.23 -23.51 24.50
CA MET C 171 10.26 -24.97 24.54
C MET C 171 8.86 -25.55 24.34
N ARG C 172 7.85 -24.90 24.90
CA ARG C 172 6.47 -25.32 24.75
C ARG C 172 5.61 -24.08 24.53
N LYS C 173 4.32 -24.30 24.32
CA LYS C 173 3.38 -23.20 24.13
C LYS C 173 3.21 -22.47 25.46
N ILE C 174 3.71 -21.25 25.54
CA ILE C 174 3.59 -20.42 26.72
C ILE C 174 2.34 -19.57 26.59
N TYR C 175 1.72 -19.24 27.72
CA TYR C 175 0.45 -18.55 27.72
C TYR C 175 0.54 -17.25 28.52
N ARG C 176 -0.43 -16.38 28.27
CA ARG C 176 -0.45 -15.06 28.89
C ARG C 176 -0.47 -15.17 30.41
N GLY C 177 0.35 -14.34 31.05
CA GLY C 177 0.48 -14.35 32.49
C GLY C 177 1.56 -15.26 33.04
N GLU C 178 1.99 -16.26 32.27
CA GLU C 178 3.03 -17.17 32.73
C GLU C 178 4.37 -16.44 32.81
N GLU C 179 5.12 -16.73 33.89
CA GLU C 179 6.45 -16.15 34.04
C GLU C 179 7.41 -16.83 33.07
N LEU C 180 7.89 -16.06 32.10
CA LEU C 180 8.82 -16.59 31.11
C LEU C 180 10.12 -17.00 31.78
N THR C 181 10.50 -18.27 31.61
CA THR C 181 11.66 -18.84 32.28
C THR C 181 12.30 -19.88 31.37
N TYR C 182 13.63 -19.94 31.39
CA TYR C 182 14.36 -20.95 30.62
C TYR C 182 15.40 -21.61 31.51
N ASP C 183 16.13 -22.57 30.93
CA ASP C 183 17.17 -23.30 31.64
C ASP C 183 18.51 -22.61 31.42
N TYR C 184 19.11 -22.14 32.51
CA TYR C 184 20.41 -21.48 32.42
C TYR C 184 21.52 -22.40 31.95
N LYS C 185 21.28 -23.71 31.95
CA LYS C 185 22.29 -24.72 31.58
C LYS C 185 23.54 -24.58 32.46
N PHE C 186 23.32 -24.26 33.72
CA PHE C 186 24.43 -24.09 34.65
C PHE C 186 24.93 -25.44 35.14
N PRO C 187 26.24 -25.66 35.21
CA PRO C 187 26.75 -26.95 35.66
C PRO C 187 26.49 -27.17 37.14
N ILE C 188 26.77 -28.40 37.58
CA ILE C 188 26.57 -28.76 38.98
C ILE C 188 27.66 -28.14 39.83
N GLU C 189 27.28 -27.38 40.85
CA GLU C 189 28.22 -26.80 41.78
C GLU C 189 28.20 -27.57 43.10
N ASP C 190 28.96 -27.10 44.07
CA ASP C 190 29.06 -27.78 45.36
C ASP C 190 28.05 -27.23 46.35
N LYS C 194 25.76 -24.33 45.20
CA LYS C 194 24.35 -24.74 45.16
C LYS C 194 23.43 -23.53 45.28
N LEU C 195 22.84 -23.13 44.15
CA LEU C 195 21.92 -22.00 44.11
C LEU C 195 20.50 -22.55 44.04
N PRO C 196 19.71 -22.46 45.12
CA PRO C 196 18.40 -23.11 45.14
C PRO C 196 17.47 -22.57 44.04
N CYS C 197 16.75 -23.49 43.40
CA CYS C 197 15.85 -23.18 42.30
C CYS C 197 14.43 -23.04 42.81
N ASN C 198 13.79 -21.91 42.50
CA ASN C 198 12.44 -21.61 42.93
C ASN C 198 11.46 -21.65 41.76
N CYS C 199 11.70 -22.52 40.79
CA CYS C 199 10.80 -22.62 39.63
C CYS C 199 9.41 -23.07 40.03
N GLY C 200 9.30 -23.86 41.09
CA GLY C 200 8.03 -24.43 41.50
C GLY C 200 7.53 -25.55 40.63
N ALA C 201 8.31 -26.00 39.65
CA ALA C 201 7.89 -27.08 38.77
C ALA C 201 8.04 -28.43 39.48
N LYS C 202 7.88 -29.50 38.70
CA LYS C 202 7.85 -30.84 39.27
C LYS C 202 9.22 -31.52 39.26
N LYS C 203 10.01 -31.31 38.21
CA LYS C 203 11.32 -31.94 38.06
C LYS C 203 12.46 -31.00 38.43
N CYS C 204 12.26 -30.18 39.47
CA CYS C 204 13.29 -29.26 39.90
C CYS C 204 14.55 -30.01 40.32
N ARG C 205 15.71 -29.50 39.90
CA ARG C 205 17.00 -30.08 40.30
C ARG C 205 17.40 -29.68 41.70
N LYS C 206 16.45 -29.13 42.45
CA LYS C 206 16.61 -28.71 43.84
C LYS C 206 17.57 -27.53 43.95
N PHE C 207 18.18 -27.15 42.83
CA PHE C 207 19.15 -26.05 42.78
C PHE C 207 19.26 -25.59 41.33
N LEU C 208 19.84 -24.39 41.16
CA LEU C 208 20.27 -23.98 39.84
C LEU C 208 21.50 -24.75 39.37
N ASN C 209 22.16 -25.47 40.28
CA ASN C 209 23.39 -26.18 39.96
C ASN C 209 23.28 -27.64 40.40
N LYS D 38 -42.57 -17.91 7.95
CA LYS D 38 -41.13 -17.82 8.14
C LYS D 38 -40.44 -17.33 6.87
N PRO D 39 -39.41 -16.50 7.03
CA PRO D 39 -38.69 -15.99 5.87
C PRO D 39 -37.96 -17.11 5.14
N HIS D 40 -37.87 -16.98 3.82
CA HIS D 40 -37.21 -17.97 2.98
C HIS D 40 -35.95 -17.38 2.36
N ARG D 41 -34.92 -18.20 2.23
CA ARG D 41 -33.69 -17.83 1.55
C ARG D 41 -33.26 -18.98 0.65
N TYR D 42 -32.97 -18.66 -0.60
CA TYR D 42 -32.52 -19.68 -1.54
C TYR D 42 -31.16 -20.21 -1.12
N ARG D 43 -30.89 -21.44 -1.53
CA ARG D 43 -29.56 -22.00 -1.33
C ARG D 43 -28.55 -21.22 -2.15
N PRO D 44 -27.29 -21.15 -1.68
CA PRO D 44 -26.31 -20.30 -2.37
C PRO D 44 -26.12 -20.71 -3.82
N GLY D 45 -25.79 -19.73 -4.64
CA GLY D 45 -25.54 -19.97 -6.06
C GLY D 45 -26.75 -20.05 -6.96
N THR D 46 -27.86 -20.60 -6.44
CA THR D 46 -29.08 -20.74 -7.23
C THR D 46 -29.50 -19.40 -7.84
N VAL D 47 -29.57 -18.36 -7.01
CA VAL D 47 -29.86 -17.03 -7.52
C VAL D 47 -28.78 -16.61 -8.50
N ALA D 48 -27.52 -16.88 -8.17
CA ALA D 48 -26.43 -16.57 -9.08
C ALA D 48 -26.53 -17.38 -10.36
N LEU D 49 -27.00 -18.63 -10.28
CA LEU D 49 -27.18 -19.43 -11.48
C LEU D 49 -28.24 -18.82 -12.39
N ARG D 50 -29.36 -18.41 -11.80
CA ARG D 50 -30.39 -17.74 -12.59
C ARG D 50 -29.87 -16.44 -13.17
N GLU D 51 -29.00 -15.75 -12.42
CA GLU D 51 -28.36 -14.55 -12.93
C GLU D 51 -27.53 -14.86 -14.16
N ILE D 52 -26.72 -15.92 -14.09
CA ILE D 52 -25.94 -16.35 -15.25
C ILE D 52 -26.85 -16.64 -16.43
N ARG D 53 -27.95 -17.34 -16.17
CA ARG D 53 -28.88 -17.68 -17.26
C ARG D 53 -29.41 -16.43 -17.93
N ARG D 54 -29.94 -15.50 -17.14
CA ARG D 54 -30.54 -14.31 -17.73
C ARG D 54 -29.49 -13.41 -18.37
N TYR D 55 -28.25 -13.46 -17.88
CA TYR D 55 -27.22 -12.61 -18.45
C TYR D 55 -26.72 -13.16 -19.78
N GLN D 56 -26.50 -14.47 -19.85
CA GLN D 56 -26.24 -15.09 -21.14
C GLN D 56 -27.42 -14.90 -22.08
N LYS D 57 -28.63 -14.78 -21.53
CA LYS D 57 -29.79 -14.49 -22.36
C LYS D 57 -29.81 -13.03 -22.80
N SER D 58 -29.65 -12.12 -21.85
CA SER D 58 -29.66 -10.70 -22.17
C SER D 58 -28.41 -10.33 -22.96
N THR D 59 -28.42 -9.11 -23.51
CA THR D 59 -27.32 -8.64 -24.33
C THR D 59 -26.89 -7.21 -24.05
N GLU D 60 -27.57 -6.49 -23.17
CA GLU D 60 -27.19 -5.11 -22.88
C GLU D 60 -25.86 -5.07 -22.12
N LEU D 61 -25.38 -3.86 -21.87
CA LEU D 61 -24.13 -3.71 -21.15
C LEU D 61 -24.35 -3.93 -19.66
N LEU D 62 -23.27 -4.23 -18.95
CA LEU D 62 -23.34 -4.53 -17.52
C LEU D 62 -22.53 -3.54 -16.68
N ILE D 63 -22.03 -2.47 -17.29
CA ILE D 63 -21.25 -1.47 -16.58
C ILE D 63 -21.89 -0.12 -16.79
N ARG D 64 -22.02 0.66 -15.72
CA ARG D 64 -22.64 1.97 -15.81
C ARG D 64 -21.79 2.89 -16.68
N LYS D 65 -22.46 3.65 -17.54
CA LYS D 65 -21.76 4.37 -18.61
C LYS D 65 -20.82 5.42 -18.05
N LEU D 66 -21.36 6.41 -17.34
CA LEU D 66 -20.57 7.56 -16.88
C LEU D 66 -19.32 7.18 -16.10
N PRO D 67 -19.35 6.22 -15.16
CA PRO D 67 -18.10 5.85 -14.49
C PRO D 67 -17.06 5.32 -15.46
N PHE D 68 -17.50 4.48 -16.40
CA PHE D 68 -16.57 3.96 -17.39
C PHE D 68 -15.99 5.08 -18.24
N GLN D 69 -16.83 6.02 -18.67
CA GLN D 69 -16.35 7.13 -19.47
C GLN D 69 -15.35 7.98 -18.70
N ARG D 70 -15.63 8.22 -17.41
CA ARG D 70 -14.70 8.98 -16.59
C ARG D 70 -13.37 8.24 -16.46
N LEU D 71 -13.42 6.91 -16.32
CA LEU D 71 -12.20 6.13 -16.30
C LEU D 71 -11.42 6.28 -17.60
N VAL D 72 -12.12 6.22 -18.73
CA VAL D 72 -11.45 6.37 -20.02
C VAL D 72 -10.77 7.74 -20.11
N ARG D 73 -11.47 8.78 -19.68
CA ARG D 73 -10.89 10.11 -19.73
C ARG D 73 -9.68 10.21 -18.81
N GLU D 74 -9.74 9.59 -17.63
CA GLU D 74 -8.61 9.59 -16.73
C GLU D 74 -7.41 8.89 -17.34
N ILE D 75 -7.65 7.79 -18.05
CA ILE D 75 -6.55 7.08 -18.69
C ILE D 75 -6.01 7.90 -19.86
N ALA D 76 -6.88 8.61 -20.57
CA ALA D 76 -6.46 9.36 -21.74
C ALA D 76 -5.59 10.55 -21.35
N GLN D 77 -5.99 11.26 -20.28
CA GLN D 77 -5.24 12.44 -19.88
C GLN D 77 -3.80 12.10 -19.52
N ASP D 78 -3.52 10.82 -19.26
CA ASP D 78 -2.16 10.41 -18.96
C ASP D 78 -1.24 10.53 -20.16
N PHE D 79 -1.75 10.30 -21.37
CA PHE D 79 -0.95 10.41 -22.58
C PHE D 79 -1.05 11.78 -23.23
N LYS D 80 -2.17 12.46 -23.10
CA LYS D 80 -2.33 13.83 -23.57
C LYS D 80 -3.61 14.39 -22.97
N THR D 81 -3.54 15.63 -22.49
CA THR D 81 -4.70 16.24 -21.88
C THR D 81 -5.61 16.84 -22.95
N ASP D 82 -6.85 17.13 -22.55
CA ASP D 82 -7.83 17.81 -23.39
C ASP D 82 -8.06 17.05 -24.68
N LEU D 83 -8.51 15.81 -24.54
CA LEU D 83 -8.80 14.95 -25.68
C LEU D 83 -10.28 14.59 -25.64
N ARG D 84 -11.02 15.01 -26.66
CA ARG D 84 -12.45 14.76 -26.70
C ARG D 84 -12.70 13.36 -27.23
N PHE D 85 -13.96 12.92 -27.14
CA PHE D 85 -14.32 11.58 -27.58
C PHE D 85 -15.70 11.60 -28.19
N GLN D 86 -15.86 10.86 -29.29
CA GLN D 86 -17.19 10.61 -29.81
C GLN D 86 -17.93 9.69 -28.86
N SER D 87 -19.22 9.97 -28.66
CA SER D 87 -20.03 9.10 -27.82
C SER D 87 -19.97 7.66 -28.30
N SER D 88 -20.13 7.45 -29.60
CA SER D 88 -20.03 6.11 -30.16
C SER D 88 -18.65 5.53 -29.92
N ALA D 89 -17.61 6.37 -29.99
CA ALA D 89 -16.25 5.88 -29.78
C ALA D 89 -16.11 5.27 -28.39
N VAL D 90 -16.41 6.03 -27.36
CA VAL D 90 -16.26 5.53 -26.00
C VAL D 90 -17.21 4.38 -25.73
N MET D 91 -18.40 4.40 -26.34
CA MET D 91 -19.30 3.27 -26.20
C MET D 91 -18.66 2.00 -26.75
N ALA D 92 -18.03 2.10 -27.93
CA ALA D 92 -17.36 0.94 -28.50
C ALA D 92 -16.21 0.48 -27.63
N LEU D 93 -15.42 1.43 -27.11
CA LEU D 93 -14.40 1.10 -26.12
C LEU D 93 -14.99 0.23 -25.01
N GLN D 94 -16.05 0.74 -24.39
CA GLN D 94 -16.62 0.09 -23.22
C GLN D 94 -17.13 -1.30 -23.55
N GLU D 95 -17.80 -1.44 -24.68
CA GLU D 95 -18.39 -2.74 -25.00
C GLU D 95 -17.31 -3.74 -25.40
N ALA D 96 -16.29 -3.30 -26.14
CA ALA D 96 -15.20 -4.20 -26.48
C ALA D 96 -14.48 -4.67 -25.23
N SER D 97 -14.23 -3.75 -24.29
CA SER D 97 -13.59 -4.13 -23.04
C SER D 97 -14.47 -5.10 -22.26
N GLU D 98 -15.77 -4.87 -22.24
CA GLU D 98 -16.68 -5.78 -21.54
C GLU D 98 -16.62 -7.17 -22.13
N ALA D 99 -16.65 -7.27 -23.46
CA ALA D 99 -16.59 -8.59 -24.10
C ALA D 99 -15.27 -9.28 -23.83
N TYR D 100 -14.16 -8.51 -23.86
CA TYR D 100 -12.87 -9.08 -23.52
C TYR D 100 -12.87 -9.64 -22.11
N LEU D 101 -13.47 -8.89 -21.18
CA LEU D 101 -13.57 -9.36 -19.80
C LEU D 101 -14.45 -10.60 -19.70
N VAL D 102 -15.51 -10.67 -20.51
CA VAL D 102 -16.35 -11.86 -20.47
C VAL D 102 -15.57 -13.08 -20.93
N ALA D 103 -14.76 -12.92 -21.99
CA ALA D 103 -13.93 -14.03 -22.45
C ALA D 103 -12.94 -14.45 -21.37
N LEU D 104 -12.32 -13.46 -20.72
CA LEU D 104 -11.40 -13.76 -19.63
C LEU D 104 -12.11 -14.48 -18.49
N PHE D 105 -13.29 -14.01 -18.11
CA PHE D 105 -14.04 -14.69 -17.07
C PHE D 105 -14.38 -16.11 -17.46
N GLU D 106 -14.77 -16.31 -18.72
CA GLU D 106 -15.12 -17.64 -19.20
C GLU D 106 -13.96 -18.60 -19.08
N ASP D 107 -12.82 -18.26 -19.68
CA ASP D 107 -11.73 -19.22 -19.70
C ASP D 107 -11.10 -19.36 -18.33
N THR D 108 -11.15 -18.32 -17.49
CA THR D 108 -10.69 -18.46 -16.11
C THR D 108 -11.58 -19.40 -15.33
N ASN D 109 -12.90 -19.30 -15.52
CA ASN D 109 -13.82 -20.21 -14.86
C ASN D 109 -13.57 -21.64 -15.31
N LEU D 110 -13.33 -21.84 -16.61
CA LEU D 110 -13.04 -23.17 -17.09
C LEU D 110 -11.74 -23.70 -16.48
N CYS D 111 -10.72 -22.85 -16.40
CA CYS D 111 -9.47 -23.25 -15.75
C CYS D 111 -9.69 -23.62 -14.29
N ALA D 112 -10.56 -22.87 -13.60
CA ALA D 112 -10.88 -23.19 -12.22
C ALA D 112 -11.59 -24.54 -12.11
N ILE D 113 -12.47 -24.84 -13.07
CA ILE D 113 -13.02 -26.18 -13.16
C ILE D 113 -11.90 -27.21 -13.24
N HIS D 114 -10.93 -26.94 -14.11
CA HIS D 114 -9.78 -27.82 -14.21
C HIS D 114 -9.00 -27.85 -12.90
N ALA D 115 -9.08 -26.79 -12.11
CA ALA D 115 -8.50 -26.76 -10.78
C ALA D 115 -9.42 -27.39 -9.74
N LYS D 116 -10.51 -28.03 -10.18
CA LYS D 116 -11.46 -28.74 -9.33
C LYS D 116 -12.15 -27.82 -8.32
N ARG D 117 -12.22 -26.53 -8.61
CA ARG D 117 -12.90 -25.57 -7.75
C ARG D 117 -13.95 -24.81 -8.52
N VAL D 118 -14.98 -24.35 -7.81
CA VAL D 118 -15.99 -23.48 -8.40
C VAL D 118 -15.72 -22.01 -8.13
N THR D 119 -14.92 -21.71 -7.11
CA THR D 119 -14.59 -20.33 -6.76
C THR D 119 -13.30 -19.96 -7.47
N ILE D 120 -13.35 -18.89 -8.27
CA ILE D 120 -12.15 -18.45 -8.98
C ILE D 120 -11.17 -17.83 -8.01
N MET D 121 -9.88 -17.91 -8.34
CA MET D 121 -8.82 -17.32 -7.55
C MET D 121 -7.92 -16.49 -8.44
N PRO D 122 -7.36 -15.40 -7.93
CA PRO D 122 -6.57 -14.51 -8.80
C PRO D 122 -5.43 -15.20 -9.51
N LYS D 123 -4.85 -16.23 -8.90
CA LYS D 123 -3.82 -17.01 -9.57
C LYS D 123 -4.37 -17.66 -10.84
N ASP D 124 -5.64 -18.04 -10.83
CA ASP D 124 -6.25 -18.60 -12.02
C ASP D 124 -6.29 -17.57 -13.14
N ILE D 125 -6.66 -16.34 -12.83
CA ILE D 125 -6.71 -15.30 -13.84
C ILE D 125 -5.32 -14.99 -14.36
N GLN D 126 -4.33 -14.93 -13.46
CA GLN D 126 -2.96 -14.73 -13.90
C GLN D 126 -2.50 -15.85 -14.82
N LEU D 127 -2.85 -17.09 -14.48
CA LEU D 127 -2.52 -18.23 -15.34
C LEU D 127 -3.16 -18.10 -16.70
N ALA D 128 -4.44 -17.71 -16.73
CA ALA D 128 -5.14 -17.59 -18.01
C ALA D 128 -4.50 -16.51 -18.87
N ARG D 129 -4.18 -15.36 -18.28
CA ARG D 129 -3.49 -14.32 -19.02
C ARG D 129 -2.15 -14.81 -19.53
N ARG D 130 -1.43 -15.55 -18.70
CA ARG D 130 -0.15 -16.14 -19.11
C ARG D 130 -0.33 -17.03 -20.32
N ILE D 131 -1.40 -17.81 -20.35
CA ILE D 131 -1.65 -18.69 -21.49
C ILE D 131 -2.02 -17.89 -22.72
N ARG D 132 -2.79 -16.82 -22.54
CA ARG D 132 -3.21 -15.98 -23.66
C ARG D 132 -2.09 -15.15 -24.23
N GLY D 133 -0.85 -15.35 -23.78
CA GLY D 133 0.24 -14.53 -24.26
C GLY D 133 0.20 -13.09 -23.81
N GLU D 134 -0.65 -12.77 -22.83
CA GLU D 134 -0.78 -11.41 -22.31
C GLU D 134 0.16 -11.14 -21.14
N ARG D 135 1.25 -11.90 -21.04
CA ARG D 135 2.21 -11.70 -19.96
C ARG D 135 3.64 -11.88 -20.46
N LYS E 21 -10.13 20.84 -14.15
CA LYS E 21 -10.80 19.55 -14.04
C LYS E 21 -9.84 18.40 -14.30
N VAL E 22 -9.27 17.87 -13.23
CA VAL E 22 -8.33 16.75 -13.32
C VAL E 22 -8.98 15.52 -12.70
N LEU E 23 -8.93 14.40 -13.41
CA LEU E 23 -9.65 13.19 -13.03
C LEU E 23 -8.68 12.22 -12.35
N ARG E 24 -9.22 11.41 -11.43
CA ARG E 24 -8.34 10.55 -10.67
C ARG E 24 -9.12 9.40 -10.05
N ASP E 25 -8.51 8.21 -10.06
CA ASP E 25 -8.95 7.02 -9.35
C ASP E 25 -10.36 6.57 -9.73
N ASN E 26 -10.81 6.89 -10.93
CA ASN E 26 -12.14 6.42 -11.31
C ASN E 26 -12.16 4.93 -11.61
N ILE E 27 -11.05 4.23 -11.45
CA ILE E 27 -11.06 2.77 -11.63
C ILE E 27 -11.96 2.13 -10.60
N GLN E 28 -12.07 2.72 -9.41
CA GLN E 28 -13.00 2.22 -8.42
C GLN E 28 -14.45 2.45 -8.81
N GLY E 29 -14.70 3.28 -9.82
CA GLY E 29 -16.04 3.37 -10.38
C GLY E 29 -16.57 2.05 -10.89
N ILE E 30 -15.67 1.13 -11.22
CA ILE E 30 -16.07 -0.23 -11.57
C ILE E 30 -16.54 -0.91 -10.30
N THR E 31 -17.85 -1.06 -10.17
CA THR E 31 -18.43 -1.60 -8.94
C THR E 31 -18.28 -3.10 -8.91
N LYS E 32 -18.04 -3.65 -7.72
CA LYS E 32 -18.07 -5.10 -7.51
C LYS E 32 -19.31 -5.76 -8.08
N PRO E 33 -20.52 -5.22 -7.92
CA PRO E 33 -21.66 -5.81 -8.62
C PRO E 33 -21.47 -5.84 -10.13
N ALA E 34 -20.82 -4.82 -10.70
CA ALA E 34 -20.57 -4.85 -12.14
C ALA E 34 -19.62 -5.97 -12.51
N ILE E 35 -18.56 -6.15 -11.72
CA ILE E 35 -17.60 -7.21 -11.99
C ILE E 35 -18.29 -8.56 -11.91
N ARG E 36 -19.10 -8.76 -10.86
CA ARG E 36 -19.78 -10.04 -10.73
C ARG E 36 -20.84 -10.23 -11.80
N ARG E 37 -21.43 -9.14 -12.30
CA ARG E 37 -22.34 -9.25 -13.44
C ARG E 37 -21.60 -9.74 -14.68
N LEU E 38 -20.43 -9.14 -14.94
CA LEU E 38 -19.60 -9.61 -16.04
C LEU E 38 -19.26 -11.09 -15.87
N ALA E 39 -18.96 -11.50 -14.63
CA ALA E 39 -18.62 -12.89 -14.39
C ALA E 39 -19.80 -13.81 -14.67
N ARG E 40 -20.98 -13.43 -14.19
CA ARG E 40 -22.18 -14.20 -14.48
C ARG E 40 -22.40 -14.32 -15.98
N ARG E 41 -22.22 -13.22 -16.71
CA ARG E 41 -22.31 -13.27 -18.17
C ARG E 41 -21.31 -14.27 -18.72
N GLY E 42 -20.09 -14.26 -18.19
CA GLY E 42 -19.11 -15.25 -18.55
C GLY E 42 -19.39 -16.64 -18.05
N GLY E 43 -20.40 -16.81 -17.21
CA GLY E 43 -20.75 -18.13 -16.72
C GLY E 43 -19.99 -18.55 -15.48
N VAL E 44 -19.88 -17.67 -14.50
CA VAL E 44 -19.17 -17.97 -13.26
C VAL E 44 -20.16 -17.95 -12.10
N LYS E 45 -20.10 -18.97 -11.26
CA LYS E 45 -21.06 -19.11 -10.17
C LYS E 45 -20.54 -18.47 -8.88
N ARG E 46 -19.41 -18.94 -8.38
CA ARG E 46 -18.82 -18.43 -7.15
C ARG E 46 -17.49 -17.78 -7.43
N ILE E 47 -17.24 -16.66 -6.75
CA ILE E 47 -16.05 -15.84 -7.01
C ILE E 47 -15.44 -15.45 -5.69
N SER E 48 -14.12 -15.26 -5.69
CA SER E 48 -13.44 -14.69 -4.54
C SER E 48 -13.43 -13.17 -4.64
N GLY E 49 -13.22 -12.52 -3.50
CA GLY E 49 -13.15 -11.07 -3.50
C GLY E 49 -11.89 -10.55 -4.17
N LEU E 50 -10.77 -11.22 -3.92
CA LEU E 50 -9.46 -10.77 -4.39
C LEU E 50 -9.43 -10.65 -5.91
N ILE E 51 -10.46 -11.14 -6.58
CA ILE E 51 -10.53 -11.03 -8.02
C ILE E 51 -10.71 -9.58 -8.44
N TYR E 52 -11.61 -8.87 -7.77
CA TYR E 52 -12.16 -7.61 -8.28
C TYR E 52 -11.07 -6.65 -8.71
N GLU E 53 -10.23 -6.22 -7.77
CA GLU E 53 -9.18 -5.27 -8.08
C GLU E 53 -8.28 -5.80 -9.19
N GLU E 54 -7.92 -7.08 -9.12
CA GLU E 54 -7.15 -7.71 -10.17
C GLU E 54 -7.83 -7.50 -11.51
N THR E 55 -9.11 -7.85 -11.57
CA THR E 55 -9.95 -7.56 -12.73
C THR E 55 -9.70 -6.13 -13.19
N ARG E 56 -9.95 -5.16 -12.29
CA ARG E 56 -9.70 -3.77 -12.58
C ARG E 56 -8.34 -3.59 -13.25
N GLY E 57 -7.30 -4.07 -12.57
CA GLY E 57 -5.96 -4.05 -13.10
C GLY E 57 -5.95 -4.53 -14.53
N VAL E 58 -6.34 -5.80 -14.74
CA VAL E 58 -6.36 -6.37 -16.09
C VAL E 58 -7.13 -5.44 -17.02
N LEU E 59 -8.31 -5.02 -16.60
CA LEU E 59 -9.09 -4.07 -17.38
C LEU E 59 -8.23 -2.89 -17.78
N LYS E 60 -7.71 -2.18 -16.78
CA LYS E 60 -6.80 -1.07 -17.04
C LYS E 60 -5.71 -1.50 -18.02
N VAL E 61 -5.05 -2.64 -17.74
CA VAL E 61 -4.01 -3.14 -18.64
C VAL E 61 -4.51 -3.13 -20.07
N PHE E 62 -5.63 -3.81 -20.32
CA PHE E 62 -6.25 -3.78 -21.63
C PHE E 62 -6.37 -2.35 -22.12
N LEU E 63 -7.12 -1.54 -21.37
CA LEU E 63 -7.23 -0.12 -21.69
C LEU E 63 -5.87 0.49 -21.96
N GLU E 64 -4.93 0.31 -21.03
CA GLU E 64 -3.62 0.96 -21.11
C GLU E 64 -3.02 0.85 -22.49
N ASN E 65 -3.33 -0.24 -23.20
CA ASN E 65 -2.84 -0.34 -24.57
C ASN E 65 -3.72 0.45 -25.52
N VAL E 66 -4.96 0.00 -25.70
CA VAL E 66 -5.73 0.40 -26.88
C VAL E 66 -5.92 1.91 -26.91
N ILE E 67 -6.43 2.46 -25.81
CA ILE E 67 -6.73 3.89 -25.75
C ILE E 67 -5.51 4.69 -26.20
N ARG E 68 -4.33 4.28 -25.72
CA ARG E 68 -3.11 4.99 -26.09
C ARG E 68 -2.94 5.02 -27.59
N ASP E 69 -2.89 3.84 -28.21
CA ASP E 69 -2.81 3.76 -29.66
C ASP E 69 -3.89 4.61 -30.30
N ALA E 70 -5.09 4.58 -29.70
CA ALA E 70 -6.18 5.41 -30.17
C ALA E 70 -5.73 6.85 -30.35
N VAL E 71 -5.29 7.49 -29.27
CA VAL E 71 -4.89 8.89 -29.39
C VAL E 71 -3.74 9.00 -30.36
N THR E 72 -2.88 7.98 -30.41
CA THR E 72 -1.79 7.96 -31.37
C THR E 72 -2.32 8.16 -32.78
N TYR E 73 -3.32 7.37 -33.16
CA TYR E 73 -4.03 7.61 -34.41
C TYR E 73 -4.54 9.04 -34.46
N THR E 74 -5.30 9.43 -33.43
CA THR E 74 -5.75 10.81 -33.32
C THR E 74 -4.58 11.78 -33.41
N GLU E 75 -3.45 11.40 -32.82
CA GLU E 75 -2.26 12.23 -32.92
C GLU E 75 -1.86 12.43 -34.38
N HIS E 76 -1.77 11.32 -35.12
CA HIS E 76 -1.40 11.44 -36.53
C HIS E 76 -2.51 12.13 -37.31
N ALA E 77 -3.75 11.99 -36.87
CA ALA E 77 -4.86 12.70 -37.51
C ALA E 77 -4.81 14.19 -37.28
N LYS E 78 -3.87 14.68 -36.45
CA LYS E 78 -3.77 16.09 -36.09
C LYS E 78 -5.07 16.63 -35.53
N ARG E 79 -5.85 15.78 -34.87
CA ARG E 79 -7.16 16.14 -34.34
C ARG E 79 -7.11 16.13 -32.82
N LYS E 80 -8.15 16.69 -32.22
CA LYS E 80 -8.22 16.80 -30.76
C LYS E 80 -9.18 15.79 -30.13
N THR E 81 -10.14 15.28 -30.88
CA THR E 81 -11.06 14.28 -30.38
C THR E 81 -10.71 12.90 -30.94
N VAL E 82 -11.18 11.87 -30.25
CA VAL E 82 -10.93 10.50 -30.64
C VAL E 82 -12.12 10.01 -31.47
N THR E 83 -11.82 9.28 -32.54
CA THR E 83 -12.82 8.77 -33.45
C THR E 83 -13.02 7.28 -33.21
N ALA E 84 -14.28 6.84 -33.32
CA ALA E 84 -14.57 5.40 -33.24
C ALA E 84 -13.73 4.62 -34.25
N MET E 85 -13.57 5.16 -35.45
CA MET E 85 -12.71 4.52 -36.44
C MET E 85 -11.32 4.28 -35.89
N ASP E 86 -10.82 5.22 -35.08
CA ASP E 86 -9.47 5.10 -34.54
C ASP E 86 -9.36 3.87 -33.63
N VAL E 87 -10.34 3.69 -32.74
CA VAL E 87 -10.24 2.53 -31.85
C VAL E 87 -10.51 1.24 -32.60
N VAL E 88 -11.34 1.30 -33.66
CA VAL E 88 -11.48 0.12 -34.51
C VAL E 88 -10.13 -0.27 -35.09
N TYR E 89 -9.40 0.72 -35.62
CA TYR E 89 -8.08 0.43 -36.16
C TYR E 89 -7.13 -0.07 -35.09
N ALA E 90 -7.25 0.46 -33.87
CA ALA E 90 -6.40 0.00 -32.77
C ALA E 90 -6.65 -1.47 -32.49
N LEU E 91 -7.91 -1.84 -32.29
CA LEU E 91 -8.25 -3.24 -32.02
C LEU E 91 -7.84 -4.13 -33.19
N LYS E 92 -7.91 -3.60 -34.41
CA LYS E 92 -7.44 -4.33 -35.58
C LYS E 92 -5.94 -4.61 -35.46
N ARG E 93 -5.18 -3.57 -35.12
CA ARG E 93 -3.74 -3.74 -34.92
C ARG E 93 -3.46 -4.64 -33.73
N GLN E 94 -4.35 -4.67 -32.75
CA GLN E 94 -4.20 -5.54 -31.60
C GLN E 94 -4.83 -6.92 -31.81
N GLY E 95 -5.23 -7.23 -33.04
CA GLY E 95 -5.79 -8.54 -33.31
C GLY E 95 -7.07 -8.86 -32.57
N ARG E 96 -7.82 -7.84 -32.16
CA ARG E 96 -9.08 -8.01 -31.46
C ARG E 96 -10.14 -7.11 -32.07
N THR E 97 -10.25 -7.17 -33.39
CA THR E 97 -11.12 -6.26 -34.13
C THR E 97 -12.57 -6.38 -33.67
N LEU E 98 -13.33 -5.33 -33.96
CA LEU E 98 -14.73 -5.22 -33.59
C LEU E 98 -15.53 -4.76 -34.79
N TYR E 99 -16.77 -5.23 -34.87
CA TYR E 99 -17.67 -4.84 -35.94
C TYR E 99 -18.74 -3.88 -35.44
N GLY E 100 -19.35 -3.17 -36.39
CA GLY E 100 -20.48 -2.33 -36.09
C GLY E 100 -20.18 -0.86 -35.88
N PHE E 101 -19.01 -0.39 -36.27
CA PHE E 101 -18.69 1.02 -36.11
C PHE E 101 -17.90 1.55 -37.29
N GLY E 102 -18.10 0.99 -38.47
CA GLY E 102 -17.40 1.43 -39.66
C GLY E 102 -16.17 0.58 -39.95
N ALA F 12 29.00 17.43 -60.22
CA ALA F 12 28.38 16.11 -60.11
C ALA F 12 29.13 15.24 -59.11
N LYS F 13 28.93 15.52 -57.82
CA LYS F 13 29.58 14.76 -56.76
C LYS F 13 28.68 13.63 -56.31
N ALA F 14 29.26 12.42 -56.20
CA ALA F 14 28.51 11.23 -55.81
C ALA F 14 28.57 11.05 -54.31
N LYS F 15 27.40 10.96 -53.68
CA LYS F 15 27.31 10.76 -52.24
C LYS F 15 25.94 10.18 -51.93
N THR F 16 25.90 8.96 -51.42
CA THR F 16 24.63 8.28 -51.19
C THR F 16 23.91 8.87 -49.99
N ARG F 17 22.58 8.70 -50.00
CA ARG F 17 21.77 9.23 -48.92
C ARG F 17 22.11 8.58 -47.59
N SER F 18 22.58 7.33 -47.61
CA SER F 18 23.02 6.69 -46.38
C SER F 18 24.21 7.43 -45.78
N SER F 19 25.18 7.78 -46.62
CA SER F 19 26.29 8.59 -46.17
C SER F 19 25.82 9.96 -45.70
N ARG F 20 24.95 10.59 -46.48
CA ARG F 20 24.38 11.88 -46.09
C ARG F 20 23.64 11.81 -44.77
N ALA F 21 23.18 10.62 -44.37
CA ALA F 21 22.67 10.39 -43.03
C ALA F 21 23.69 9.74 -42.13
N GLY F 22 24.88 9.41 -42.65
CA GLY F 22 25.90 8.77 -41.84
C GLY F 22 25.48 7.44 -41.27
N LEU F 23 24.69 6.67 -42.02
CA LEU F 23 24.18 5.39 -41.56
C LEU F 23 24.63 4.28 -42.51
N GLN F 24 24.34 3.05 -42.11
CA GLN F 24 24.78 1.89 -42.88
C GLN F 24 23.70 1.37 -43.81
N PHE F 25 22.47 1.32 -43.34
CA PHE F 25 21.41 0.69 -44.13
C PHE F 25 21.14 1.48 -45.40
N PRO F 26 20.99 0.82 -46.53
CA PRO F 26 20.91 1.55 -47.80
C PRO F 26 19.57 2.28 -47.97
N VAL F 27 19.61 3.60 -47.87
CA VAL F 27 18.39 4.39 -48.04
C VAL F 27 17.84 4.21 -49.45
N GLY F 28 18.72 4.14 -50.44
CA GLY F 28 18.27 3.96 -51.81
C GLY F 28 17.59 2.62 -52.01
N ARG F 29 18.15 1.56 -51.45
CA ARG F 29 17.57 0.24 -51.61
C ARG F 29 16.20 0.15 -50.95
N VAL F 30 16.09 0.65 -49.72
CA VAL F 30 14.80 0.59 -49.04
C VAL F 30 13.79 1.50 -49.73
N HIS F 31 14.25 2.61 -50.30
CA HIS F 31 13.35 3.49 -51.04
C HIS F 31 12.80 2.78 -52.27
N ARG F 32 13.68 2.16 -53.05
CA ARG F 32 13.25 1.37 -54.20
C ARG F 32 12.31 0.27 -53.77
N LEU F 33 12.58 -0.35 -52.62
CA LEU F 33 11.75 -1.46 -52.16
C LEU F 33 10.36 -0.97 -51.80
N LEU F 34 10.28 0.18 -51.13
CA LEU F 34 8.97 0.76 -50.83
C LEU F 34 8.25 1.14 -52.11
N ARG F 35 8.98 1.63 -53.11
CA ARG F 35 8.36 1.95 -54.39
C ARG F 35 7.79 0.71 -55.04
N LYS F 36 8.53 -0.39 -55.00
CA LYS F 36 8.10 -1.66 -55.58
C LYS F 36 7.27 -2.49 -54.61
N GLY F 37 6.87 -1.93 -53.47
CA GLY F 37 6.09 -2.66 -52.50
C GLY F 37 4.62 -2.31 -52.53
N ASN F 38 4.28 -1.24 -53.24
CA ASN F 38 2.89 -0.83 -53.45
C ASN F 38 2.18 -0.58 -52.11
N TYR F 39 2.68 0.40 -51.39
CA TYR F 39 2.05 0.84 -50.15
C TYR F 39 1.36 2.18 -50.28
N ALA F 40 1.81 3.04 -51.18
CA ALA F 40 1.18 4.33 -51.43
C ALA F 40 1.66 4.84 -52.78
N GLU F 41 0.92 5.80 -53.32
CA GLU F 41 1.29 6.36 -54.62
C GLU F 41 2.63 7.09 -54.54
N ARG F 42 2.78 7.96 -53.55
CA ARG F 42 4.02 8.70 -53.36
C ARG F 42 4.59 8.39 -51.98
N VAL F 43 5.86 8.74 -51.81
CA VAL F 43 6.58 8.48 -50.56
C VAL F 43 7.33 9.74 -50.17
N GLY F 44 7.32 10.05 -48.87
CA GLY F 44 8.12 11.15 -48.37
C GLY F 44 9.60 10.82 -48.44
N ALA F 45 10.41 11.79 -48.89
CA ALA F 45 11.83 11.52 -49.10
C ALA F 45 12.54 11.17 -47.80
N GLY F 46 12.13 11.76 -46.68
CA GLY F 46 12.77 11.45 -45.41
C GLY F 46 12.29 10.17 -44.77
N ALA F 47 11.21 9.60 -45.28
CA ALA F 47 10.69 8.36 -44.71
C ALA F 47 11.66 7.19 -44.84
N PRO F 48 12.31 6.95 -45.98
CA PRO F 48 13.30 5.86 -46.00
C PRO F 48 14.45 6.10 -45.04
N VAL F 49 14.90 7.34 -44.91
CA VAL F 49 15.96 7.66 -43.96
C VAL F 49 15.52 7.28 -42.56
N TYR F 50 14.34 7.75 -42.16
CA TYR F 50 13.82 7.46 -40.83
C TYR F 50 13.70 5.96 -40.60
N LEU F 51 13.15 5.26 -41.60
CA LEU F 51 12.94 3.82 -41.47
C LEU F 51 14.25 3.07 -41.31
N ALA F 52 15.24 3.42 -42.15
CA ALA F 52 16.54 2.78 -42.04
C ALA F 52 17.20 3.08 -40.71
N ALA F 53 16.99 4.29 -40.19
CA ALA F 53 17.54 4.63 -38.88
C ALA F 53 16.94 3.75 -37.79
N VAL F 54 15.62 3.59 -37.81
CA VAL F 54 14.96 2.75 -36.82
C VAL F 54 15.47 1.31 -36.93
N LEU F 55 15.57 0.80 -38.15
CA LEU F 55 16.08 -0.56 -38.34
C LEU F 55 17.49 -0.69 -37.79
N GLU F 56 18.35 0.29 -38.10
CA GLU F 56 19.73 0.24 -37.61
C GLU F 56 19.76 0.23 -36.09
N TYR F 57 18.95 1.07 -35.47
CA TYR F 57 18.92 1.12 -34.01
C TYR F 57 18.49 -0.21 -33.42
N LEU F 58 17.40 -0.78 -33.90
CA LEU F 58 16.90 -2.02 -33.30
C LEU F 58 17.86 -3.18 -33.56
N THR F 59 18.48 -3.20 -34.74
CA THR F 59 19.45 -4.24 -35.04
C THR F 59 20.65 -4.16 -34.11
N ALA F 60 21.15 -2.93 -33.90
CA ALA F 60 22.22 -2.75 -32.93
C ALA F 60 21.80 -3.23 -31.55
N GLU F 61 20.57 -2.88 -31.16
CA GLU F 61 20.05 -3.28 -29.85
C GLU F 61 20.12 -4.80 -29.69
N ILE F 62 19.60 -5.53 -30.67
CA ILE F 62 19.53 -6.98 -30.53
C ILE F 62 20.92 -7.60 -30.60
N LEU F 63 21.74 -7.17 -31.56
CA LEU F 63 23.04 -7.80 -31.72
C LEU F 63 23.96 -7.48 -30.56
N GLU F 64 23.72 -6.38 -29.84
CA GLU F 64 24.51 -6.12 -28.65
C GLU F 64 24.35 -7.24 -27.63
N LEU F 65 23.10 -7.55 -27.27
CA LEU F 65 22.85 -8.64 -26.35
C LEU F 65 23.30 -9.97 -26.93
N ALA F 66 23.18 -10.12 -28.26
CA ALA F 66 23.63 -11.35 -28.91
C ALA F 66 25.12 -11.57 -28.66
N GLY F 67 25.93 -10.59 -29.03
CA GLY F 67 27.37 -10.69 -28.78
C GLY F 67 27.71 -10.79 -27.32
N ASN F 68 26.90 -10.16 -26.46
CA ASN F 68 27.12 -10.28 -25.03
C ASN F 68 27.00 -11.72 -24.58
N ALA F 69 25.92 -12.38 -24.95
CA ALA F 69 25.77 -13.80 -24.61
C ALA F 69 26.84 -14.64 -25.29
N ALA F 70 27.25 -14.27 -26.50
CA ALA F 70 28.29 -15.02 -27.21
C ALA F 70 29.60 -15.02 -26.43
N ARG F 71 30.10 -13.84 -26.10
CA ARG F 71 31.32 -13.75 -25.31
C ARG F 71 31.11 -14.32 -23.92
N ASP F 72 29.88 -14.27 -23.40
CA ASP F 72 29.57 -14.96 -22.15
C ASP F 72 29.80 -16.45 -22.27
N ASN F 73 29.56 -17.04 -23.44
CA ASN F 73 29.92 -18.42 -23.71
C ASN F 73 31.26 -18.53 -24.42
N LYS F 74 32.10 -17.49 -24.32
CA LYS F 74 33.40 -17.46 -24.98
C LYS F 74 33.27 -17.70 -26.47
N LYS F 75 32.15 -17.30 -27.06
CA LYS F 75 31.88 -17.55 -28.47
C LYS F 75 32.14 -16.28 -29.26
N THR F 76 33.01 -16.38 -30.27
CA THR F 76 33.28 -15.23 -31.13
C THR F 76 32.14 -15.02 -32.12
N ARG F 77 31.75 -16.08 -32.84
CA ARG F 77 30.66 -15.99 -33.79
C ARG F 77 29.36 -16.32 -33.09
N ILE F 78 28.37 -15.44 -33.24
CA ILE F 78 27.11 -15.60 -32.52
C ILE F 78 26.34 -16.79 -33.09
N ILE F 79 25.68 -17.53 -32.21
CA ILE F 79 24.88 -18.69 -32.60
C ILE F 79 23.41 -18.35 -32.43
N PRO F 80 22.51 -19.01 -33.18
CA PRO F 80 21.07 -18.69 -33.04
C PRO F 80 20.57 -18.80 -31.62
N ARG F 81 21.08 -19.76 -30.85
CA ARG F 81 20.72 -19.88 -29.44
C ARG F 81 21.00 -18.56 -28.71
N HIS F 82 22.10 -17.90 -29.07
CA HIS F 82 22.43 -16.64 -28.44
C HIS F 82 21.36 -15.59 -28.75
N LEU F 83 20.92 -15.51 -30.01
CA LEU F 83 19.87 -14.57 -30.35
C LEU F 83 18.58 -14.88 -29.59
N GLN F 84 18.25 -16.16 -29.47
CA GLN F 84 17.04 -16.54 -28.75
C GLN F 84 17.12 -16.13 -27.29
N LEU F 85 18.24 -16.42 -26.65
CA LEU F 85 18.43 -16.02 -25.26
C LEU F 85 18.35 -14.50 -25.12
N ALA F 86 18.95 -13.78 -26.07
CA ALA F 86 18.94 -12.32 -26.01
C ALA F 86 17.52 -11.78 -26.09
N VAL F 87 16.75 -12.26 -27.07
CA VAL F 87 15.42 -11.72 -27.27
C VAL F 87 14.50 -12.14 -26.13
N ARG F 88 14.76 -13.30 -25.51
CA ARG F 88 13.90 -13.74 -24.42
C ARG F 88 14.23 -13.00 -23.13
N ASN F 89 15.50 -12.64 -22.93
CA ASN F 89 15.87 -11.94 -21.71
C ASN F 89 15.33 -10.52 -21.71
N ASP F 90 15.42 -9.83 -22.84
CA ASP F 90 14.93 -8.46 -22.92
C ASP F 90 13.41 -8.45 -22.88
N GLU F 91 12.85 -7.59 -22.02
CA GLU F 91 11.40 -7.48 -21.92
C GLU F 91 10.80 -6.87 -23.18
N GLU F 92 11.29 -5.69 -23.57
CA GLU F 92 10.72 -5.00 -24.72
C GLU F 92 10.89 -5.80 -26.00
N LEU F 93 12.06 -6.42 -26.18
CA LEU F 93 12.30 -7.21 -27.38
C LEU F 93 11.39 -8.43 -27.41
N ASN F 94 11.30 -9.15 -26.30
CA ASN F 94 10.41 -10.31 -26.24
C ASN F 94 8.97 -9.90 -26.55
N LYS F 95 8.51 -8.82 -25.92
CA LYS F 95 7.18 -8.31 -26.22
C LYS F 95 7.04 -7.99 -27.70
N LEU F 96 8.13 -7.52 -28.32
CA LEU F 96 8.09 -7.27 -29.76
C LEU F 96 8.04 -8.58 -30.54
N LEU F 97 8.73 -9.61 -30.06
CA LEU F 97 8.85 -10.87 -30.77
C LEU F 97 8.24 -12.04 -30.00
N GLY F 98 7.22 -11.77 -29.17
CA GLY F 98 6.61 -12.85 -28.42
C GLY F 98 5.94 -13.88 -29.30
N ARG F 99 5.26 -13.43 -30.35
CA ARG F 99 4.61 -14.32 -31.29
C ARG F 99 5.55 -14.74 -32.42
N VAL F 100 6.84 -14.69 -32.19
CA VAL F 100 7.84 -15.07 -33.19
C VAL F 100 8.69 -16.19 -32.64
N THR F 101 8.97 -17.17 -33.47
CA THR F 101 9.84 -18.28 -33.13
C THR F 101 11.12 -18.16 -33.94
N ILE F 102 12.16 -18.84 -33.46
CA ILE F 102 13.51 -18.69 -34.01
C ILE F 102 14.06 -20.06 -34.38
N ALA F 103 14.63 -20.15 -35.58
CA ALA F 103 15.32 -21.37 -35.98
C ALA F 103 16.52 -21.61 -35.08
N GLN F 104 16.65 -22.85 -34.61
CA GLN F 104 17.72 -23.22 -33.69
C GLN F 104 17.71 -22.34 -32.45
N GLY F 105 16.52 -21.92 -32.03
CA GLY F 105 16.39 -21.04 -30.89
C GLY F 105 16.36 -21.78 -29.58
N GLY F 106 15.56 -22.84 -29.51
CA GLY F 106 15.41 -23.48 -28.23
C GLY F 106 14.63 -22.59 -27.28
N VAL F 107 14.73 -22.93 -26.00
CA VAL F 107 14.05 -22.17 -24.95
C VAL F 107 15.06 -21.81 -23.88
N LEU F 108 14.97 -20.59 -23.39
CA LEU F 108 15.82 -20.16 -22.30
C LEU F 108 15.60 -21.05 -21.07
N PRO F 109 16.60 -21.20 -20.22
CA PRO F 109 16.43 -22.04 -19.02
C PRO F 109 15.30 -21.51 -18.15
N ASN F 110 14.38 -22.40 -17.80
CA ASN F 110 13.20 -22.01 -17.04
C ASN F 110 12.71 -23.23 -16.27
N ILE F 111 12.81 -23.16 -14.94
CA ILE F 111 12.33 -24.22 -14.05
C ILE F 111 11.36 -23.62 -13.07
N GLN F 112 10.17 -24.21 -12.96
CA GLN F 112 9.21 -23.74 -11.99
C GLN F 112 9.65 -24.14 -10.58
N SER F 113 8.98 -23.54 -9.59
CA SER F 113 9.38 -23.72 -8.20
C SER F 113 9.26 -25.18 -7.77
N VAL F 114 8.05 -25.73 -7.84
CA VAL F 114 7.76 -27.04 -7.26
C VAL F 114 8.43 -28.18 -8.00
N LEU F 115 9.00 -27.93 -9.19
CA LEU F 115 9.71 -28.99 -9.90
C LEU F 115 10.96 -29.39 -9.14
N LEU F 116 11.67 -28.43 -8.58
CA LEU F 116 12.85 -28.75 -7.80
C LEU F 116 12.46 -29.54 -6.57
N PRO F 117 13.10 -30.69 -6.31
CA PRO F 117 12.73 -31.49 -5.14
C PRO F 117 13.09 -30.78 -3.85
N LYS F 118 12.55 -31.30 -2.76
CA LYS F 118 12.80 -30.74 -1.45
C LYS F 118 13.14 -31.84 -0.43
N THR G 30 21.74 -15.03 -61.10
CA THR G 30 20.65 -14.36 -60.41
C THR G 30 21.15 -13.73 -59.10
N ARG G 31 21.22 -12.40 -59.08
CA ARG G 31 21.68 -11.67 -57.91
C ARG G 31 20.57 -11.66 -56.87
N LYS G 32 20.88 -12.14 -55.67
CA LYS G 32 19.92 -12.16 -54.57
C LYS G 32 20.33 -11.08 -53.56
N GLU G 33 19.52 -10.03 -53.46
CA GLU G 33 19.82 -8.97 -52.52
C GLU G 33 19.57 -9.43 -51.09
N SER G 34 20.27 -8.79 -50.16
CA SER G 34 20.17 -9.13 -48.75
C SER G 34 20.59 -7.91 -47.94
N TYR G 35 20.85 -8.13 -46.66
CA TYR G 35 21.35 -7.09 -45.77
C TYR G 35 22.57 -7.53 -45.00
N ALA G 36 23.13 -8.71 -45.31
CA ALA G 36 24.20 -9.28 -44.51
C ALA G 36 25.38 -8.33 -44.36
N ILE G 37 25.70 -7.58 -45.43
CA ILE G 37 26.81 -6.65 -45.35
C ILE G 37 26.53 -5.57 -44.31
N TYR G 38 25.30 -5.06 -44.28
CA TYR G 38 24.95 -4.02 -43.34
C TYR G 38 24.89 -4.55 -41.91
N VAL G 39 24.40 -5.78 -41.74
CA VAL G 39 24.41 -6.39 -40.41
C VAL G 39 25.84 -6.55 -39.92
N TYR G 40 26.72 -7.05 -40.78
CA TYR G 40 28.13 -7.18 -40.43
C TYR G 40 28.72 -5.82 -40.08
N LYS G 41 28.36 -4.80 -40.83
CA LYS G 41 28.87 -3.45 -40.58
C LYS G 41 28.48 -2.96 -39.20
N VAL G 42 27.17 -2.99 -38.91
CA VAL G 42 26.70 -2.49 -37.62
C VAL G 42 27.23 -3.36 -36.49
N LEU G 43 27.42 -4.65 -36.74
CA LEU G 43 28.02 -5.53 -35.74
C LEU G 43 29.43 -5.07 -35.39
N LYS G 44 30.25 -4.84 -36.42
CA LYS G 44 31.59 -4.30 -36.18
C LYS G 44 31.52 -2.95 -35.47
N GLN G 45 30.52 -2.14 -35.83
CA GLN G 45 30.35 -0.85 -35.18
C GLN G 45 29.96 -0.98 -33.72
N VAL G 46 29.40 -2.12 -33.31
CA VAL G 46 29.04 -2.37 -31.93
C VAL G 46 30.02 -3.33 -31.27
N HIS G 47 30.33 -4.44 -31.95
CA HIS G 47 31.25 -5.45 -31.43
C HIS G 47 32.28 -5.75 -32.52
N PRO G 48 33.40 -5.04 -32.53
CA PRO G 48 34.41 -5.31 -33.55
C PRO G 48 35.03 -6.70 -33.43
N ASP G 49 35.07 -7.27 -32.23
CA ASP G 49 35.69 -8.57 -32.03
C ASP G 49 34.72 -9.70 -32.33
N THR G 50 33.45 -9.52 -31.98
CA THR G 50 32.47 -10.58 -32.12
C THR G 50 32.25 -10.95 -33.58
N GLY G 51 32.13 -12.25 -33.84
CA GLY G 51 31.79 -12.75 -35.15
C GLY G 51 30.30 -12.96 -35.31
N ILE G 52 29.93 -13.78 -36.29
CA ILE G 52 28.53 -14.05 -36.58
C ILE G 52 28.45 -15.31 -37.42
N SER G 53 27.37 -16.07 -37.23
CA SER G 53 27.13 -17.25 -38.05
C SER G 53 26.35 -16.88 -39.29
N SER G 54 26.50 -17.73 -40.33
CA SER G 54 25.76 -17.51 -41.56
C SER G 54 24.27 -17.78 -41.36
N LYS G 55 23.93 -18.88 -40.69
CA LYS G 55 22.54 -19.15 -40.37
C LYS G 55 21.97 -18.04 -39.50
N ALA G 56 22.72 -17.61 -38.49
CA ALA G 56 22.28 -16.50 -37.66
C ALA G 56 22.13 -15.23 -38.48
N MET G 57 23.01 -15.03 -39.45
CA MET G 57 22.89 -13.87 -40.33
C MET G 57 21.58 -13.92 -41.11
N SER G 58 21.23 -15.10 -41.63
CA SER G 58 19.97 -15.24 -42.34
C SER G 58 18.79 -14.99 -41.42
N ILE G 59 18.88 -15.46 -40.17
CA ILE G 59 17.82 -15.19 -39.20
C ILE G 59 17.64 -13.69 -39.02
N MET G 60 18.76 -12.98 -38.85
CA MET G 60 18.71 -11.53 -38.69
C MET G 60 18.07 -10.88 -39.90
N ASN G 61 18.46 -11.31 -41.09
CA ASN G 61 17.92 -10.74 -42.31
C ASN G 61 16.41 -10.93 -42.38
N SER G 62 15.95 -12.15 -42.12
CA SER G 62 14.53 -12.42 -42.15
C SER G 62 13.79 -11.58 -41.11
N PHE G 63 14.40 -11.40 -39.95
CA PHE G 63 13.78 -10.59 -38.91
C PHE G 63 13.61 -9.14 -39.38
N VAL G 64 14.67 -8.58 -39.97
CA VAL G 64 14.59 -7.21 -40.48
C VAL G 64 13.51 -7.12 -41.54
N ASN G 65 13.46 -8.09 -42.45
CA ASN G 65 12.43 -8.10 -43.48
C ASN G 65 11.04 -8.06 -42.84
N ASP G 66 10.84 -8.89 -41.81
CA ASP G 66 9.53 -8.99 -41.19
C ASP G 66 9.14 -7.68 -40.52
N VAL G 67 10.04 -7.10 -39.72
CA VAL G 67 9.69 -5.89 -38.99
C VAL G 67 9.48 -4.73 -39.96
N PHE G 68 10.29 -4.67 -41.02
CA PHE G 68 10.12 -3.64 -42.02
C PHE G 68 8.77 -3.77 -42.71
N GLU G 69 8.38 -5.01 -43.04
CA GLU G 69 7.06 -5.21 -43.64
C GLU G 69 5.96 -4.78 -42.67
N ARG G 70 6.13 -5.09 -41.39
CA ARG G 70 5.15 -4.68 -40.39
C ARG G 70 4.95 -3.17 -40.42
N ILE G 71 6.06 -2.43 -40.26
CA ILE G 71 5.95 -0.98 -40.17
C ILE G 71 5.48 -0.39 -41.49
N ALA G 72 5.84 -1.01 -42.61
CA ALA G 72 5.39 -0.52 -43.90
C ALA G 72 3.88 -0.67 -44.04
N GLY G 73 3.36 -1.86 -43.72
CA GLY G 73 1.93 -2.05 -43.74
C GLY G 73 1.20 -1.11 -42.80
N GLU G 74 1.77 -0.87 -41.62
CA GLU G 74 1.16 0.05 -40.68
C GLU G 74 1.09 1.46 -41.26
N ALA G 75 2.19 1.93 -41.82
CA ALA G 75 2.22 3.26 -42.40
C ALA G 75 1.22 3.38 -43.54
N SER G 76 1.17 2.36 -44.40
CA SER G 76 0.23 2.41 -45.52
C SER G 76 -1.21 2.43 -45.05
N ARG G 77 -1.54 1.58 -44.08
CA ARG G 77 -2.89 1.54 -43.55
C ARG G 77 -3.27 2.87 -42.90
N LEU G 78 -2.31 3.47 -42.18
CA LEU G 78 -2.57 4.76 -41.55
C LEU G 78 -2.83 5.83 -42.60
N ALA G 79 -1.95 5.94 -43.59
CA ALA G 79 -2.13 6.92 -44.65
C ALA G 79 -3.46 6.72 -45.36
N HIS G 80 -3.84 5.46 -45.56
CA HIS G 80 -5.15 5.17 -46.14
C HIS G 80 -6.27 5.69 -45.24
N TYR G 81 -6.13 5.50 -43.92
CA TYR G 81 -7.10 6.04 -42.99
C TYR G 81 -7.16 7.55 -43.05
N ASN G 82 -6.09 8.20 -43.49
CA ASN G 82 -6.09 9.63 -43.74
C ASN G 82 -6.28 9.95 -45.22
N LYS G 83 -6.43 8.93 -46.06
CA LYS G 83 -6.64 9.12 -47.50
C LYS G 83 -5.53 9.95 -48.12
N ARG G 84 -4.31 9.78 -47.62
CA ARG G 84 -3.14 10.50 -48.10
C ARG G 84 -2.25 9.51 -48.85
N SER G 85 -2.05 9.76 -50.14
CA SER G 85 -1.28 8.83 -50.96
C SER G 85 0.22 8.97 -50.77
N THR G 86 0.68 9.75 -49.80
CA THR G 86 2.10 9.97 -49.57
C THR G 86 2.47 9.44 -48.19
N ILE G 87 3.46 8.57 -48.15
CA ILE G 87 3.99 8.06 -46.89
C ILE G 87 5.24 8.87 -46.55
N THR G 88 5.17 9.65 -45.50
CA THR G 88 6.26 10.53 -45.07
C THR G 88 6.76 10.10 -43.70
N SER G 89 7.67 10.90 -43.15
CA SER G 89 8.33 10.54 -41.89
C SER G 89 7.32 10.41 -40.76
N ARG G 90 6.36 11.33 -40.67
CA ARG G 90 5.41 11.32 -39.57
C ARG G 90 4.67 10.00 -39.50
N GLU G 91 4.32 9.44 -40.65
CA GLU G 91 3.69 8.12 -40.68
C GLU G 91 4.61 7.07 -40.08
N ILE G 92 5.90 7.14 -40.40
CA ILE G 92 6.86 6.17 -39.87
C ILE G 92 6.93 6.29 -38.35
N GLN G 93 7.00 7.53 -37.86
CA GLN G 93 7.06 7.75 -36.42
C GLN G 93 5.83 7.17 -35.74
N THR G 94 4.65 7.47 -36.28
CA THR G 94 3.43 6.96 -35.68
C THR G 94 3.39 5.43 -35.73
N ALA G 95 3.85 4.85 -36.83
CA ALA G 95 3.84 3.39 -36.96
C ALA G 95 4.75 2.74 -35.92
N VAL G 96 5.98 3.25 -35.80
CA VAL G 96 6.92 2.64 -34.87
C VAL G 96 6.46 2.85 -33.44
N ARG G 97 5.83 4.00 -33.17
CA ARG G 97 5.27 4.22 -31.84
C ARG G 97 4.11 3.26 -31.57
N LEU G 98 3.39 2.88 -32.62
CA LEU G 98 2.37 1.85 -32.44
C LEU G 98 2.99 0.48 -32.22
N LEU G 99 4.16 0.23 -32.80
CA LEU G 99 4.75 -1.10 -32.78
C LEU G 99 5.79 -1.29 -31.69
N LEU G 100 6.49 -0.24 -31.28
CA LEU G 100 7.47 -0.72 -30.32
C LEU G 100 7.05 -0.40 -28.89
N PRO G 101 7.32 -1.31 -27.96
CA PRO G 101 6.95 -1.06 -26.56
C PRO G 101 7.87 -0.05 -25.89
N GLY G 102 7.31 1.12 -25.55
CA GLY G 102 7.97 2.09 -24.69
C GLY G 102 9.34 2.58 -25.11
N GLU G 103 10.33 2.33 -24.25
CA GLU G 103 11.66 2.90 -24.45
C GLU G 103 12.28 2.46 -25.76
N LEU G 104 11.93 1.26 -26.23
CA LEU G 104 12.30 0.85 -27.58
C LEU G 104 11.88 1.91 -28.59
N ALA G 105 10.59 2.23 -28.59
CA ALA G 105 10.07 3.24 -29.50
C ALA G 105 10.71 4.60 -29.24
N LYS G 106 10.99 4.92 -27.98
CA LYS G 106 11.60 6.21 -27.66
C LYS G 106 12.96 6.36 -28.32
N HIS G 107 13.85 5.40 -28.05
CA HIS G 107 15.17 5.44 -28.67
C HIS G 107 15.06 5.39 -30.19
N ALA G 108 14.11 4.62 -30.70
CA ALA G 108 13.95 4.49 -32.14
C ALA G 108 13.59 5.83 -32.77
N VAL G 109 12.60 6.52 -32.20
CA VAL G 109 12.18 7.79 -32.78
C VAL G 109 13.24 8.85 -32.61
N SER G 110 14.01 8.79 -31.51
CA SER G 110 15.11 9.73 -31.36
C SER G 110 16.15 9.53 -32.46
N GLU G 111 16.54 8.27 -32.69
CA GLU G 111 17.50 7.98 -33.74
C GLU G 111 16.97 8.41 -35.11
N GLY G 112 15.69 8.14 -35.37
CA GLY G 112 15.12 8.51 -36.64
C GLY G 112 15.09 10.01 -36.85
N THR G 113 14.75 10.76 -35.80
CA THR G 113 14.76 12.21 -35.89
C THR G 113 16.16 12.73 -36.14
N LYS G 114 17.15 12.18 -35.43
CA LYS G 114 18.53 12.57 -35.67
C LYS G 114 18.92 12.33 -37.11
N ALA G 115 18.57 11.16 -37.64
CA ALA G 115 18.95 10.80 -39.00
C ALA G 115 18.29 11.72 -40.01
N VAL G 116 16.99 11.98 -39.84
CA VAL G 116 16.28 12.79 -40.81
C VAL G 116 16.75 14.24 -40.76
N THR G 117 17.13 14.71 -39.57
CA THR G 117 17.67 16.07 -39.47
C THR G 117 19.04 16.15 -40.13
N LYS G 118 19.89 15.15 -39.91
CA LYS G 118 21.18 15.13 -40.59
C LYS G 118 20.99 15.08 -42.09
N TYR G 119 19.97 14.35 -42.55
CA TYR G 119 19.70 14.28 -43.98
C TYR G 119 19.23 15.62 -44.53
N THR G 120 18.40 16.33 -43.76
CA THR G 120 17.90 17.62 -44.22
C THR G 120 19.01 18.66 -44.25
N SER G 121 19.97 18.56 -43.32
CA SER G 121 21.08 19.50 -43.25
C SER G 121 22.19 19.18 -44.24
N ALA G 122 21.96 18.27 -45.17
CA ALA G 122 22.97 17.91 -46.17
C ALA G 122 23.16 19.04 -47.17
N LYS H 38 26.51 -53.01 -4.19
CA LYS H 38 25.07 -53.02 -4.48
C LYS H 38 24.73 -52.03 -5.58
N PRO H 39 23.80 -52.41 -6.47
CA PRO H 39 23.40 -51.50 -7.54
C PRO H 39 22.69 -50.27 -6.99
N HIS H 40 22.89 -49.14 -7.67
CA HIS H 40 22.29 -47.89 -7.27
C HIS H 40 21.28 -47.43 -8.32
N ARG H 41 20.19 -46.82 -7.85
CA ARG H 41 19.19 -46.23 -8.70
C ARG H 41 18.82 -44.86 -8.15
N TYR H 42 18.82 -43.85 -9.01
CA TYR H 42 18.44 -42.52 -8.57
C TYR H 42 16.96 -42.47 -8.21
N ARG H 43 16.62 -41.54 -7.34
CA ARG H 43 15.23 -41.31 -7.03
C ARG H 43 14.51 -40.79 -8.27
N PRO H 44 13.21 -41.08 -8.41
CA PRO H 44 12.50 -40.70 -9.63
C PRO H 44 12.54 -39.22 -9.90
N GLY H 45 12.53 -38.89 -11.18
CA GLY H 45 12.54 -37.48 -11.61
C GLY H 45 13.89 -36.81 -11.65
N THR H 46 14.79 -37.16 -10.72
CA THR H 46 16.11 -36.56 -10.68
C THR H 46 16.82 -36.65 -12.02
N VAL H 47 16.86 -37.86 -12.59
CA VAL H 47 17.42 -38.03 -13.93
C VAL H 47 16.63 -37.21 -14.93
N ALA H 48 15.30 -37.22 -14.80
CA ALA H 48 14.47 -36.41 -15.68
C ALA H 48 14.71 -34.92 -15.47
N LEU H 49 14.99 -34.52 -14.23
CA LEU H 49 15.31 -33.12 -13.97
C LEU H 49 16.60 -32.71 -14.67
N ARG H 50 17.62 -33.55 -14.57
CA ARG H 50 18.87 -33.27 -15.26
C ARG H 50 18.65 -33.27 -16.77
N GLU H 51 17.75 -34.12 -17.25
CA GLU H 51 17.39 -34.12 -18.66
C GLU H 51 16.78 -32.78 -19.07
N ILE H 52 15.85 -32.28 -18.26
CA ILE H 52 15.27 -30.96 -18.51
C ILE H 52 16.35 -29.90 -18.56
N ARG H 53 17.28 -29.96 -17.60
CA ARG H 53 18.35 -28.96 -17.55
C ARG H 53 19.18 -28.97 -18.83
N ARG H 54 19.64 -30.16 -19.23
CA ARG H 54 20.50 -30.23 -20.40
C ARG H 54 19.73 -29.93 -21.67
N TYR H 55 18.43 -30.17 -21.68
CA TYR H 55 17.65 -29.92 -22.88
C TYR H 55 17.37 -28.43 -23.05
N GLN H 56 17.00 -27.76 -21.95
CA GLN H 56 16.92 -26.31 -21.99
C GLN H 56 18.28 -25.70 -22.30
N LYS H 57 19.36 -26.40 -21.93
CA LYS H 57 20.69 -25.95 -22.29
C LYS H 57 21.00 -26.21 -23.76
N SER H 58 20.76 -27.43 -24.22
CA SER H 58 21.02 -27.76 -25.61
C SER H 58 20.02 -27.07 -26.52
N THR H 59 20.30 -27.12 -27.82
CA THR H 59 19.45 -26.46 -28.80
C THR H 59 19.17 -27.28 -30.05
N GLU H 60 19.74 -28.48 -30.19
CA GLU H 60 19.50 -29.28 -31.37
C GLU H 60 18.06 -29.80 -31.36
N LEU H 61 17.70 -30.50 -32.44
CA LEU H 61 16.36 -31.05 -32.54
C LEU H 61 16.25 -32.30 -31.68
N LEU H 62 15.01 -32.66 -31.34
CA LEU H 62 14.75 -33.81 -30.48
C LEU H 62 13.93 -34.89 -31.18
N ILE H 63 13.70 -34.76 -32.49
CA ILE H 63 12.93 -35.73 -33.24
C ILE H 63 13.77 -36.21 -34.40
N ARG H 64 13.78 -37.53 -34.62
CA ARG H 64 14.57 -38.10 -35.70
C ARG H 64 14.03 -37.63 -37.04
N LYS H 65 14.96 -37.28 -37.94
CA LYS H 65 14.59 -36.56 -39.15
C LYS H 65 13.71 -37.41 -40.06
N LEU H 66 14.22 -38.53 -40.53
CA LEU H 66 13.51 -39.35 -41.52
C LEU H 66 12.10 -39.72 -41.12
N PRO H 67 11.80 -40.14 -39.88
CA PRO H 67 10.40 -40.41 -39.54
C PRO H 67 9.52 -39.18 -39.67
N PHE H 68 10.02 -38.02 -39.22
CA PHE H 68 9.26 -36.80 -39.36
C PHE H 68 9.01 -36.47 -40.82
N GLN H 69 10.04 -36.61 -41.65
CA GLN H 69 9.88 -36.32 -43.08
C GLN H 69 8.87 -37.26 -43.71
N ARG H 70 8.91 -38.54 -43.35
CA ARG H 70 7.94 -39.49 -43.87
C ARG H 70 6.52 -39.11 -43.43
N LEU H 71 6.38 -38.65 -42.18
CA LEU H 71 5.08 -38.18 -41.73
C LEU H 71 4.61 -36.99 -42.56
N VAL H 72 5.51 -36.05 -42.83
CA VAL H 72 5.14 -34.88 -43.64
C VAL H 72 4.69 -35.31 -45.02
N ARG H 73 5.41 -36.25 -45.62
CA ARG H 73 5.03 -36.72 -46.96
C ARG H 73 3.67 -37.42 -46.92
N GLU H 74 3.42 -38.19 -45.86
CA GLU H 74 2.14 -38.87 -45.72
C GLU H 74 1.00 -37.86 -45.59
N ILE H 75 1.24 -36.77 -44.86
CA ILE H 75 0.21 -35.75 -44.72
C ILE H 75 0.02 -35.01 -46.04
N ALA H 76 1.11 -34.80 -46.78
CA ALA H 76 1.04 -34.03 -48.01
C ALA H 76 0.27 -34.79 -49.09
N GLN H 77 0.54 -36.10 -49.20
CA GLN H 77 -0.12 -36.89 -50.25
C GLN H 77 -1.63 -36.88 -50.08
N ASP H 78 -2.13 -36.51 -48.90
CA ASP H 78 -3.57 -36.42 -48.69
C ASP H 78 -4.20 -35.28 -49.48
N PHE H 79 -3.49 -34.18 -49.67
CA PHE H 79 -4.00 -33.05 -50.43
C PHE H 79 -3.60 -33.09 -51.89
N LYS H 80 -2.44 -33.64 -52.21
CA LYS H 80 -2.02 -33.85 -53.59
C LYS H 80 -0.82 -34.79 -53.57
N THR H 81 -0.83 -35.75 -54.48
CA THR H 81 0.26 -36.72 -54.55
C THR H 81 1.43 -36.14 -55.33
N ASP H 82 2.58 -36.79 -55.17
CA ASP H 82 3.80 -36.47 -55.92
C ASP H 82 4.19 -35.00 -55.73
N LEU H 83 4.44 -34.64 -54.48
CA LEU H 83 4.84 -33.29 -54.11
C LEU H 83 6.21 -33.36 -53.48
N ARG H 84 7.20 -32.73 -54.11
CA ARG H 84 8.56 -32.77 -53.62
C ARG H 84 8.73 -31.70 -52.54
N PHE H 85 9.87 -31.75 -51.85
CA PHE H 85 10.14 -30.82 -50.77
C PHE H 85 11.61 -30.45 -50.76
N GLN H 86 11.88 -29.17 -50.52
CA GLN H 86 13.25 -28.76 -50.25
C GLN H 86 13.66 -29.31 -48.88
N SER H 87 14.91 -29.76 -48.77
CA SER H 87 15.41 -30.24 -47.50
C SER H 87 15.26 -29.16 -46.43
N SER H 88 15.65 -27.94 -46.74
CA SER H 88 15.49 -26.84 -45.80
C SER H 88 14.03 -26.62 -45.47
N ALA H 89 13.14 -26.80 -46.45
CA ALA H 89 11.72 -26.59 -46.21
C ALA H 89 11.21 -27.53 -45.13
N VAL H 90 11.40 -28.84 -45.32
CA VAL H 90 10.90 -29.80 -44.35
C VAL H 90 11.63 -29.66 -43.03
N MET H 91 12.91 -29.27 -43.05
CA MET H 91 13.61 -29.01 -41.80
C MET H 91 12.94 -27.89 -41.03
N ALA H 92 12.57 -26.81 -41.72
CA ALA H 92 11.89 -25.70 -41.08
C ALA H 92 10.54 -26.13 -40.54
N LEU H 93 9.79 -26.91 -41.33
CA LEU H 93 8.56 -27.51 -40.84
C LEU H 93 8.79 -28.19 -39.50
N GLN H 94 9.76 -29.10 -39.48
CA GLN H 94 9.98 -29.94 -38.30
C GLN H 94 10.36 -29.09 -37.10
N GLU H 95 11.23 -28.10 -37.30
CA GLU H 95 11.70 -27.32 -36.16
C GLU H 95 10.60 -26.39 -35.65
N ALA H 96 9.82 -25.80 -36.56
CA ALA H 96 8.70 -24.97 -36.13
C ALA H 96 7.69 -25.79 -35.33
N SER H 97 7.38 -26.98 -35.82
CA SER H 97 6.46 -27.85 -35.09
C SER H 97 7.02 -28.22 -33.73
N GLU H 98 8.33 -28.51 -33.66
CA GLU H 98 8.94 -28.85 -32.39
C GLU H 98 8.81 -27.70 -31.40
N ALA H 99 9.10 -26.48 -31.86
CA ALA H 99 9.01 -25.33 -30.96
C ALA H 99 7.58 -25.09 -30.51
N TYR H 100 6.62 -25.26 -31.42
CA TYR H 100 5.22 -25.14 -31.05
C TYR H 100 4.87 -26.16 -29.97
N LEU H 101 5.35 -27.39 -30.13
CA LEU H 101 5.11 -28.42 -29.13
C LEU H 101 5.77 -28.08 -27.81
N VAL H 102 6.95 -27.46 -27.85
CA VAL H 102 7.61 -27.07 -26.61
C VAL H 102 6.78 -26.03 -25.88
N ALA H 103 6.24 -25.07 -26.61
CA ALA H 103 5.39 -24.07 -25.99
C ALA H 103 4.14 -24.71 -25.39
N LEU H 104 3.54 -25.65 -26.12
CA LEU H 104 2.39 -26.37 -25.59
C LEU H 104 2.74 -27.15 -24.34
N PHE H 105 3.88 -27.84 -24.35
CA PHE H 105 4.31 -28.57 -23.17
C PHE H 105 4.53 -27.63 -22.00
N GLU H 106 5.14 -26.47 -22.26
CA GLU H 106 5.41 -25.51 -21.20
C GLU H 106 4.13 -25.04 -20.54
N ASP H 107 3.20 -24.51 -21.33
CA ASP H 107 2.02 -23.94 -20.70
C ASP H 107 1.09 -25.02 -20.14
N THR H 108 1.12 -26.23 -20.72
CA THR H 108 0.37 -27.33 -20.12
C THR H 108 0.96 -27.73 -18.77
N ASN H 109 2.29 -27.76 -18.68
CA ASN H 109 2.92 -28.07 -17.41
C ASN H 109 2.59 -27.01 -16.37
N LEU H 110 2.59 -25.74 -16.78
CA LEU H 110 2.23 -24.68 -15.85
C LEU H 110 0.79 -24.83 -15.40
N CYS H 111 -0.12 -25.15 -16.33
CA CYS H 111 -1.52 -25.39 -15.97
C CYS H 111 -1.64 -26.55 -14.99
N ALA H 112 -0.84 -27.59 -15.20
CA ALA H 112 -0.85 -28.74 -14.28
C ALA H 112 -0.37 -28.32 -12.90
N ILE H 113 0.65 -27.46 -12.84
CA ILE H 113 1.03 -26.86 -11.56
C ILE H 113 -0.17 -26.19 -10.92
N HIS H 114 -0.91 -25.40 -11.73
CA HIS H 114 -2.12 -24.79 -11.20
C HIS H 114 -3.14 -25.83 -10.80
N ALA H 115 -3.09 -27.02 -11.40
CA ALA H 115 -3.92 -28.14 -11.00
C ALA H 115 -3.31 -28.90 -9.82
N LYS H 116 -2.26 -28.38 -9.23
CA LYS H 116 -1.60 -28.94 -8.05
C LYS H 116 -1.01 -30.32 -8.30
N ARG H 117 -0.72 -30.65 -9.56
CA ARG H 117 -0.12 -31.92 -9.91
C ARG H 117 1.16 -31.69 -10.70
N VAL H 118 2.08 -32.66 -10.60
CA VAL H 118 3.30 -32.65 -11.40
C VAL H 118 3.16 -33.50 -12.65
N THR H 119 2.22 -34.44 -12.68
CA THR H 119 2.01 -35.32 -13.81
C THR H 119 0.96 -34.69 -14.71
N ILE H 120 1.30 -34.45 -15.97
CA ILE H 120 0.34 -33.86 -16.89
C ILE H 120 -0.72 -34.87 -17.26
N MET H 121 -1.92 -34.38 -17.59
CA MET H 121 -3.03 -35.20 -17.99
C MET H 121 -3.62 -34.66 -19.28
N PRO H 122 -4.13 -35.53 -20.16
CA PRO H 122 -4.59 -35.05 -21.47
C PRO H 122 -5.65 -33.96 -21.38
N LYS H 123 -6.47 -33.99 -20.33
CA LYS H 123 -7.43 -32.91 -20.14
C LYS H 123 -6.73 -31.57 -19.97
N ASP H 124 -5.55 -31.58 -19.35
CA ASP H 124 -4.79 -30.33 -19.22
C ASP H 124 -4.38 -29.80 -20.59
N ILE H 125 -3.93 -30.67 -21.49
CA ILE H 125 -3.54 -30.23 -22.82
C ILE H 125 -4.75 -29.73 -23.58
N GLN H 126 -5.88 -30.43 -23.47
CA GLN H 126 -7.10 -29.96 -24.11
C GLN H 126 -7.49 -28.59 -23.58
N LEU H 127 -7.38 -28.39 -22.27
CA LEU H 127 -7.68 -27.09 -21.68
C LEU H 127 -6.76 -26.02 -22.22
N ALA H 128 -5.47 -26.31 -22.33
CA ALA H 128 -4.51 -25.33 -22.82
C ALA H 128 -4.82 -24.95 -24.26
N ARG H 129 -5.10 -25.94 -25.10
CA ARG H 129 -5.49 -25.66 -26.47
C ARG H 129 -6.74 -24.82 -26.53
N ARG H 130 -7.72 -25.14 -25.66
CA ARG H 130 -8.94 -24.36 -25.58
C ARG H 130 -8.63 -22.90 -25.25
N ILE H 131 -7.70 -22.67 -24.33
CA ILE H 131 -7.34 -21.30 -23.98
C ILE H 131 -6.62 -20.61 -25.13
N ARG H 132 -5.78 -21.34 -25.84
CA ARG H 132 -5.03 -20.75 -26.95
C ARG H 132 -5.89 -20.48 -28.16
N GLY H 133 -7.21 -20.64 -28.06
CA GLY H 133 -8.07 -20.44 -29.20
C GLY H 133 -7.94 -21.48 -30.29
N GLU H 134 -7.26 -22.59 -30.00
CA GLU H 134 -7.08 -23.66 -30.96
C GLU H 134 -8.18 -24.70 -30.91
N ARG H 135 -9.36 -24.33 -30.43
CA ARG H 135 -10.48 -25.26 -30.35
C ARG H 135 -11.79 -24.54 -30.69
N ALA I 12 -25.68 3.16 -77.33
CA ALA I 12 -25.03 2.10 -76.56
C ALA I 12 -25.49 2.14 -75.10
N LYS I 13 -26.53 1.37 -74.80
CA LYS I 13 -27.03 1.31 -73.43
C LYS I 13 -26.00 0.67 -72.52
N ALA I 14 -25.87 1.21 -71.31
CA ALA I 14 -24.86 0.78 -70.36
C ALA I 14 -25.51 -0.06 -69.27
N LYS I 15 -25.27 -1.37 -69.30
CA LYS I 15 -25.66 -2.25 -68.22
C LYS I 15 -24.51 -2.40 -67.25
N THR I 16 -24.84 -2.56 -65.97
CA THR I 16 -23.81 -2.77 -64.97
C THR I 16 -23.13 -4.12 -65.18
N ARG I 17 -21.83 -4.16 -64.86
CA ARG I 17 -21.11 -5.41 -65.00
C ARG I 17 -21.66 -6.48 -64.07
N SER I 18 -22.25 -6.08 -62.95
CA SER I 18 -22.87 -7.05 -62.05
C SER I 18 -24.05 -7.72 -62.72
N SER I 19 -24.76 -6.99 -63.59
CA SER I 19 -25.88 -7.59 -64.30
C SER I 19 -25.41 -8.75 -65.17
N ARG I 20 -24.40 -8.51 -66.01
CA ARG I 20 -23.85 -9.58 -66.83
C ARG I 20 -23.24 -10.68 -65.96
N ALA I 21 -22.71 -10.31 -64.80
CA ALA I 21 -22.22 -11.30 -63.85
C ALA I 21 -23.35 -11.92 -63.03
N GLY I 22 -24.53 -11.31 -63.05
CA GLY I 22 -25.65 -11.85 -62.29
C GLY I 22 -25.46 -11.77 -60.79
N LEU I 23 -24.83 -10.70 -60.32
CA LEU I 23 -24.60 -10.50 -58.89
C LEU I 23 -25.26 -9.22 -58.43
N GLN I 24 -25.40 -9.08 -57.11
CA GLN I 24 -26.03 -7.90 -56.53
C GLN I 24 -25.04 -6.91 -55.96
N PHE I 25 -23.86 -7.36 -55.54
CA PHE I 25 -22.92 -6.42 -54.97
C PHE I 25 -22.22 -5.63 -56.09
N PRO I 26 -21.97 -4.35 -55.89
CA PRO I 26 -21.46 -3.53 -56.99
C PRO I 26 -20.02 -3.87 -57.36
N VAL I 27 -19.85 -4.57 -58.48
CA VAL I 27 -18.51 -4.95 -58.90
C VAL I 27 -17.72 -3.74 -59.36
N GLY I 28 -18.40 -2.70 -59.85
CA GLY I 28 -17.71 -1.47 -60.18
C GLY I 28 -17.09 -0.81 -58.96
N ARG I 29 -17.88 -0.69 -57.89
CA ARG I 29 -17.35 -0.20 -56.62
C ARG I 29 -16.22 -1.10 -56.13
N VAL I 30 -16.36 -2.41 -56.34
CA VAL I 30 -15.33 -3.35 -55.93
C VAL I 30 -14.02 -3.05 -56.65
N HIS I 31 -14.07 -2.93 -57.97
CA HIS I 31 -12.87 -2.67 -58.73
C HIS I 31 -12.29 -1.30 -58.39
N ARG I 32 -13.14 -0.33 -58.09
CA ARG I 32 -12.63 0.99 -57.71
C ARG I 32 -11.88 0.90 -56.38
N LEU I 33 -12.45 0.21 -55.40
CA LEU I 33 -11.78 0.03 -54.12
C LEU I 33 -10.48 -0.75 -54.30
N LEU I 34 -10.47 -1.71 -55.22
CA LEU I 34 -9.23 -2.42 -55.51
C LEU I 34 -8.17 -1.47 -56.04
N ARG I 35 -8.50 -0.73 -57.11
CA ARG I 35 -7.53 0.17 -57.71
C ARG I 35 -7.04 1.22 -56.72
N LYS I 36 -7.89 1.63 -55.79
CA LYS I 36 -7.50 2.63 -54.80
C LYS I 36 -6.92 2.02 -53.54
N GLY I 37 -6.89 0.70 -53.43
CA GLY I 37 -6.33 0.05 -52.26
C GLY I 37 -4.86 -0.26 -52.34
N ASN I 38 -4.24 -0.04 -53.50
CA ASN I 38 -2.80 -0.21 -53.68
C ASN I 38 -2.37 -1.64 -53.36
N TYR I 39 -3.11 -2.61 -53.89
CA TYR I 39 -2.74 -4.01 -53.74
C TYR I 39 -2.00 -4.57 -54.95
N ALA I 40 -2.22 -4.01 -56.13
CA ALA I 40 -1.50 -4.43 -57.33
C ALA I 40 -1.44 -3.24 -58.28
N GLU I 41 -0.52 -3.34 -59.24
CA GLU I 41 -0.41 -2.30 -60.26
C GLU I 41 -1.64 -2.28 -61.14
N ARG I 42 -2.23 -3.44 -61.41
CA ARG I 42 -3.46 -3.51 -62.16
C ARG I 42 -4.24 -4.74 -61.72
N VAL I 43 -5.54 -4.56 -61.54
CA VAL I 43 -6.43 -5.62 -61.07
C VAL I 43 -6.93 -6.39 -62.27
N GLY I 44 -6.91 -7.73 -62.16
CA GLY I 44 -7.44 -8.56 -63.23
C GLY I 44 -8.91 -8.26 -63.49
N ALA I 45 -9.36 -8.66 -64.68
CA ALA I 45 -10.73 -8.39 -65.08
C ALA I 45 -11.71 -9.18 -64.23
N GLY I 46 -11.52 -10.49 -64.14
CA GLY I 46 -12.44 -11.33 -63.40
C GLY I 46 -12.24 -11.37 -61.91
N ALA I 47 -11.14 -10.79 -61.41
CA ALA I 47 -10.89 -10.81 -59.97
C ALA I 47 -11.97 -10.10 -59.17
N PRO I 48 -12.41 -8.88 -59.52
CA PRO I 48 -13.48 -8.26 -58.74
C PRO I 48 -14.77 -9.05 -58.78
N VAL I 49 -15.11 -9.61 -59.95
CA VAL I 49 -16.29 -10.44 -60.06
C VAL I 49 -16.20 -11.62 -59.10
N TYR I 50 -15.04 -12.29 -59.10
CA TYR I 50 -14.87 -13.46 -58.25
C TYR I 50 -15.01 -13.10 -56.78
N LEU I 51 -14.31 -12.05 -56.35
CA LEU I 51 -14.35 -11.70 -54.93
C LEU I 51 -15.74 -11.23 -54.54
N ALA I 52 -16.44 -10.53 -55.44
CA ALA I 52 -17.79 -10.09 -55.14
C ALA I 52 -18.72 -11.29 -54.99
N ALA I 53 -18.54 -12.31 -55.82
CA ALA I 53 -19.33 -13.52 -55.67
C ALA I 53 -19.06 -14.19 -54.33
N VAL I 54 -17.78 -14.29 -53.96
CA VAL I 54 -17.43 -14.87 -52.65
C VAL I 54 -18.10 -14.09 -51.54
N LEU I 55 -18.04 -12.76 -51.61
CA LEU I 55 -18.64 -11.94 -50.57
C LEU I 55 -20.14 -12.13 -50.51
N GLU I 56 -20.78 -12.22 -51.68
CA GLU I 56 -22.23 -12.44 -51.72
C GLU I 56 -22.58 -13.78 -51.08
N TYR I 57 -21.81 -14.82 -51.36
CA TYR I 57 -22.09 -16.13 -50.77
C TYR I 57 -21.92 -16.11 -49.26
N LEU I 58 -20.86 -15.46 -48.79
CA LEU I 58 -20.66 -15.32 -47.35
C LEU I 58 -21.84 -14.61 -46.70
N THR I 59 -22.22 -13.47 -47.26
CA THR I 59 -23.36 -12.73 -46.73
C THR I 59 -24.62 -13.57 -46.76
N ALA I 60 -24.81 -14.35 -47.82
CA ALA I 60 -25.98 -15.21 -47.91
C ALA I 60 -26.02 -16.18 -46.75
N GLU I 61 -24.93 -16.90 -46.53
CA GLU I 61 -24.88 -17.86 -45.42
C GLU I 61 -25.16 -17.18 -44.10
N ILE I 62 -24.50 -16.03 -43.86
CA ILE I 62 -24.61 -15.38 -42.56
C ILE I 62 -26.02 -14.90 -42.31
N LEU I 63 -26.58 -14.14 -43.25
CA LEU I 63 -27.93 -13.62 -43.05
C LEU I 63 -28.96 -14.73 -43.04
N GLU I 64 -28.70 -15.84 -43.72
CA GLU I 64 -29.62 -16.97 -43.65
C GLU I 64 -29.67 -17.51 -42.22
N LEU I 65 -28.50 -17.80 -41.65
CA LEU I 65 -28.48 -18.27 -40.27
C LEU I 65 -29.09 -17.25 -39.32
N ALA I 66 -28.86 -15.96 -39.60
CA ALA I 66 -29.37 -14.90 -38.75
C ALA I 66 -30.90 -14.88 -38.78
N GLY I 67 -31.49 -14.89 -39.97
CA GLY I 67 -32.93 -14.92 -40.08
C GLY I 67 -33.54 -16.18 -39.50
N ASN I 68 -32.86 -17.31 -39.64
CA ASN I 68 -33.31 -18.53 -39.00
C ASN I 68 -33.42 -18.34 -37.50
N ALA I 69 -32.33 -17.86 -36.88
CA ALA I 69 -32.34 -17.64 -35.44
C ALA I 69 -33.41 -16.63 -35.04
N ALA I 70 -33.60 -15.59 -35.85
CA ALA I 70 -34.56 -14.54 -35.51
C ALA I 70 -35.99 -15.08 -35.54
N ARG I 71 -36.32 -15.85 -36.58
CA ARG I 71 -37.64 -16.47 -36.62
C ARG I 71 -37.81 -17.45 -35.47
N ASP I 72 -36.75 -18.17 -35.12
CA ASP I 72 -36.81 -19.05 -33.96
C ASP I 72 -37.06 -18.28 -32.67
N ASN I 73 -36.60 -17.04 -32.59
CA ASN I 73 -36.84 -16.19 -31.43
C ASN I 73 -38.10 -15.34 -31.61
N LYS I 74 -38.94 -15.68 -32.58
CA LYS I 74 -40.17 -14.96 -32.86
C LYS I 74 -39.89 -13.48 -33.11
N LYS I 75 -39.00 -13.24 -34.07
CA LYS I 75 -38.60 -11.88 -34.41
C LYS I 75 -38.39 -11.77 -35.90
N THR I 76 -38.83 -10.64 -36.46
CA THR I 76 -38.57 -10.33 -37.86
C THR I 76 -37.36 -9.43 -38.01
N ARG I 77 -37.28 -8.39 -37.17
CA ARG I 77 -36.12 -7.51 -37.19
C ARG I 77 -34.89 -8.25 -36.66
N ILE I 78 -33.81 -8.20 -37.41
CA ILE I 78 -32.57 -8.86 -37.02
C ILE I 78 -31.74 -7.89 -36.19
N ILE I 79 -31.43 -8.29 -34.97
CA ILE I 79 -30.63 -7.49 -34.05
C ILE I 79 -29.26 -8.15 -33.95
N PRO I 80 -28.24 -7.45 -33.44
CA PRO I 80 -26.90 -8.05 -33.35
C PRO I 80 -26.87 -9.39 -32.62
N ARG I 81 -27.76 -9.60 -31.66
CA ARG I 81 -27.78 -10.84 -30.90
C ARG I 81 -27.96 -12.04 -31.83
N HIS I 82 -28.86 -11.91 -32.82
CA HIS I 82 -29.06 -12.99 -33.76
C HIS I 82 -27.78 -13.30 -34.51
N LEU I 83 -27.05 -12.26 -34.90
CA LEU I 83 -25.80 -12.46 -35.62
C LEU I 83 -24.78 -13.18 -34.74
N GLN I 84 -24.66 -12.75 -33.49
CA GLN I 84 -23.74 -13.40 -32.56
C GLN I 84 -24.08 -14.87 -32.40
N LEU I 85 -25.37 -15.17 -32.18
CA LEU I 85 -25.77 -16.55 -31.95
C LEU I 85 -25.53 -17.40 -33.20
N ALA I 86 -25.83 -16.85 -34.37
CA ALA I 86 -25.59 -17.58 -35.61
C ALA I 86 -24.11 -17.87 -35.79
N VAL I 87 -23.26 -16.87 -35.52
CA VAL I 87 -21.82 -17.05 -35.68
C VAL I 87 -21.33 -18.14 -34.74
N ARG I 88 -21.69 -18.04 -33.45
CA ARG I 88 -21.22 -19.02 -32.49
C ARG I 88 -21.92 -20.37 -32.63
N ASN I 89 -22.95 -20.45 -33.45
CA ASN I 89 -23.66 -21.72 -33.65
C ASN I 89 -23.08 -22.54 -34.80
N ASP I 90 -22.32 -21.93 -35.70
CA ASP I 90 -21.70 -22.64 -36.80
C ASP I 90 -20.19 -22.71 -36.58
N GLU I 91 -19.62 -23.88 -36.82
CA GLU I 91 -18.21 -24.13 -36.55
C GLU I 91 -17.32 -23.29 -37.45
N GLU I 92 -17.46 -23.47 -38.76
CA GLU I 92 -16.53 -22.82 -39.69
C GLU I 92 -16.65 -21.31 -39.64
N LEU I 93 -17.88 -20.79 -39.54
CA LEU I 93 -18.05 -19.35 -39.37
C LEU I 93 -17.35 -18.86 -38.10
N ASN I 94 -17.51 -19.60 -37.01
CA ASN I 94 -16.87 -19.21 -35.75
C ASN I 94 -15.36 -19.17 -35.91
N LYS I 95 -14.79 -20.23 -36.47
CA LYS I 95 -13.34 -20.28 -36.69
C LYS I 95 -12.89 -19.12 -37.57
N LEU I 96 -13.72 -18.74 -38.54
CA LEU I 96 -13.39 -17.60 -39.38
C LEU I 96 -13.42 -16.30 -38.59
N LEU I 97 -14.32 -16.20 -37.61
CA LEU I 97 -14.52 -14.97 -36.87
C LEU I 97 -14.24 -15.13 -35.38
N GLY I 98 -13.45 -16.14 -35.00
CA GLY I 98 -13.12 -16.31 -33.60
C GLY I 98 -12.34 -15.14 -33.03
N ARG I 99 -11.41 -14.59 -33.82
CA ARG I 99 -10.63 -13.44 -33.42
C ARG I 99 -11.37 -12.13 -33.61
N VAL I 100 -12.68 -12.17 -33.81
CA VAL I 100 -13.48 -10.99 -34.08
C VAL I 100 -14.49 -10.81 -32.96
N THR I 101 -14.47 -9.63 -32.35
CA THR I 101 -15.50 -9.25 -31.41
C THR I 101 -16.69 -8.68 -32.17
N ILE I 102 -17.89 -8.91 -31.63
CA ILE I 102 -19.12 -8.47 -32.25
C ILE I 102 -19.86 -7.56 -31.29
N ALA I 103 -20.33 -6.43 -31.78
CA ALA I 103 -21.04 -5.47 -30.94
C ALA I 103 -22.44 -5.97 -30.63
N GLN I 104 -22.90 -5.69 -29.41
CA GLN I 104 -24.23 -6.07 -28.93
C GLN I 104 -24.51 -7.54 -29.18
N GLY I 105 -23.49 -8.38 -29.02
CA GLY I 105 -23.65 -9.79 -29.30
C GLY I 105 -23.82 -10.62 -28.05
N GLY I 106 -23.17 -10.22 -26.98
CA GLY I 106 -23.20 -11.04 -25.80
C GLY I 106 -22.49 -12.36 -26.04
N VAL I 107 -22.96 -13.39 -25.35
CA VAL I 107 -22.37 -14.72 -25.43
C VAL I 107 -23.48 -15.72 -25.71
N LEU I 108 -23.18 -16.72 -26.53
CA LEU I 108 -24.09 -17.83 -26.71
C LEU I 108 -24.34 -18.51 -25.37
N PRO I 109 -25.58 -18.88 -25.06
CA PRO I 109 -25.86 -19.53 -23.77
C PRO I 109 -25.06 -20.80 -23.59
N ASN I 110 -24.14 -20.78 -22.62
CA ASN I 110 -23.27 -21.91 -22.36
C ASN I 110 -22.97 -21.98 -20.88
N ILE I 111 -23.31 -23.11 -20.26
CA ILE I 111 -23.07 -23.34 -18.85
C ILE I 111 -22.28 -24.63 -18.72
N GLN I 112 -21.25 -24.61 -17.86
CA GLN I 112 -20.42 -25.80 -17.69
C GLN I 112 -21.18 -26.88 -16.91
N SER I 113 -20.62 -28.08 -16.95
CA SER I 113 -21.29 -29.24 -16.36
C SER I 113 -21.33 -29.13 -14.84
N VAL I 114 -20.16 -28.93 -14.22
CA VAL I 114 -20.06 -28.97 -12.76
C VAL I 114 -20.93 -27.90 -12.12
N LEU I 115 -21.21 -26.81 -12.85
CA LEU I 115 -22.00 -25.72 -12.28
C LEU I 115 -23.45 -26.12 -12.00
N LEU I 116 -23.91 -27.21 -12.57
CA LEU I 116 -25.29 -27.62 -12.36
C LEU I 116 -25.47 -28.19 -10.95
N PRO I 117 -26.56 -27.84 -10.26
CA PRO I 117 -26.75 -28.34 -8.90
C PRO I 117 -27.06 -29.83 -8.86
N LYS I 118 -27.29 -30.36 -7.66
CA LYS I 118 -27.59 -31.78 -7.50
C LYS I 118 -28.56 -32.01 -6.34
N THR J 30 -21.93 14.70 -47.47
CA THR J 30 -20.86 13.78 -47.81
C THR J 30 -21.41 12.44 -48.28
N ARG J 31 -21.23 12.13 -49.56
CA ARG J 31 -21.69 10.87 -50.12
C ARG J 31 -20.81 9.75 -49.59
N LYS J 32 -21.30 9.05 -48.57
CA LYS J 32 -20.57 7.94 -47.97
C LYS J 32 -21.06 6.63 -48.56
N GLU J 33 -20.12 5.79 -48.99
CA GLU J 33 -20.45 4.55 -49.65
C GLU J 33 -20.56 3.41 -48.63
N SER J 34 -21.46 2.48 -48.92
CA SER J 34 -21.73 1.36 -48.03
C SER J 34 -22.17 0.17 -48.88
N TYR J 35 -22.75 -0.82 -48.22
CA TYR J 35 -23.35 -1.95 -48.91
C TYR J 35 -24.78 -2.22 -48.47
N ALA J 36 -25.36 -1.34 -47.65
CA ALA J 36 -26.63 -1.63 -46.97
C ALA J 36 -27.71 -2.07 -47.94
N ILE J 37 -27.83 -1.36 -49.06
CA ILE J 37 -28.87 -1.69 -50.03
C ILE J 37 -28.67 -3.11 -50.55
N TYR J 38 -27.43 -3.49 -50.80
CA TYR J 38 -27.16 -4.84 -51.29
C TYR J 38 -27.39 -5.88 -50.21
N VAL J 39 -27.11 -5.54 -48.95
CA VAL J 39 -27.44 -6.43 -47.86
C VAL J 39 -28.93 -6.68 -47.81
N TYR J 40 -29.72 -5.61 -47.94
CA TYR J 40 -31.17 -5.76 -47.96
C TYR J 40 -31.62 -6.58 -49.16
N LYS J 41 -30.94 -6.39 -50.30
CA LYS J 41 -31.27 -7.16 -51.50
C LYS J 41 -31.06 -8.65 -51.28
N VAL J 42 -29.87 -9.02 -50.82
CA VAL J 42 -29.59 -10.45 -50.61
C VAL J 42 -30.45 -10.99 -49.50
N LEU J 43 -30.83 -10.15 -48.53
CA LEU J 43 -31.77 -10.56 -47.50
C LEU J 43 -33.09 -10.98 -48.12
N LYS J 44 -33.70 -10.09 -48.91
CA LYS J 44 -34.93 -10.42 -49.60
C LYS J 44 -34.73 -11.66 -50.48
N GLN J 45 -33.52 -11.84 -50.99
CA GLN J 45 -33.23 -13.02 -51.79
C GLN J 45 -33.25 -14.29 -50.95
N VAL J 46 -32.93 -14.19 -49.66
CA VAL J 46 -32.85 -15.35 -48.77
C VAL J 46 -33.95 -15.35 -47.73
N HIS J 47 -34.34 -14.18 -47.23
CA HIS J 47 -35.36 -14.07 -46.20
C HIS J 47 -36.27 -12.89 -46.55
N PRO J 48 -37.39 -13.15 -47.22
CA PRO J 48 -38.21 -12.03 -47.72
C PRO J 48 -38.95 -11.29 -46.63
N ASP J 49 -39.42 -11.99 -45.60
CA ASP J 49 -40.32 -11.42 -44.61
C ASP J 49 -39.62 -11.18 -43.28
N THR J 50 -38.36 -10.76 -43.32
CA THR J 50 -37.59 -10.49 -42.12
C THR J 50 -37.02 -9.09 -42.17
N GLY J 51 -37.01 -8.41 -41.02
CA GLY J 51 -36.43 -7.10 -40.89
C GLY J 51 -35.03 -7.14 -40.30
N ILE J 52 -34.49 -5.94 -40.07
CA ILE J 52 -33.14 -5.79 -39.55
C ILE J 52 -33.06 -4.52 -38.72
N SER J 53 -31.92 -4.35 -38.05
CA SER J 53 -31.58 -3.11 -37.36
C SER J 53 -30.42 -2.46 -38.07
N SER J 54 -30.49 -1.13 -38.22
CA SER J 54 -29.39 -0.39 -38.84
C SER J 54 -28.08 -0.65 -38.11
N LYS J 55 -28.14 -0.92 -36.81
CA LYS J 55 -26.95 -1.29 -36.08
C LYS J 55 -26.36 -2.59 -36.61
N ALA J 56 -27.17 -3.64 -36.63
CA ALA J 56 -26.72 -4.89 -37.22
C ALA J 56 -26.37 -4.73 -38.69
N MET J 57 -27.06 -3.82 -39.37
CA MET J 57 -26.72 -3.52 -40.76
C MET J 57 -25.28 -3.03 -40.87
N SER J 58 -24.92 -2.04 -40.05
CA SER J 58 -23.55 -1.54 -40.04
C SER J 58 -22.57 -2.62 -39.59
N ILE J 59 -23.01 -3.51 -38.70
CA ILE J 59 -22.16 -4.62 -38.31
C ILE J 59 -21.82 -5.48 -39.53
N MET J 60 -22.83 -5.85 -40.29
CA MET J 60 -22.61 -6.64 -41.50
C MET J 60 -21.74 -5.88 -42.48
N ASN J 61 -21.95 -4.57 -42.60
CA ASN J 61 -21.13 -3.75 -43.48
C ASN J 61 -19.67 -3.81 -43.08
N SER J 62 -19.40 -3.61 -41.80
CA SER J 62 -18.02 -3.64 -41.31
C SER J 62 -17.41 -5.02 -41.50
N PHE J 63 -18.21 -6.07 -41.32
CA PHE J 63 -17.73 -7.42 -41.59
C PHE J 63 -17.33 -7.57 -43.05
N VAL J 64 -18.17 -7.08 -43.95
CA VAL J 64 -17.87 -7.10 -45.38
C VAL J 64 -16.54 -6.42 -45.64
N ASN J 65 -16.39 -5.22 -45.11
CA ASN J 65 -15.16 -4.46 -45.31
C ASN J 65 -13.96 -5.22 -44.78
N ASP J 66 -14.12 -5.88 -43.64
CA ASP J 66 -13.02 -6.58 -43.01
C ASP J 66 -12.58 -7.77 -43.83
N VAL J 67 -13.52 -8.63 -44.22
CA VAL J 67 -13.16 -9.80 -45.02
C VAL J 67 -12.62 -9.35 -46.37
N PHE J 68 -13.14 -8.23 -46.88
CA PHE J 68 -12.65 -7.72 -48.16
C PHE J 68 -11.19 -7.29 -48.06
N GLU J 69 -10.87 -6.48 -47.07
CA GLU J 69 -9.48 -6.06 -46.91
C GLU J 69 -8.58 -7.25 -46.62
N ARG J 70 -9.10 -8.25 -45.90
CA ARG J 70 -8.34 -9.48 -45.70
C ARG J 70 -7.95 -10.08 -47.04
N ILE J 71 -8.97 -10.47 -47.82
CA ILE J 71 -8.73 -11.10 -49.12
C ILE J 71 -7.79 -10.27 -49.96
N ALA J 72 -7.99 -8.95 -49.96
CA ALA J 72 -7.14 -8.07 -50.76
C ALA J 72 -5.69 -8.18 -50.32
N GLY J 73 -5.45 -8.06 -49.01
CA GLY J 73 -4.09 -8.14 -48.51
C GLY J 73 -3.42 -9.45 -48.84
N GLU J 74 -4.14 -10.56 -48.65
CA GLU J 74 -3.52 -11.86 -48.89
C GLU J 74 -3.28 -12.10 -50.37
N ALA J 75 -4.19 -11.65 -51.23
CA ALA J 75 -3.95 -11.76 -52.65
C ALA J 75 -2.75 -10.94 -53.08
N SER J 76 -2.64 -9.71 -52.56
CA SER J 76 -1.51 -8.86 -52.91
C SER J 76 -0.20 -9.47 -52.45
N ARG J 77 -0.17 -10.00 -51.22
CA ARG J 77 1.04 -10.64 -50.72
C ARG J 77 1.38 -11.88 -51.51
N LEU J 78 0.37 -12.64 -51.93
CA LEU J 78 0.60 -13.80 -52.77
C LEU J 78 1.25 -13.40 -54.09
N ALA J 79 0.66 -12.43 -54.78
CA ALA J 79 1.23 -11.95 -56.02
C ALA J 79 2.64 -11.43 -55.81
N HIS J 80 2.89 -10.79 -54.68
CA HIS J 80 4.23 -10.34 -54.35
C HIS J 80 5.19 -11.51 -54.23
N TYR J 81 4.74 -12.58 -53.58
CA TYR J 81 5.57 -13.78 -53.45
C TYR J 81 5.85 -14.38 -54.81
N ASN J 82 4.85 -14.42 -55.69
CA ASN J 82 5.07 -14.81 -57.07
C ASN J 82 5.63 -13.69 -57.91
N LYS J 83 5.95 -12.54 -57.31
CA LYS J 83 6.48 -11.38 -58.00
C LYS J 83 5.57 -10.92 -59.14
N ARG J 84 4.27 -11.18 -59.01
CA ARG J 84 3.32 -10.73 -60.00
C ARG J 84 2.80 -9.34 -59.65
N SER J 85 2.17 -8.69 -60.62
CA SER J 85 1.62 -7.36 -60.42
C SER J 85 0.16 -7.25 -60.83
N THR J 86 -0.46 -8.34 -61.25
CA THR J 86 -1.85 -8.34 -61.70
C THR J 86 -2.64 -9.32 -60.83
N ILE J 87 -3.45 -8.79 -59.92
CA ILE J 87 -4.30 -9.63 -59.10
C ILE J 87 -5.48 -10.07 -59.96
N THR J 88 -5.52 -11.36 -60.30
CA THR J 88 -6.54 -11.91 -61.17
C THR J 88 -7.38 -12.93 -60.40
N SER J 89 -8.29 -13.58 -61.13
CA SER J 89 -9.27 -14.46 -60.50
C SER J 89 -8.60 -15.63 -59.78
N ARG J 90 -7.52 -16.17 -60.36
CA ARG J 90 -6.82 -17.28 -59.72
C ARG J 90 -6.29 -16.88 -58.36
N GLU J 91 -5.72 -15.68 -58.26
CA GLU J 91 -5.25 -15.18 -56.98
C GLU J 91 -6.39 -15.05 -55.99
N ILE J 92 -7.55 -14.57 -56.45
CA ILE J 92 -8.72 -14.43 -55.59
C ILE J 92 -9.11 -15.79 -55.04
N GLN J 93 -9.22 -16.78 -55.92
CA GLN J 93 -9.64 -18.12 -55.51
C GLN J 93 -8.66 -18.71 -54.50
N THR J 94 -7.36 -18.55 -54.77
CA THR J 94 -6.37 -19.08 -53.84
C THR J 94 -6.43 -18.37 -52.50
N ALA J 95 -6.69 -17.06 -52.51
CA ALA J 95 -6.84 -16.33 -51.26
C ALA J 95 -8.03 -16.83 -50.46
N VAL J 96 -9.15 -17.10 -51.15
CA VAL J 96 -10.30 -17.66 -50.46
C VAL J 96 -9.96 -19.01 -49.87
N ARG J 97 -9.27 -19.85 -50.64
CA ARG J 97 -8.84 -21.14 -50.12
C ARG J 97 -7.98 -20.98 -48.88
N LEU J 98 -7.15 -19.93 -48.84
CA LEU J 98 -6.37 -19.64 -47.65
C LEU J 98 -7.27 -19.26 -46.48
N LEU J 99 -8.20 -18.34 -46.70
CA LEU J 99 -8.97 -17.79 -45.59
C LEU J 99 -10.09 -18.70 -45.15
N LEU J 100 -10.82 -19.29 -46.10
CA LEU J 100 -11.98 -19.90 -45.46
C LEU J 100 -11.74 -21.37 -45.17
N PRO J 101 -12.29 -21.87 -44.07
CA PRO J 101 -12.12 -23.29 -43.74
C PRO J 101 -13.06 -24.17 -44.56
N GLY J 102 -12.50 -25.25 -45.10
CA GLY J 102 -13.26 -26.33 -45.70
C GLY J 102 -14.40 -25.98 -46.64
N GLU J 103 -15.59 -26.50 -46.32
CA GLU J 103 -16.71 -26.42 -47.24
C GLU J 103 -17.15 -24.97 -47.46
N LEU J 104 -16.89 -24.09 -46.49
CA LEU J 104 -17.09 -22.66 -46.72
C LEU J 104 -16.30 -22.22 -47.94
N ALA J 105 -14.99 -22.46 -47.93
CA ALA J 105 -14.15 -22.11 -49.06
C ALA J 105 -14.58 -22.84 -50.32
N LYS J 106 -15.01 -24.09 -50.19
CA LYS J 106 -15.42 -24.85 -51.37
C LYS J 106 -16.61 -24.19 -52.06
N HIS J 107 -17.66 -23.91 -51.30
CA HIS J 107 -18.83 -23.26 -51.87
C HIS J 107 -18.50 -21.87 -52.37
N ALA J 108 -17.62 -21.15 -51.67
CA ALA J 108 -17.22 -19.83 -52.12
C ALA J 108 -16.52 -19.90 -53.46
N VAL J 109 -15.62 -20.86 -53.61
CA VAL J 109 -14.89 -21.03 -54.87
C VAL J 109 -15.86 -21.39 -56.00
N SER J 110 -16.81 -22.29 -55.71
CA SER J 110 -17.78 -22.67 -56.72
C SER J 110 -18.60 -21.46 -57.17
N GLU J 111 -19.06 -20.66 -56.20
CA GLU J 111 -19.87 -19.49 -56.54
C GLU J 111 -19.07 -18.48 -57.35
N GLY J 112 -17.81 -18.24 -56.94
CA GLY J 112 -16.98 -17.31 -57.69
C GLY J 112 -16.73 -17.78 -59.10
N THR J 113 -16.43 -19.07 -59.26
CA THR J 113 -16.21 -19.61 -60.59
C THR J 113 -17.48 -19.51 -61.44
N LYS J 114 -18.63 -19.78 -60.85
CA LYS J 114 -19.88 -19.69 -61.59
C LYS J 114 -20.16 -18.26 -62.03
N ALA J 115 -19.95 -17.29 -61.13
CA ALA J 115 -20.18 -15.89 -61.50
C ALA J 115 -19.20 -15.44 -62.57
N VAL J 116 -17.95 -15.87 -62.47
CA VAL J 116 -16.96 -15.53 -63.48
C VAL J 116 -17.36 -16.10 -64.82
N THR J 117 -17.81 -17.36 -64.83
CA THR J 117 -18.24 -18.00 -66.06
C THR J 117 -19.42 -17.25 -66.67
N LYS J 118 -20.37 -16.85 -65.83
CA LYS J 118 -21.54 -16.13 -66.32
C LYS J 118 -21.13 -14.79 -66.92
N TYR J 119 -20.29 -14.04 -66.21
CA TYR J 119 -19.87 -12.73 -66.71
C TYR J 119 -19.09 -12.87 -68.00
N THR J 120 -18.25 -13.89 -68.11
CA THR J 120 -17.44 -14.09 -69.30
C THR J 120 -18.24 -14.67 -70.45
N SER J 121 -19.39 -15.27 -70.17
CA SER J 121 -20.23 -15.82 -71.23
C SER J 121 -20.77 -14.73 -72.15
N ALA J 122 -20.77 -13.48 -71.69
CA ALA J 122 -21.21 -12.37 -72.53
C ALA J 122 -20.13 -11.29 -72.56
N LYS M 21 4.31 -46.28 -54.36
CA LYS M 21 4.79 -45.91 -53.04
C LYS M 21 3.77 -45.05 -52.31
N VAL M 22 2.92 -45.69 -51.50
CA VAL M 22 1.90 -45.00 -50.73
C VAL M 22 2.24 -45.11 -49.26
N LEU M 23 2.21 -43.98 -48.56
CA LEU M 23 2.67 -43.88 -47.18
C LEU M 23 1.48 -43.94 -46.22
N ARG M 24 1.70 -44.47 -45.03
CA ARG M 24 0.59 -44.66 -44.12
C ARG M 24 1.08 -44.80 -42.69
N ASP M 25 0.34 -44.20 -41.76
CA ASP M 25 0.48 -44.37 -40.31
C ASP M 25 1.87 -44.02 -39.79
N ASN M 26 2.59 -43.16 -40.48
CA ASN M 26 3.90 -42.78 -39.94
C ASN M 26 3.80 -41.88 -38.74
N ILE M 27 2.60 -41.56 -38.26
CA ILE M 27 2.47 -40.77 -37.04
C ILE M 27 3.05 -41.52 -35.86
N GLN M 28 2.99 -42.86 -35.88
CA GLN M 28 3.63 -43.65 -34.84
C GLN M 28 5.14 -43.59 -34.93
N GLY M 29 5.70 -43.08 -36.03
CA GLY M 29 7.13 -42.81 -36.07
C GLY M 29 7.57 -41.84 -35.00
N ILE M 30 6.66 -41.02 -34.49
CA ILE M 30 6.94 -40.17 -33.35
C ILE M 30 7.06 -41.07 -32.12
N THR M 31 8.28 -41.30 -31.67
CA THR M 31 8.53 -42.23 -30.59
C THR M 31 8.19 -41.59 -29.24
N LYS M 32 7.65 -42.38 -28.33
CA LYS M 32 7.45 -41.93 -26.96
C LYS M 32 8.70 -41.30 -26.34
N PRO M 33 9.91 -41.85 -26.52
CA PRO M 33 11.09 -41.11 -26.05
C PRO M 33 11.21 -39.73 -26.68
N ALA M 34 10.82 -39.58 -27.94
CA ALA M 34 10.87 -38.25 -28.55
C ALA M 34 9.88 -37.31 -27.90
N ILE M 35 8.67 -37.79 -27.63
CA ILE M 35 7.66 -36.97 -26.98
C ILE M 35 8.14 -36.55 -25.60
N ARG M 36 8.69 -37.49 -24.84
CA ARG M 36 9.17 -37.14 -23.51
C ARG M 36 10.39 -36.24 -23.57
N ARG M 37 11.20 -36.35 -24.62
CA ARG M 37 12.30 -35.42 -24.80
C ARG M 37 11.79 -34.01 -25.03
N LEU M 38 10.78 -33.87 -25.89
CA LEU M 38 10.14 -32.58 -26.09
C LEU M 38 9.59 -32.04 -24.78
N ALA M 39 8.99 -32.92 -23.97
CA ALA M 39 8.43 -32.49 -22.69
C ALA M 39 9.53 -31.99 -21.75
N ARG M 40 10.63 -32.74 -21.66
CA ARG M 40 11.75 -32.31 -20.85
C ARG M 40 12.26 -30.95 -21.31
N ARG M 41 12.36 -30.75 -22.63
CA ARG M 41 12.75 -29.45 -23.15
C ARG M 41 11.77 -28.38 -22.70
N GLY M 42 10.48 -28.71 -22.72
CA GLY M 42 9.46 -27.82 -22.18
C GLY M 42 9.47 -27.70 -20.68
N GLY M 43 10.26 -28.50 -19.99
CA GLY M 43 10.33 -28.41 -18.55
C GLY M 43 9.29 -29.23 -17.82
N VAL M 44 9.10 -30.48 -18.22
CA VAL M 44 8.11 -31.36 -17.60
C VAL M 44 8.84 -32.52 -16.95
N LYS M 45 8.49 -32.81 -15.70
CA LYS M 45 9.17 -33.85 -14.94
C LYS M 45 8.48 -35.22 -15.09
N ARG M 46 7.22 -35.30 -14.70
CA ARG M 46 6.47 -36.55 -14.77
C ARG M 46 5.31 -36.40 -15.73
N ILE M 47 5.06 -37.45 -16.51
CA ILE M 47 4.08 -37.43 -17.57
C ILE M 47 3.24 -38.70 -17.50
N SER M 48 1.99 -38.60 -17.93
CA SER M 48 1.16 -39.79 -18.11
C SER M 48 1.36 -40.36 -19.50
N GLY M 49 1.01 -41.63 -19.67
CA GLY M 49 1.12 -42.25 -20.98
C GLY M 49 0.11 -41.71 -21.96
N LEU M 50 -1.13 -41.49 -21.49
CA LEU M 50 -2.25 -41.09 -22.34
C LEU M 50 -1.95 -39.80 -23.08
N ILE M 51 -0.87 -39.12 -22.71
CA ILE M 51 -0.49 -37.89 -23.37
C ILE M 51 -0.05 -38.17 -24.80
N TYR M 52 0.77 -39.21 -24.98
CA TYR M 52 1.56 -39.38 -26.20
C TYR M 52 0.71 -39.26 -27.46
N GLU M 53 -0.24 -40.18 -27.61
CA GLU M 53 -1.08 -40.18 -28.81
C GLU M 53 -1.79 -38.83 -28.96
N GLU M 54 -2.31 -38.30 -27.86
CA GLU M 54 -2.93 -36.97 -27.88
C GLU M 54 -1.96 -35.97 -28.48
N THR M 55 -0.74 -35.93 -27.93
CA THR M 55 0.33 -35.15 -28.50
C THR M 55 0.37 -35.32 -30.01
N ARG M 56 0.55 -36.57 -30.46
CA ARG M 56 0.53 -36.90 -31.87
C ARG M 56 -0.62 -36.20 -32.57
N GLY M 57 -1.84 -36.45 -32.07
CA GLY M 57 -3.02 -35.81 -32.58
C GLY M 57 -2.80 -34.32 -32.73
N VAL M 58 -2.55 -33.64 -31.60
CA VAL M 58 -2.31 -32.20 -31.64
C VAL M 58 -1.27 -31.86 -32.69
N LEU M 59 -0.14 -32.59 -32.65
CA LEU M 59 0.89 -32.41 -33.67
C LEU M 59 0.28 -32.45 -35.06
N LYS M 60 -0.35 -33.59 -35.39
CA LYS M 60 -1.04 -33.72 -36.66
C LYS M 60 -1.94 -32.51 -36.89
N VAL M 61 -2.77 -32.17 -35.90
CA VAL M 61 -3.67 -31.02 -36.03
C VAL M 61 -2.89 -29.81 -36.52
N PHE M 62 -1.83 -29.45 -35.79
CA PHE M 62 -0.96 -28.37 -36.23
C PHE M 62 -0.56 -28.57 -37.67
N LEU M 63 0.11 -29.69 -37.95
CA LEU M 63 0.47 -30.05 -39.32
C LEU M 63 -0.73 -29.89 -40.24
N GLU M 64 -1.86 -30.51 -39.89
CA GLU M 64 -3.02 -30.56 -40.77
C GLU M 64 -3.35 -29.20 -41.35
N ASN M 65 -3.02 -28.14 -40.61
CA ASN M 65 -3.23 -26.81 -41.17
C ASN M 65 -2.09 -26.42 -42.09
N VAL M 66 -0.90 -26.24 -41.51
CA VAL M 66 0.13 -25.46 -42.18
C VAL M 66 0.51 -26.11 -43.51
N ILE M 67 0.85 -27.40 -43.45
CA ILE M 67 1.30 -28.11 -44.65
C ILE M 67 0.31 -27.91 -45.78
N ARG M 68 -0.99 -28.00 -45.46
CA ARG M 68 -2.01 -27.82 -46.48
C ARG M 68 -1.85 -26.47 -47.16
N ASP M 69 -1.93 -25.39 -46.36
CA ASP M 69 -1.72 -24.06 -46.90
C ASP M 69 -0.43 -24.00 -47.70
N ALA M 70 0.60 -24.69 -47.19
CA ALA M 70 1.87 -24.77 -47.91
C ALA M 70 1.65 -25.17 -49.35
N VAL M 71 1.08 -26.36 -49.57
CA VAL M 71 0.88 -26.82 -50.95
C VAL M 71 -0.02 -25.84 -51.67
N THR M 72 -0.98 -25.24 -50.95
CA THR M 72 -1.84 -24.23 -51.54
C THR M 72 -1.01 -23.14 -52.19
N TYR M 73 -0.05 -22.58 -51.44
CA TYR M 73 0.92 -21.67 -52.03
C TYR M 73 1.61 -22.31 -53.22
N THR M 74 2.18 -23.50 -52.99
CA THR M 74 2.76 -24.26 -54.09
C THR M 74 1.77 -24.45 -55.22
N GLU M 75 0.49 -24.67 -54.87
CA GLU M 75 -0.54 -24.78 -55.89
C GLU M 75 -0.61 -23.51 -56.73
N HIS M 76 -0.68 -22.36 -56.07
CA HIS M 76 -0.72 -21.11 -56.82
C HIS M 76 0.59 -20.86 -57.54
N ALA M 77 1.70 -21.36 -56.98
CA ALA M 77 2.98 -21.24 -57.65
C ALA M 77 3.08 -22.09 -58.90
N LYS M 78 2.06 -22.91 -59.18
CA LYS M 78 2.06 -23.83 -60.32
C LYS M 78 3.27 -24.74 -60.31
N ARG M 79 3.79 -25.06 -59.12
CA ARG M 79 4.99 -25.87 -58.97
C ARG M 79 4.63 -27.21 -58.35
N LYS M 80 5.59 -28.13 -58.40
CA LYS M 80 5.38 -29.48 -57.90
C LYS M 80 6.05 -29.73 -56.55
N THR M 81 7.07 -28.97 -56.20
CA THR M 81 7.74 -29.10 -54.92
C THR M 81 7.35 -27.95 -54.00
N VAL M 82 7.53 -28.18 -52.71
CA VAL M 82 7.21 -27.20 -51.68
C VAL M 82 8.46 -26.40 -51.35
N THR M 83 8.30 -25.10 -51.19
CA THR M 83 9.41 -24.20 -50.91
C THR M 83 9.36 -23.78 -49.45
N ALA M 84 10.55 -23.66 -48.84
CA ALA M 84 10.64 -23.15 -47.48
C ALA M 84 9.92 -21.80 -47.35
N MET M 85 10.09 -20.93 -48.36
CA MET M 85 9.38 -19.67 -48.36
C MET M 85 7.88 -19.87 -48.20
N ASP M 86 7.35 -20.93 -48.82
CA ASP M 86 5.91 -21.18 -48.75
C ASP M 86 5.47 -21.44 -47.31
N VAL M 87 6.21 -22.28 -46.59
CA VAL M 87 5.80 -22.55 -45.22
C VAL M 87 6.05 -21.36 -44.32
N VAL M 88 7.08 -20.55 -44.63
CA VAL M 88 7.24 -19.30 -43.90
C VAL M 88 6.00 -18.44 -44.07
N TYR M 89 5.52 -18.31 -45.30
CA TYR M 89 4.32 -17.52 -45.53
C TYR M 89 3.12 -18.13 -44.83
N ALA M 90 3.05 -19.46 -44.78
CA ALA M 90 1.95 -20.13 -44.10
C ALA M 90 1.94 -19.77 -42.62
N LEU M 91 3.08 -19.96 -41.96
CA LEU M 91 3.18 -19.62 -40.54
C LEU M 91 2.91 -18.14 -40.30
N LYS M 92 3.30 -17.30 -41.26
CA LYS M 92 2.98 -15.88 -41.18
C LYS M 92 1.48 -15.67 -41.18
N ARG M 93 0.79 -16.31 -42.12
CA ARG M 93 -0.66 -16.23 -42.17
C ARG M 93 -1.30 -16.85 -40.93
N GLN M 94 -0.64 -17.84 -40.34
CA GLN M 94 -1.12 -18.46 -39.12
C GLN M 94 -0.63 -17.76 -37.86
N GLY M 95 -0.03 -16.59 -37.99
CA GLY M 95 0.41 -15.84 -36.83
C GLY M 95 1.46 -16.53 -35.99
N ARG M 96 2.22 -17.43 -36.58
CA ARG M 96 3.28 -18.15 -35.89
C ARG M 96 4.55 -18.14 -36.73
N THR M 97 4.92 -16.95 -37.19
CA THR M 97 6.03 -16.81 -38.13
C THR M 97 7.32 -17.36 -37.55
N LEU M 98 8.25 -17.66 -38.45
CA LEU M 98 9.55 -18.22 -38.11
C LEU M 98 10.63 -17.46 -38.84
N TYR M 99 11.79 -17.36 -38.23
CA TYR M 99 12.93 -16.69 -38.82
C TYR M 99 13.99 -17.69 -39.27
N GLY M 100 14.87 -17.24 -40.16
CA GLY M 100 16.01 -18.02 -40.57
C GLY M 100 15.85 -18.80 -41.85
N PHE M 101 14.84 -18.52 -42.66
CA PHE M 101 14.68 -19.23 -43.91
C PHE M 101 14.22 -18.30 -45.03
N GLY M 102 14.60 -17.04 -44.96
CA GLY M 102 14.21 -16.08 -45.97
C GLY M 102 12.98 -15.28 -45.59
#